data_2WVY
#
_entry.id   2WVY
#
_cell.length_a   154.934
_cell.length_b   163.765
_cell.length_c   115.533
_cell.angle_alpha   90.00
_cell.angle_beta   90.00
_cell.angle_gamma   90.00
#
_symmetry.space_group_name_H-M   'P 21 21 2'
#
loop_
_entity.id
_entity.type
_entity.pdbx_description
1 polymer ALPHA-1,2-MANNOSIDASE
2 water water
#
_entity_poly.entity_id   1
_entity_poly.type   'polypeptide(L)'
_entity_poly.pdbx_seq_one_letter_code
;SKKTVEFVDYVNPLMGTESTFAFSHGNTYPAVAVPWGMNFWSPQTGENGSGWMYTYTDSLMRGFRQTHQPSPWINDYGTF
SIMPLAGELKMSHKERLVPFSHQQEKATPYNYSVTFNNGLQTSLSATSRGAVFEVSFPEKEDQYVVVDAYNGGSSITIEP
EKRLVKGATRYNNGGVPDNFANYFMMEFSHPVIEYGTYNGDTLLHHQTDVAADYTCAYLKFDVPAGEKLTIRTASSFISP
EQAAINFNREVADADVQLISGKAREQWNNYLGRVEAEGGTDEQLRTFYSCLYRTLLFPREFYEFDSQGNPVYYSPYDGNV
HDGYMYTDNGFWDTFRAVHPLFTLLYPEVSERVTQSIINAYNESGFMPEWASPGHRGCMIGNNSVSLLVDAWMKGIQTVD
AEKALEAMIHQTQARHAEIASVGRDGFEYYDKLGYVPYPEVPEATAKTLEYAYADWCIARFAESLGKQDIADQYYQKAPN
YRNLYYPEHGFMWTKDAKGNWRDRFDATEWGGPFTEGSSWHWTWSVFHDPEGLSELMGGHEPMIARLDSMFVAPNTYNYG
TYGFVIHEIAEMVALNMGQYAHGNQPVQHAIYLYDYIGQPWKTQYHLRNVMDKLYNSGSKGYCGDEDNGQTSAWYVFSAM
GFYPVCPGMPEYAIGSPLFKKVTLHLPEGKNFVVSAADNAADRPYIRKALLNGQEFTRNYLTHDELKQGGELNLSMDSVP
NQQRGTQPADFPYSYSK
;
_entity_poly.pdbx_strand_id   A,B,C
#
# COMPACT_ATOMS: atom_id res chain seq x y z
N SER A 1 -40.83 -29.63 12.31
CA SER A 1 -40.63 -30.39 13.59
C SER A 1 -39.81 -29.59 14.60
N LYS A 2 -40.46 -29.21 15.70
CA LYS A 2 -39.83 -28.45 16.79
C LYS A 2 -38.43 -28.96 17.21
N LYS A 3 -37.49 -28.02 17.36
CA LYS A 3 -36.14 -28.32 17.83
C LYS A 3 -35.79 -27.49 19.06
N THR A 4 -34.80 -27.95 19.81
CA THR A 4 -34.36 -27.27 21.02
C THR A 4 -33.78 -25.91 20.66
N VAL A 5 -32.93 -25.89 19.64
CA VAL A 5 -32.41 -24.64 19.11
C VAL A 5 -33.04 -24.38 17.74
N GLU A 6 -33.87 -23.35 17.62
CA GLU A 6 -34.61 -23.08 16.38
C GLU A 6 -33.85 -22.11 15.48
N PHE A 7 -34.20 -22.05 14.20
CA PHE A 7 -33.52 -21.17 13.24
C PHE A 7 -33.40 -19.72 13.74
N VAL A 8 -34.49 -19.17 14.25
CA VAL A 8 -34.46 -17.79 14.67
C VAL A 8 -33.47 -17.60 15.82
N ASP A 9 -33.22 -18.65 16.59
CA ASP A 9 -32.28 -18.57 17.72
C ASP A 9 -30.85 -18.29 17.25
N TYR A 10 -30.57 -18.55 15.98
CA TYR A 10 -29.23 -18.32 15.44
C TYR A 10 -29.03 -16.86 14.96
N VAL A 11 -30.10 -16.09 14.88
CA VAL A 11 -30.01 -14.77 14.28
C VAL A 11 -29.47 -13.73 15.26
N ASN A 12 -28.40 -13.04 14.90
CA ASN A 12 -27.94 -11.90 15.67
C ASN A 12 -28.22 -10.60 14.92
N PRO A 13 -29.26 -9.86 15.32
CA PRO A 13 -29.55 -8.62 14.59
C PRO A 13 -28.48 -7.53 14.76
N LEU A 14 -27.56 -7.73 15.69
CA LEU A 14 -26.48 -6.76 15.91
C LEU A 14 -25.30 -7.00 14.98
N MET A 15 -25.37 -8.07 14.18
CA MET A 15 -24.33 -8.31 13.21
C MET A 15 -24.25 -7.14 12.20
N GLY A 16 -23.07 -6.51 12.11
CA GLY A 16 -22.86 -5.36 11.20
C GLY A 16 -23.13 -4.02 11.88
N THR A 17 -23.22 -4.03 13.20
CA THR A 17 -23.61 -2.85 13.93
C THR A 17 -22.41 -2.06 14.53
N GLU A 18 -21.21 -2.65 14.46
CA GLU A 18 -19.99 -2.03 14.98
C GLU A 18 -19.03 -1.72 13.85
N SER A 19 -18.26 -0.65 14.04
CA SER A 19 -17.37 -0.03 13.05
C SER A 19 -18.22 0.85 12.13
N THR A 20 -18.84 1.84 12.80
CA THR A 20 -19.87 2.72 12.26
C THR A 20 -19.77 4.09 12.94
N ASN A 27 -24.24 0.50 6.84
CA ASN A 27 -24.37 0.19 8.26
C ASN A 27 -25.74 -0.34 8.61
N THR A 28 -25.85 -0.81 9.84
CA THR A 28 -26.90 -1.71 10.23
C THR A 28 -27.57 -1.26 11.55
N TYR A 29 -28.87 -1.54 11.70
CA TYR A 29 -29.52 -1.43 13.01
C TYR A 29 -30.21 -2.77 13.30
N PRO A 30 -30.45 -3.08 14.59
CA PRO A 30 -31.05 -4.39 14.94
C PRO A 30 -32.57 -4.44 14.81
N ALA A 31 -33.05 -4.62 13.59
CA ALA A 31 -34.46 -4.49 13.27
C ALA A 31 -35.35 -5.52 13.94
N VAL A 32 -36.34 -5.04 14.69
CA VAL A 32 -37.40 -5.90 15.17
C VAL A 32 -38.50 -5.82 14.13
N ALA A 33 -38.93 -6.97 13.64
CA ALA A 33 -39.82 -6.98 12.48
C ALA A 33 -40.39 -8.35 12.23
N VAL A 34 -41.27 -8.44 11.24
CA VAL A 34 -41.52 -9.74 10.60
C VAL A 34 -41.00 -9.60 9.17
N PRO A 35 -40.81 -10.73 8.46
CA PRO A 35 -40.23 -10.62 7.11
C PRO A 35 -40.99 -9.64 6.22
N TRP A 36 -40.25 -8.78 5.51
CA TRP A 36 -40.81 -7.76 4.62
C TRP A 36 -41.85 -6.83 5.27
N GLY A 37 -41.84 -6.73 6.60
CA GLY A 37 -42.87 -5.94 7.30
C GLY A 37 -42.91 -4.47 6.89
N MET A 38 -44.12 -3.90 6.82
CA MET A 38 -44.28 -2.51 6.44
C MET A 38 -43.55 -1.55 7.38
N ASN A 39 -43.60 -1.84 8.68
CA ASN A 39 -42.93 -0.99 9.66
C ASN A 39 -41.90 -1.85 10.44
N PHE A 40 -40.68 -1.37 10.53
CA PHE A 40 -39.66 -1.95 11.43
C PHE A 40 -39.53 -1.13 12.73
N TRP A 41 -39.01 -1.77 13.77
CA TRP A 41 -38.71 -1.08 15.03
C TRP A 41 -37.24 -1.28 15.42
N SER A 42 -36.65 -0.27 16.05
CA SER A 42 -35.25 -0.37 16.49
C SER A 42 -34.95 0.58 17.62
N PRO A 43 -34.07 0.17 18.55
CA PRO A 43 -33.51 1.13 19.49
C PRO A 43 -32.76 2.19 18.70
N GLN A 44 -32.71 3.40 19.25
CA GLN A 44 -32.05 4.50 18.58
C GLN A 44 -31.01 5.08 19.54
N THR A 45 -29.75 5.08 19.12
CA THR A 45 -28.71 5.78 19.85
C THR A 45 -28.30 7.10 19.18
N GLY A 46 -28.44 7.20 17.86
CA GLY A 46 -28.07 8.45 17.19
C GLY A 46 -29.13 9.54 17.34
N GLU A 47 -28.78 10.79 17.03
CA GLU A 47 -29.73 11.90 17.02
C GLU A 47 -30.85 11.70 15.99
N ASN A 48 -32.00 12.32 16.24
CA ASN A 48 -33.03 12.42 15.22
C ASN A 48 -32.38 12.99 13.98
N GLY A 49 -32.69 12.43 12.82
CA GLY A 49 -32.09 12.95 11.58
C GLY A 49 -30.85 12.21 11.11
N SER A 50 -30.17 11.50 12.02
CA SER A 50 -28.94 10.81 11.65
C SER A 50 -29.20 9.42 11.04
N GLY A 51 -28.56 9.14 9.91
CA GLY A 51 -28.65 7.83 9.30
C GLY A 51 -28.00 6.77 10.18
N TRP A 52 -27.15 7.20 11.10
CA TRP A 52 -26.50 6.25 12.00
C TRP A 52 -27.38 6.02 13.22
N MET A 53 -28.49 5.32 13.00
CA MET A 53 -29.53 5.20 14.01
C MET A 53 -29.09 4.46 15.27
N TYR A 54 -28.36 3.37 15.09
CA TYR A 54 -27.87 2.57 16.19
C TYR A 54 -26.42 2.21 15.92
N THR A 55 -25.58 2.44 16.92
CA THR A 55 -24.19 2.14 16.78
C THR A 55 -23.79 1.36 18.00
N TYR A 56 -23.15 0.22 17.79
CA TYR A 56 -22.80 -0.68 18.88
C TYR A 56 -21.95 0.02 19.95
N THR A 57 -21.05 0.91 19.55
CA THR A 57 -20.19 1.54 20.56
C THR A 57 -20.86 2.68 21.34
N ASP A 58 -22.08 3.09 20.96
CA ASP A 58 -22.79 4.12 21.71
C ASP A 58 -23.36 3.55 23.01
N SER A 59 -23.38 4.34 24.07
CA SER A 59 -23.82 3.83 25.35
C SER A 59 -25.07 4.54 25.87
N LEU A 60 -25.68 5.37 25.04
CA LEU A 60 -26.84 6.14 25.48
C LEU A 60 -27.97 5.97 24.48
N MET A 61 -29.14 5.67 24.99
CA MET A 61 -30.30 5.38 24.16
CA MET A 61 -30.27 5.39 24.13
C MET A 61 -31.23 6.58 24.15
N ARG A 62 -31.84 6.89 23.01
CA ARG A 62 -32.75 8.05 22.92
C ARG A 62 -34.21 7.67 22.67
N GLY A 63 -34.44 6.50 22.10
CA GLY A 63 -35.82 6.10 21.85
C GLY A 63 -35.90 4.78 21.14
N PHE A 64 -37.12 4.31 20.94
CA PHE A 64 -37.36 3.15 20.12
C PHE A 64 -38.18 3.62 18.94
N ARG A 65 -37.59 3.50 17.74
CA ARG A 65 -38.10 4.12 16.51
C ARG A 65 -38.93 3.14 15.70
N GLN A 66 -40.05 3.63 15.17
CA GLN A 66 -40.68 2.95 14.06
C GLN A 66 -39.92 3.50 12.89
N THR A 67 -39.29 2.63 12.11
CA THR A 67 -38.37 3.07 11.06
C THR A 67 -38.63 2.37 9.70
N HIS A 68 -38.21 3.03 8.61
CA HIS A 68 -38.28 2.38 7.30
C HIS A 68 -36.92 2.39 6.59
N GLN A 69 -35.90 2.84 7.31
CA GLN A 69 -34.61 3.17 6.70
C GLN A 69 -33.90 1.98 6.08
N PRO A 70 -33.63 2.03 4.77
CA PRO A 70 -32.89 0.93 4.16
C PRO A 70 -31.35 1.06 4.26
N SER A 71 -30.85 2.29 4.41
CA SER A 71 -29.42 2.50 4.68
C SER A 71 -29.19 3.87 5.27
N PRO A 72 -28.01 4.09 5.89
CA PRO A 72 -27.73 5.38 6.50
C PRO A 72 -27.73 6.50 5.48
N TRP A 73 -27.20 6.22 4.30
CA TRP A 73 -27.16 7.22 3.23
C TRP A 73 -28.55 7.63 2.78
N ILE A 74 -29.41 6.64 2.56
CA ILE A 74 -30.75 6.92 2.11
C ILE A 74 -31.59 7.57 3.23
N ASN A 75 -31.38 7.12 4.47
CA ASN A 75 -32.03 7.70 5.66
C ASN A 75 -33.54 7.36 5.71
N ASP A 76 -34.31 8.03 6.56
CA ASP A 76 -35.62 7.49 6.97
C ASP A 76 -36.78 8.35 6.48
N TYR A 77 -38.00 7.85 6.65
CA TYR A 77 -39.21 8.62 6.41
C TYR A 77 -40.30 7.96 7.25
N GLY A 78 -41.41 8.65 7.47
CA GLY A 78 -42.53 8.06 8.16
C GLY A 78 -42.14 7.52 9.53
N THR A 79 -41.36 8.28 10.28
CA THR A 79 -40.76 7.78 11.50
C THR A 79 -41.14 8.55 12.77
N PHE A 80 -41.36 7.82 13.85
CA PHE A 80 -41.58 8.42 15.16
C PHE A 80 -40.98 7.52 16.22
N SER A 81 -40.88 7.98 17.47
CA SER A 81 -40.33 7.11 18.50
C SER A 81 -41.04 7.19 19.81
N ILE A 82 -40.84 6.14 20.61
CA ILE A 82 -41.41 5.98 21.92
C ILE A 82 -40.24 5.73 22.89
N MET A 83 -40.21 6.47 24.00
CA MET A 83 -39.14 6.29 24.96
C MET A 83 -39.68 6.32 26.39
N PRO A 84 -39.66 5.16 27.07
CA PRO A 84 -40.03 5.17 28.48
C PRO A 84 -38.91 5.79 29.29
N LEU A 85 -39.24 6.54 30.33
CA LEU A 85 -38.20 7.17 31.15
C LEU A 85 -38.54 7.00 32.61
N ALA A 86 -37.49 6.93 33.43
CA ALA A 86 -37.61 6.85 34.87
C ALA A 86 -36.89 8.04 35.46
N GLY A 87 -37.53 8.70 36.43
CA GLY A 87 -36.93 9.86 37.09
C GLY A 87 -37.22 11.16 36.36
N GLU A 88 -36.18 11.79 35.82
CA GLU A 88 -36.31 13.09 35.18
CA GLU A 88 -36.28 13.09 35.17
C GLU A 88 -36.91 13.03 33.77
N LEU A 89 -37.87 13.90 33.53
CA LEU A 89 -38.48 14.01 32.21
C LEU A 89 -37.60 14.81 31.25
N LYS A 90 -37.34 14.26 30.07
CA LYS A 90 -36.58 14.95 29.03
C LYS A 90 -37.37 14.83 27.75
N MET A 91 -37.58 15.93 27.05
CA MET A 91 -38.45 15.91 25.88
C MET A 91 -37.74 15.73 24.54
N SER A 92 -36.78 16.61 24.27
CA SER A 92 -36.08 16.61 23.00
C SER A 92 -35.15 15.40 22.82
N HIS A 93 -35.07 14.91 21.59
CA HIS A 93 -34.13 13.85 21.31
C HIS A 93 -32.70 14.29 21.69
N LYS A 94 -32.43 15.59 21.68
CA LYS A 94 -31.10 16.08 22.05
C LYS A 94 -30.80 15.79 23.51
N GLU A 95 -31.84 15.59 24.33
CA GLU A 95 -31.67 15.46 25.77
C GLU A 95 -32.10 14.12 26.34
N ARG A 96 -32.89 13.34 25.59
CA ARG A 96 -33.24 11.99 26.05
C ARG A 96 -32.06 11.07 25.81
N LEU A 97 -31.18 10.93 26.80
CA LEU A 97 -30.00 10.09 26.67
C LEU A 97 -29.90 9.19 27.89
N VAL A 98 -30.22 7.92 27.73
CA VAL A 98 -30.28 7.04 28.88
C VAL A 98 -29.23 5.95 28.79
N PRO A 99 -28.34 5.90 29.78
CA PRO A 99 -27.25 4.91 29.73
C PRO A 99 -27.75 3.46 29.85
N PHE A 100 -27.13 2.58 29.08
CA PHE A 100 -27.37 1.16 29.19
C PHE A 100 -26.11 0.39 28.80
N SER A 101 -26.09 -0.88 29.18
CA SER A 101 -24.99 -1.76 28.84
C SER A 101 -25.47 -2.86 27.92
N HIS A 102 -24.66 -3.23 26.93
CA HIS A 102 -24.91 -4.41 26.11
C HIS A 102 -25.07 -5.70 26.93
N GLN A 103 -24.56 -5.71 28.15
CA GLN A 103 -24.72 -6.90 28.98
C GLN A 103 -26.18 -7.09 29.44
N GLN A 104 -26.97 -6.03 29.32
CA GLN A 104 -28.38 -6.13 29.68
C GLN A 104 -29.24 -5.84 28.46
N GLU A 105 -28.80 -6.35 27.32
CA GLU A 105 -29.49 -6.14 26.07
C GLU A 105 -29.66 -7.47 25.34
N LYS A 106 -30.88 -7.78 24.93
CA LYS A 106 -31.04 -9.00 24.18
C LYS A 106 -31.79 -8.71 22.89
N ALA A 107 -31.08 -8.78 21.77
CA ALA A 107 -31.63 -8.34 20.49
C ALA A 107 -31.96 -9.55 19.65
N THR A 108 -33.23 -9.70 19.26
CA THR A 108 -33.66 -10.77 18.37
C THR A 108 -34.62 -10.15 17.36
N PRO A 109 -34.90 -10.85 16.26
CA PRO A 109 -35.81 -10.30 15.25
C PRO A 109 -37.23 -10.20 15.78
N TYR A 110 -37.57 -11.05 16.73
CA TYR A 110 -38.95 -11.12 17.22
C TYR A 110 -39.15 -10.34 18.51
N ASN A 111 -38.04 -9.86 19.09
CA ASN A 111 -38.11 -9.13 20.36
C ASN A 111 -36.80 -8.46 20.70
N TYR A 112 -36.87 -7.19 21.08
CA TYR A 112 -35.68 -6.51 21.55
C TYR A 112 -35.92 -6.12 22.98
N SER A 113 -34.97 -6.44 23.85
CA SER A 113 -35.18 -6.16 25.26
C SER A 113 -33.94 -5.51 25.88
N VAL A 114 -34.13 -4.54 26.76
CA VAL A 114 -33.00 -3.84 27.33
C VAL A 114 -33.35 -3.34 28.71
N THR A 115 -32.39 -3.41 29.62
CA THR A 115 -32.53 -2.85 30.93
C THR A 115 -31.51 -1.73 31.11
N PHE A 116 -31.98 -0.53 31.39
CA PHE A 116 -31.08 0.62 31.52
C PHE A 116 -30.33 0.58 32.84
N ASN A 117 -29.29 1.38 32.96
CA ASN A 117 -28.52 1.40 34.19
C ASN A 117 -29.40 1.76 35.38
N ASN A 118 -30.45 2.54 35.15
CA ASN A 118 -31.31 2.90 36.28
C ASN A 118 -32.32 1.80 36.63
N GLY A 119 -32.22 0.66 35.95
CA GLY A 119 -33.12 -0.45 36.27
C GLY A 119 -34.46 -0.50 35.53
N LEU A 120 -34.76 0.52 34.73
CA LEU A 120 -35.97 0.50 33.90
C LEU A 120 -35.79 -0.59 32.84
N GLN A 121 -36.79 -1.44 32.68
CA GLN A 121 -36.68 -2.51 31.70
C GLN A 121 -37.75 -2.34 30.64
N THR A 122 -37.37 -2.56 29.39
CA THR A 122 -38.37 -2.48 28.36
C THR A 122 -38.08 -3.52 27.29
N SER A 123 -39.13 -4.14 26.76
CA SER A 123 -38.95 -4.97 25.57
C SER A 123 -40.05 -4.68 24.58
N LEU A 124 -39.76 -4.93 23.31
CA LEU A 124 -40.74 -4.68 22.26
C LEU A 124 -40.69 -5.76 21.21
N SER A 125 -41.84 -6.05 20.63
CA SER A 125 -41.94 -7.03 19.59
C SER A 125 -42.84 -6.45 18.51
N ALA A 126 -42.55 -6.79 17.25
CA ALA A 126 -43.35 -6.21 16.17
C ALA A 126 -44.19 -7.20 15.37
N THR A 127 -45.28 -6.68 14.81
CA THR A 127 -46.04 -7.38 13.78
C THR A 127 -45.64 -6.70 12.48
N SER A 128 -46.33 -6.97 11.37
CA SER A 128 -46.05 -6.27 10.10
C SER A 128 -46.13 -4.75 10.20
N ARG A 129 -47.19 -4.27 10.85
CA ARG A 129 -47.49 -2.83 10.87
C ARG A 129 -47.65 -2.26 12.28
N GLY A 130 -47.45 -3.08 13.29
CA GLY A 130 -47.57 -2.58 14.63
C GLY A 130 -46.54 -3.15 15.58
N ALA A 131 -46.67 -2.79 16.85
CA ALA A 131 -45.74 -3.26 17.84
C ALA A 131 -46.38 -3.21 19.23
N VAL A 132 -45.81 -3.96 20.16
CA VAL A 132 -46.26 -3.90 21.54
C VAL A 132 -45.04 -3.80 22.46
N PHE A 133 -45.08 -2.93 23.45
CA PHE A 133 -43.96 -2.77 24.37
C PHE A 133 -44.44 -3.27 25.71
N GLU A 134 -43.51 -3.77 26.53
CA GLU A 134 -43.78 -3.91 27.94
C GLU A 134 -42.76 -3.06 28.63
N VAL A 135 -43.16 -2.37 29.68
CA VAL A 135 -42.22 -1.56 30.45
C VAL A 135 -42.30 -1.87 31.93
N SER A 136 -41.16 -2.16 32.53
CA SER A 136 -41.08 -2.32 33.97
CA SER A 136 -41.08 -2.31 33.98
C SER A 136 -40.32 -1.13 34.56
N PHE A 137 -41.03 -0.29 35.31
CA PHE A 137 -40.45 0.92 35.89
C PHE A 137 -39.78 0.63 37.24
N PRO A 138 -38.64 1.28 37.49
CA PRO A 138 -38.02 1.21 38.80
C PRO A 138 -38.94 1.83 39.83
N GLU A 139 -38.97 1.24 41.01
CA GLU A 139 -39.89 1.68 42.05
C GLU A 139 -39.46 3.02 42.61
N LYS A 140 -40.42 3.80 43.10
CA LYS A 140 -40.09 5.05 43.77
C LYS A 140 -39.49 6.12 42.84
N GLU A 141 -39.62 5.96 41.53
CA GLU A 141 -39.21 7.00 40.59
C GLU A 141 -40.38 7.43 39.74
N ASP A 142 -40.39 8.69 39.33
CA ASP A 142 -41.41 9.13 38.37
C ASP A 142 -41.41 8.24 37.09
N GLN A 143 -42.59 7.95 36.56
CA GLN A 143 -42.73 7.06 35.42
C GLN A 143 -43.30 7.79 34.21
N TYR A 144 -42.53 7.86 33.12
CA TYR A 144 -42.97 8.54 31.92
C TYR A 144 -42.85 7.70 30.66
N VAL A 145 -43.62 8.06 29.65
CA VAL A 145 -43.33 7.67 28.28
C VAL A 145 -43.34 8.93 27.42
N VAL A 146 -42.29 9.13 26.65
CA VAL A 146 -42.25 10.24 25.72
C VAL A 146 -42.46 9.77 24.30
N VAL A 147 -43.30 10.48 23.57
CA VAL A 147 -43.55 10.19 22.17
C VAL A 147 -42.93 11.33 21.38
N ASP A 148 -42.03 10.96 20.46
CA ASP A 148 -41.32 11.92 19.65
C ASP A 148 -41.83 11.71 18.21
N ALA A 149 -42.51 12.71 17.66
CA ALA A 149 -43.04 12.56 16.31
C ALA A 149 -42.15 13.20 15.22
N TYR A 150 -40.91 13.55 15.56
CA TYR A 150 -39.90 14.03 14.60
C TYR A 150 -40.18 15.44 14.06
N ASN A 151 -39.24 15.95 13.26
CA ASN A 151 -39.41 17.27 12.72
C ASN A 151 -39.90 17.13 11.29
N GLY A 152 -39.99 18.24 10.58
CA GLY A 152 -40.52 18.20 9.23
C GLY A 152 -42.00 18.56 9.19
N GLY A 153 -42.58 18.92 10.33
CA GLY A 153 -44.00 19.26 10.38
C GLY A 153 -44.89 18.10 10.83
N SER A 154 -45.04 17.95 12.15
CA SER A 154 -45.72 16.80 12.73
C SER A 154 -46.81 17.24 13.69
N SER A 155 -47.62 16.29 14.16
CA SER A 155 -48.64 16.58 15.16
C SER A 155 -48.93 15.39 16.07
N ILE A 156 -49.38 15.71 17.27
CA ILE A 156 -49.71 14.70 18.26
C ILE A 156 -50.99 15.10 19.02
N THR A 157 -51.87 14.14 19.22
CA THR A 157 -53.07 14.35 20.03
CA THR A 157 -53.06 14.35 20.02
C THR A 157 -53.18 13.27 21.10
N ILE A 158 -53.26 13.71 22.34
CA ILE A 158 -53.42 12.81 23.47
C ILE A 158 -54.88 12.78 23.89
N GLU A 159 -55.42 11.60 24.14
CA GLU A 159 -56.76 11.49 24.76
C GLU A 159 -56.60 10.74 26.06
N PRO A 160 -56.25 11.47 27.12
CA PRO A 160 -55.76 10.82 28.33
C PRO A 160 -56.78 9.91 29.01
N GLU A 161 -58.06 10.29 29.00
CA GLU A 161 -59.08 9.46 29.63
C GLU A 161 -59.24 8.12 28.90
N LYS A 162 -58.93 8.09 27.62
CA LYS A 162 -58.98 6.86 26.87
C LYS A 162 -57.63 6.16 26.81
N ARG A 163 -56.60 6.76 27.39
CA ARG A 163 -55.26 6.18 27.35
C ARG A 163 -54.73 6.07 25.91
N LEU A 164 -55.17 6.99 25.04
CA LEU A 164 -54.77 6.98 23.64
C LEU A 164 -53.86 8.14 23.26
N VAL A 165 -52.98 7.90 22.31
CA VAL A 165 -52.24 8.96 21.66
C VAL A 165 -52.27 8.69 20.17
N LYS A 166 -52.52 9.73 19.39
CA LYS A 166 -52.45 9.59 17.94
C LYS A 166 -51.62 10.73 17.38
N GLY A 167 -51.18 10.60 16.13
CA GLY A 167 -50.43 11.68 15.53
C GLY A 167 -50.08 11.38 14.10
N ALA A 168 -49.36 12.31 13.50
CA ALA A 168 -48.91 12.14 12.14
C ALA A 168 -47.46 12.60 12.09
N THR A 169 -46.62 11.83 11.41
CA THR A 169 -45.24 12.22 11.17
C THR A 169 -44.99 12.36 9.68
N ARG A 170 -44.26 13.40 9.29
CA ARG A 170 -44.10 13.69 7.87
C ARG A 170 -42.64 13.75 7.47
N TYR A 171 -41.75 13.60 8.44
CA TYR A 171 -40.32 13.63 8.13
C TYR A 171 -39.98 12.69 6.98
N ASN A 172 -39.10 13.16 6.10
CA ASN A 172 -38.64 12.31 5.02
C ASN A 172 -37.35 12.85 4.42
N ASN A 173 -36.74 12.06 3.55
CA ASN A 173 -35.52 12.47 2.89
C ASN A 173 -35.74 12.53 1.39
N GLY A 174 -36.95 12.94 0.97
CA GLY A 174 -37.28 12.99 -0.47
C GLY A 174 -38.02 11.74 -0.93
N GLY A 175 -38.39 11.72 -2.21
CA GLY A 175 -39.11 10.60 -2.78
C GLY A 175 -40.52 10.42 -2.23
N VAL A 176 -41.17 11.52 -1.85
CA VAL A 176 -42.55 11.44 -1.35
C VAL A 176 -43.46 12.42 -2.08
N PRO A 177 -44.73 12.05 -2.28
CA PRO A 177 -45.72 12.98 -2.83
C PRO A 177 -46.02 14.12 -1.84
N ASP A 178 -46.70 15.14 -2.32
CA ASP A 178 -46.97 16.35 -1.55
C ASP A 178 -47.85 16.11 -0.33
N ASN A 179 -48.70 15.09 -0.37
CA ASN A 179 -49.59 14.80 0.74
C ASN A 179 -49.05 13.70 1.70
N PHE A 180 -47.75 13.39 1.61
CA PHE A 180 -47.15 12.35 2.47
C PHE A 180 -47.36 12.55 3.97
N ALA A 181 -47.63 11.43 4.65
CA ALA A 181 -47.63 11.34 6.11
C ALA A 181 -47.76 9.89 6.58
N ASN A 182 -47.19 9.58 7.73
CA ASN A 182 -47.47 8.32 8.39
C ASN A 182 -48.39 8.63 9.57
N TYR A 183 -49.55 7.98 9.64
CA TYR A 183 -50.50 8.21 10.74
C TYR A 183 -50.38 7.10 11.77
N PHE A 184 -50.15 7.47 13.02
CA PHE A 184 -49.91 6.45 14.02
C PHE A 184 -50.88 6.58 15.18
N MET A 185 -50.91 5.53 15.99
CA MET A 185 -51.87 5.42 17.05
C MET A 185 -51.25 4.53 18.11
N MET A 186 -51.49 4.86 19.38
CA MET A 186 -51.03 3.96 20.43
C MET A 186 -51.96 3.99 21.65
N GLU A 187 -51.92 2.90 22.41
CA GLU A 187 -52.78 2.75 23.57
C GLU A 187 -51.94 2.22 24.74
N PHE A 188 -52.21 2.72 25.94
CA PHE A 188 -51.47 2.33 27.13
C PHE A 188 -52.36 1.51 28.05
N SER A 189 -51.77 0.59 28.79
CA SER A 189 -52.57 -0.30 29.63
C SER A 189 -53.05 0.36 30.93
N HIS A 190 -52.33 1.38 31.39
CA HIS A 190 -52.62 1.97 32.69
C HIS A 190 -53.08 3.42 32.56
N PRO A 191 -53.82 3.91 33.57
CA PRO A 191 -54.34 5.28 33.48
C PRO A 191 -53.21 6.30 33.37
N VAL A 192 -53.44 7.32 32.57
CA VAL A 192 -52.51 8.39 32.35
C VAL A 192 -52.73 9.43 33.43
N ILE A 193 -51.78 9.62 34.32
CA ILE A 193 -51.99 10.54 35.45
C ILE A 193 -51.75 11.99 35.09
N GLU A 194 -50.76 12.22 34.24
CA GLU A 194 -50.43 13.56 33.77
C GLU A 194 -49.86 13.47 32.36
N TYR A 195 -49.80 14.59 31.67
CA TYR A 195 -49.47 14.56 30.27
C TYR A 195 -49.19 15.99 29.84
N GLY A 196 -48.57 16.12 28.67
CA GLY A 196 -48.24 17.42 28.13
C GLY A 196 -47.68 17.29 26.73
N THR A 197 -47.43 18.43 26.10
CA THR A 197 -46.95 18.45 24.74
C THR A 197 -45.72 19.33 24.66
N TYR A 198 -45.01 19.22 23.55
CA TYR A 198 -43.78 19.96 23.35
C TYR A 198 -43.72 20.28 21.88
N ASN A 199 -43.45 21.55 21.56
CA ASN A 199 -43.47 22.06 20.19
C ASN A 199 -42.07 22.42 19.67
N GLY A 200 -41.03 21.84 20.29
CA GLY A 200 -39.66 22.17 19.93
C GLY A 200 -39.12 23.38 20.69
N ASP A 201 -40.00 24.16 21.29
CA ASP A 201 -39.53 25.32 22.05
CA ASP A 201 -39.57 25.35 22.04
C ASP A 201 -40.02 25.26 23.50
N THR A 202 -41.27 24.90 23.71
CA THR A 202 -41.83 24.93 25.06
C THR A 202 -42.52 23.62 25.44
N LEU A 203 -42.34 23.23 26.69
CA LEU A 203 -43.08 22.11 27.25
C LEU A 203 -44.38 22.68 27.82
N LEU A 204 -45.51 22.18 27.33
CA LEU A 204 -46.79 22.70 27.77
C LEU A 204 -47.52 21.64 28.56
N HIS A 205 -47.48 21.76 29.87
CA HIS A 205 -48.17 20.82 30.73
C HIS A 205 -49.68 20.92 30.56
N HIS A 206 -50.34 19.77 30.58
CA HIS A 206 -51.79 19.71 30.50
C HIS A 206 -52.38 19.89 29.11
N GLN A 207 -51.55 20.20 28.13
CA GLN A 207 -52.05 20.38 26.78
C GLN A 207 -52.09 19.05 26.04
N THR A 208 -53.16 18.82 25.30
CA THR A 208 -53.34 17.52 24.71
C THR A 208 -53.09 17.50 23.21
N ASP A 209 -52.99 18.67 22.60
CA ASP A 209 -52.99 18.74 21.15
C ASP A 209 -51.87 19.67 20.66
N VAL A 210 -51.03 19.18 19.76
CA VAL A 210 -49.88 19.98 19.33
C VAL A 210 -49.55 19.75 17.86
N ALA A 211 -49.12 20.80 17.19
CA ALA A 211 -48.70 20.67 15.80
C ALA A 211 -47.64 21.73 15.58
N ALA A 212 -46.50 21.33 15.00
CA ALA A 212 -45.37 22.24 14.81
C ALA A 212 -44.36 21.51 13.94
N ASP A 213 -43.23 22.15 13.66
CA ASP A 213 -42.14 21.50 12.92
C ASP A 213 -41.72 20.21 13.62
N TYR A 214 -41.39 20.34 14.90
CA TYR A 214 -40.98 19.20 15.73
C TYR A 214 -41.93 19.11 16.92
N THR A 215 -42.48 17.93 17.16
CA THR A 215 -43.39 17.74 18.28
C THR A 215 -43.07 16.50 19.10
N CYS A 216 -43.34 16.58 20.39
CA CYS A 216 -43.23 15.46 21.31
C CYS A 216 -44.37 15.55 22.31
N ALA A 217 -44.66 14.44 22.98
CA ALA A 217 -45.65 14.44 24.04
C ALA A 217 -45.12 13.57 25.16
N TYR A 218 -45.55 13.83 26.39
CA TYR A 218 -45.23 12.94 27.47
C TYR A 218 -46.49 12.47 28.15
N LEU A 219 -46.44 11.27 28.70
CA LEU A 219 -47.49 10.74 29.56
C LEU A 219 -46.81 10.30 30.83
N LYS A 220 -47.50 10.50 31.96
CA LYS A 220 -46.97 10.13 33.24
C LYS A 220 -47.85 9.06 33.87
N PHE A 221 -47.25 7.98 34.38
CA PHE A 221 -48.05 6.88 34.91
C PHE A 221 -47.85 6.66 36.41
N ASP A 222 -48.65 5.76 36.96
CA ASP A 222 -48.44 5.33 38.32
C ASP A 222 -48.66 3.82 38.39
N VAL A 223 -47.87 3.07 37.63
CA VAL A 223 -48.02 1.63 37.65
C VAL A 223 -47.62 1.09 39.01
N PRO A 224 -48.47 0.25 39.61
CA PRO A 224 -48.18 -0.34 40.92
C PRO A 224 -47.01 -1.31 40.86
N ALA A 225 -46.32 -1.45 41.98
CA ALA A 225 -45.19 -2.35 42.09
C ALA A 225 -45.64 -3.73 41.66
N GLY A 226 -44.83 -4.40 40.85
CA GLY A 226 -45.14 -5.74 40.37
C GLY A 226 -45.88 -5.78 39.03
N GLU A 227 -46.38 -4.63 38.58
CA GLU A 227 -47.08 -4.60 37.31
C GLU A 227 -46.22 -3.99 36.24
N LYS A 228 -46.51 -4.32 34.99
CA LYS A 228 -45.79 -3.76 33.88
C LYS A 228 -46.74 -2.93 33.03
N LEU A 229 -46.23 -1.86 32.44
CA LEU A 229 -47.01 -1.05 31.49
C LEU A 229 -46.98 -1.71 30.14
N THR A 230 -48.13 -1.85 29.49
CA THR A 230 -48.14 -2.29 28.09
C THR A 230 -48.46 -1.13 27.16
N ILE A 231 -47.74 -1.04 26.05
CA ILE A 231 -48.02 -0.03 25.03
C ILE A 231 -48.27 -0.75 23.72
N ARG A 232 -49.40 -0.49 23.09
CA ARG A 232 -49.71 -1.08 21.80
C ARG A 232 -49.72 0.01 20.75
N THR A 233 -49.15 -0.23 19.58
CA THR A 233 -49.10 0.83 18.60
C THR A 233 -49.21 0.26 17.18
N ALA A 234 -49.71 1.06 16.26
CA ALA A 234 -49.69 0.67 14.87
C ALA A 234 -49.77 1.95 14.04
N SER A 235 -49.47 1.84 12.75
CA SER A 235 -49.54 3.01 11.92
C SER A 235 -49.97 2.66 10.51
N SER A 236 -50.18 3.70 9.72
CA SER A 236 -50.65 3.54 8.36
C SER A 236 -50.14 4.69 7.48
N PHE A 237 -49.91 4.42 6.19
CA PHE A 237 -49.59 5.51 5.27
C PHE A 237 -50.86 6.02 4.58
N ILE A 238 -51.97 5.32 4.81
CA ILE A 238 -53.22 5.66 4.14
C ILE A 238 -54.05 6.71 4.87
N SER A 239 -54.34 6.45 6.15
CA SER A 239 -55.15 7.37 6.93
C SER A 239 -55.18 6.95 8.41
N PRO A 240 -55.62 7.85 9.29
CA PRO A 240 -55.81 7.49 10.68
C PRO A 240 -56.82 6.34 10.85
N GLU A 241 -57.88 6.33 10.04
CA GLU A 241 -58.85 5.25 10.07
C GLU A 241 -58.18 3.90 9.77
N GLN A 242 -57.30 3.89 8.80
CA GLN A 242 -56.64 2.67 8.40
C GLN A 242 -55.63 2.25 9.45
N ALA A 243 -55.07 3.23 10.17
CA ALA A 243 -54.12 2.91 11.24
C ALA A 243 -54.88 2.17 12.33
N ALA A 244 -56.10 2.60 12.59
CA ALA A 244 -56.91 1.94 13.61
C ALA A 244 -57.31 0.55 13.14
N ILE A 245 -57.55 0.41 11.84
CA ILE A 245 -57.83 -0.90 11.29
C ILE A 245 -56.61 -1.81 11.52
N ASN A 246 -55.42 -1.36 11.12
CA ASN A 246 -54.19 -2.14 11.39
C ASN A 246 -54.02 -2.44 12.88
N PHE A 247 -54.26 -1.43 13.71
CA PHE A 247 -54.13 -1.60 15.16
C PHE A 247 -55.03 -2.72 15.69
N ASN A 248 -56.31 -2.69 15.34
CA ASN A 248 -57.28 -3.68 15.81
C ASN A 248 -57.04 -5.08 15.23
N ARG A 249 -56.58 -5.16 14.00
CA ARG A 249 -56.27 -6.47 13.49
C ARG A 249 -55.02 -7.07 14.12
N GLU A 250 -53.98 -6.27 14.33
CA GLU A 250 -52.67 -6.85 14.63
C GLU A 250 -52.25 -6.81 16.10
N VAL A 251 -52.66 -5.79 16.85
CA VAL A 251 -52.13 -5.65 18.21
C VAL A 251 -53.12 -5.38 19.34
N ALA A 252 -54.39 -5.11 19.03
CA ALA A 252 -55.34 -4.83 20.11
C ALA A 252 -55.42 -5.98 21.09
N ASP A 253 -55.35 -5.66 22.38
CA ASP A 253 -55.47 -6.64 23.45
C ASP A 253 -54.27 -7.56 23.61
N ALA A 254 -53.27 -7.40 22.77
CA ALA A 254 -52.09 -8.25 22.90
C ALA A 254 -51.15 -7.76 23.99
N ASP A 255 -50.43 -8.69 24.60
CA ASP A 255 -49.28 -8.30 25.41
C ASP A 255 -48.01 -8.61 24.62
N VAL A 256 -46.84 -8.29 25.17
CA VAL A 256 -45.62 -8.48 24.41
C VAL A 256 -45.35 -9.98 24.14
N GLN A 257 -45.65 -10.84 25.09
CA GLN A 257 -45.43 -12.27 24.90
C GLN A 257 -46.19 -12.83 23.69
N LEU A 258 -47.44 -12.40 23.52
CA LEU A 258 -48.21 -12.82 22.36
C LEU A 258 -47.56 -12.37 21.03
N ILE A 259 -47.16 -11.10 20.93
CA ILE A 259 -46.61 -10.61 19.66
C ILE A 259 -45.23 -11.23 19.43
N SER A 260 -44.47 -11.39 20.51
CA SER A 260 -43.19 -12.06 20.45
C SER A 260 -43.34 -13.47 19.88
N GLY A 261 -44.27 -14.24 20.44
CA GLY A 261 -44.46 -15.63 20.02
C GLY A 261 -44.84 -15.75 18.55
N LYS A 262 -45.72 -14.87 18.08
CA LYS A 262 -46.11 -14.85 16.67
C LYS A 262 -44.96 -14.44 15.73
N ALA A 263 -44.17 -13.44 16.11
CA ALA A 263 -43.04 -13.05 15.28
C ALA A 263 -42.02 -14.17 15.23
N ARG A 264 -41.80 -14.80 16.39
CA ARG A 264 -40.87 -15.89 16.46
C ARG A 264 -41.26 -17.02 15.49
N GLU A 265 -42.54 -17.35 15.48
CA GLU A 265 -43.06 -18.37 14.59
C GLU A 265 -42.93 -17.96 13.13
N GLN A 266 -43.21 -16.69 12.83
CA GLN A 266 -43.05 -16.24 11.44
C GLN A 266 -41.60 -16.38 10.98
N TRP A 267 -40.66 -15.94 11.81
CA TRP A 267 -39.25 -16.07 11.44
C TRP A 267 -38.85 -17.53 11.26
N ASN A 268 -39.28 -18.43 12.14
CA ASN A 268 -38.92 -19.84 11.97
C ASN A 268 -39.49 -20.42 10.67
N ASN A 269 -40.74 -20.06 10.36
CA ASN A 269 -41.36 -20.52 9.12
C ASN A 269 -40.55 -20.10 7.89
N TYR A 270 -40.22 -18.81 7.77
CA TYR A 270 -39.51 -18.29 6.59
C TYR A 270 -38.03 -18.68 6.56
N LEU A 271 -37.35 -18.53 7.68
CA LEU A 271 -35.95 -18.95 7.75
C LEU A 271 -35.82 -20.45 7.48
N GLY A 272 -36.74 -21.23 8.02
CA GLY A 272 -36.66 -22.69 7.90
C GLY A 272 -36.86 -23.22 6.48
N ARG A 273 -37.12 -22.35 5.52
CA ARG A 273 -37.23 -22.82 4.15
C ARG A 273 -35.88 -23.29 3.63
N VAL A 274 -34.82 -22.91 4.31
CA VAL A 274 -33.55 -23.56 4.04
C VAL A 274 -32.98 -24.09 5.36
N GLU A 275 -32.80 -25.41 5.44
CA GLU A 275 -32.26 -26.03 6.67
C GLU A 275 -30.80 -26.37 6.53
N ALA A 276 -29.95 -25.67 7.27
CA ALA A 276 -28.54 -25.97 7.25
C ALA A 276 -28.20 -26.92 8.40
N GLU A 277 -27.47 -27.99 8.13
CA GLU A 277 -26.99 -28.87 9.21
C GLU A 277 -25.54 -29.28 9.03
N GLY A 278 -24.91 -29.64 10.13
CA GLY A 278 -23.53 -30.05 10.13
C GLY A 278 -22.62 -28.89 9.82
N GLY A 279 -22.47 -28.00 10.79
CA GLY A 279 -21.60 -26.83 10.73
C GLY A 279 -21.47 -26.34 12.17
N THR A 280 -20.52 -25.44 12.42
CA THR A 280 -20.37 -24.90 13.76
C THR A 280 -21.50 -23.94 14.10
N ASP A 281 -21.72 -23.72 15.39
CA ASP A 281 -22.67 -22.72 15.84
C ASP A 281 -22.36 -21.35 15.18
N GLU A 282 -21.09 -21.03 15.05
CA GLU A 282 -20.68 -19.75 14.47
C GLU A 282 -21.12 -19.64 13.01
N GLN A 283 -20.90 -20.70 12.25
CA GLN A 283 -21.38 -20.78 10.89
C GLN A 283 -22.93 -20.73 10.80
N LEU A 284 -23.63 -21.41 11.71
CA LEU A 284 -25.09 -21.40 11.69
C LEU A 284 -25.59 -19.97 11.98
N ARG A 285 -24.98 -19.32 12.98
CA ARG A 285 -25.35 -17.96 13.31
C ARG A 285 -25.11 -17.00 12.14
N THR A 286 -23.97 -17.16 11.47
CA THR A 286 -23.63 -16.32 10.33
C THR A 286 -24.66 -16.55 9.23
N PHE A 287 -24.92 -17.81 8.92
CA PHE A 287 -25.87 -18.15 7.87
C PHE A 287 -27.24 -17.55 8.12
N TYR A 288 -27.80 -17.83 9.29
CA TYR A 288 -29.16 -17.37 9.57
C TYR A 288 -29.25 -15.88 9.79
N SER A 289 -28.19 -15.27 10.31
CA SER A 289 -28.19 -13.82 10.42
C SER A 289 -28.22 -13.17 9.04
N CYS A 290 -27.48 -13.72 8.09
CA CYS A 290 -27.47 -13.14 6.74
C CYS A 290 -28.84 -13.37 6.09
N LEU A 291 -29.42 -14.54 6.34
CA LEU A 291 -30.73 -14.84 5.77
C LEU A 291 -31.79 -13.87 6.33
N TYR A 292 -31.75 -13.63 7.62
CA TYR A 292 -32.65 -12.68 8.24
C TYR A 292 -32.58 -11.30 7.59
N ARG A 293 -31.35 -10.80 7.38
CA ARG A 293 -31.13 -9.53 6.69
C ARG A 293 -31.72 -9.55 5.28
N THR A 294 -31.62 -10.69 4.63
CA THR A 294 -32.10 -10.82 3.27
C THR A 294 -33.63 -10.80 3.19
N LEU A 295 -34.30 -11.20 4.27
CA LEU A 295 -35.79 -11.23 4.27
C LEU A 295 -36.46 -9.93 4.71
N LEU A 296 -35.65 -8.90 4.97
CA LEU A 296 -36.17 -7.60 5.37
C LEU A 296 -36.62 -6.68 4.20
N PHE A 297 -35.83 -6.60 3.13
CA PHE A 297 -36.10 -5.63 2.05
C PHE A 297 -36.52 -6.33 0.78
N PRO A 298 -36.86 -5.51 -0.23
CA PRO A 298 -37.94 -4.56 -0.03
C PRO A 298 -39.05 -4.83 0.95
N ARG A 299 -39.60 -3.77 1.53
CA ARG A 299 -40.73 -3.94 2.44
C ARG A 299 -42.08 -3.94 1.71
N GLU A 300 -43.02 -4.70 2.27
CA GLU A 300 -44.41 -4.54 1.87
C GLU A 300 -44.83 -3.12 2.18
N PHE A 301 -45.57 -2.51 1.25
CA PHE A 301 -46.07 -1.15 1.45
C PHE A 301 -47.60 -1.12 1.32
N TYR A 302 -48.22 -2.29 1.40
CA TYR A 302 -49.66 -2.36 1.31
C TYR A 302 -50.28 -2.74 2.66
N GLU A 303 -51.58 -2.53 2.75
CA GLU A 303 -52.31 -2.71 3.97
C GLU A 303 -53.64 -3.40 3.62
N PHE A 304 -54.32 -3.96 4.62
CA PHE A 304 -55.59 -4.63 4.35
C PHE A 304 -56.73 -3.80 4.90
N ASP A 305 -57.68 -3.46 4.02
CA ASP A 305 -58.75 -2.53 4.38
C ASP A 305 -59.80 -3.20 5.24
N SER A 306 -60.91 -2.51 5.51
CA SER A 306 -61.92 -3.08 6.40
C SER A 306 -62.52 -4.36 5.82
N GLN A 307 -62.48 -4.49 4.51
CA GLN A 307 -62.97 -5.71 3.85
C GLN A 307 -61.90 -6.79 3.75
N GLY A 308 -60.69 -6.48 4.22
CA GLY A 308 -59.59 -7.45 4.13
C GLY A 308 -58.88 -7.49 2.78
N ASN A 309 -59.12 -6.50 1.92
CA ASN A 309 -58.45 -6.43 0.62
C ASN A 309 -57.20 -5.58 0.61
N PRO A 310 -56.18 -6.01 -0.15
CA PRO A 310 -54.93 -5.25 -0.13
C PRO A 310 -55.08 -3.89 -0.81
N VAL A 311 -54.66 -2.85 -0.11
CA VAL A 311 -54.65 -1.50 -0.66
C VAL A 311 -53.32 -0.84 -0.30
N TYR A 312 -53.01 0.28 -0.94
CA TYR A 312 -51.80 0.98 -0.59
C TYR A 312 -51.80 2.45 -0.96
N TYR A 313 -51.16 3.24 -0.11
CA TYR A 313 -50.80 4.59 -0.43
C TYR A 313 -49.65 4.54 -1.46
N SER A 314 -49.89 5.04 -2.67
CA SER A 314 -48.80 5.09 -3.65
C SER A 314 -47.81 6.21 -3.32
N PRO A 315 -46.54 5.86 -3.10
CA PRO A 315 -45.53 6.90 -2.92
C PRO A 315 -45.15 7.50 -4.25
N TYR A 316 -45.85 7.12 -5.31
CA TYR A 316 -45.58 7.67 -6.65
C TYR A 316 -46.59 8.72 -7.11
N ASP A 317 -47.87 8.56 -6.76
CA ASP A 317 -48.84 9.58 -7.14
C ASP A 317 -49.67 10.04 -5.94
N GLY A 318 -49.41 9.48 -4.76
CA GLY A 318 -50.07 9.96 -3.55
C GLY A 318 -51.54 9.59 -3.39
N ASN A 319 -52.04 8.75 -4.30
CA ASN A 319 -53.39 8.21 -4.18
C ASN A 319 -53.40 6.82 -3.53
N VAL A 320 -54.59 6.34 -3.18
CA VAL A 320 -54.73 5.00 -2.62
C VAL A 320 -55.17 4.07 -3.74
N HIS A 321 -54.53 2.92 -3.87
CA HIS A 321 -54.85 1.98 -4.94
C HIS A 321 -55.13 0.60 -4.37
N ASP A 322 -55.80 -0.23 -5.17
CA ASP A 322 -55.96 -1.66 -4.87
C ASP A 322 -54.72 -2.41 -5.37
N GLY A 323 -54.30 -3.43 -4.62
CA GLY A 323 -53.19 -4.28 -5.05
C GLY A 323 -51.95 -4.17 -4.17
N TYR A 324 -50.79 -4.34 -4.77
CA TYR A 324 -49.54 -4.44 -4.02
C TYR A 324 -48.56 -3.34 -4.38
N MET A 325 -47.69 -3.01 -3.42
CA MET A 325 -46.61 -2.05 -3.59
C MET A 325 -45.50 -2.45 -2.63
N TYR A 326 -44.25 -2.28 -3.05
CA TYR A 326 -43.11 -2.55 -2.20
C TYR A 326 -42.20 -1.35 -2.33
N THR A 327 -41.28 -1.18 -1.39
CA THR A 327 -40.32 -0.09 -1.49
C THR A 327 -39.13 -0.30 -0.58
N ASP A 328 -38.23 0.69 -0.55
CA ASP A 328 -36.99 0.62 0.22
C ASP A 328 -36.01 -0.43 -0.31
N ASN A 329 -35.64 -0.23 -1.57
CA ASN A 329 -34.80 -1.15 -2.30
C ASN A 329 -34.06 -0.36 -3.34
N GLY A 330 -32.77 -0.58 -3.50
CA GLY A 330 -32.07 -0.18 -4.72
C GLY A 330 -31.83 -1.44 -5.54
N PHE A 331 -32.46 -1.54 -6.72
CA PHE A 331 -32.26 -2.70 -7.58
C PHE A 331 -30.80 -2.87 -7.98
N TRP A 332 -30.05 -1.78 -8.07
CA TRP A 332 -28.64 -1.89 -8.40
C TRP A 332 -27.94 -2.82 -7.40
N ASP A 333 -28.42 -2.79 -6.17
CA ASP A 333 -27.91 -3.67 -5.10
CA ASP A 333 -27.86 -3.70 -5.18
C ASP A 333 -28.55 -5.05 -5.23
N THR A 334 -29.87 -5.05 -5.21
CA THR A 334 -30.59 -6.28 -4.93
C THR A 334 -30.87 -7.21 -6.10
N PHE A 335 -30.64 -6.77 -7.33
CA PHE A 335 -30.90 -7.65 -8.46
C PHE A 335 -29.95 -8.85 -8.49
N ARG A 336 -28.76 -8.66 -7.92
CA ARG A 336 -27.68 -9.63 -8.03
C ARG A 336 -27.90 -10.93 -7.29
N ALA A 337 -28.45 -10.86 -6.08
CA ALA A 337 -28.62 -12.07 -5.27
C ALA A 337 -29.88 -12.05 -4.40
N VAL A 338 -30.28 -10.89 -3.91
CA VAL A 338 -31.47 -10.83 -3.05
C VAL A 338 -32.76 -11.29 -3.77
N HIS A 339 -33.05 -10.74 -4.95
CA HIS A 339 -34.28 -11.11 -5.63
C HIS A 339 -34.25 -12.51 -6.23
N PRO A 340 -33.10 -12.92 -6.75
CA PRO A 340 -32.93 -14.31 -7.15
C PRO A 340 -33.18 -15.30 -6.00
N LEU A 341 -32.73 -14.98 -4.79
CA LEU A 341 -33.08 -15.82 -3.65
C LEU A 341 -34.59 -15.87 -3.49
N PHE A 342 -35.27 -14.74 -3.63
CA PHE A 342 -36.71 -14.75 -3.53
C PHE A 342 -37.31 -15.64 -4.62
N THR A 343 -36.83 -15.50 -5.86
CA THR A 343 -37.41 -16.29 -6.95
C THR A 343 -37.33 -17.79 -6.64
N LEU A 344 -36.32 -18.19 -5.86
CA LEU A 344 -36.13 -19.61 -5.58
C LEU A 344 -36.90 -20.05 -4.35
N LEU A 345 -36.67 -19.39 -3.22
CA LEU A 345 -37.24 -19.87 -1.95
C LEU A 345 -38.50 -19.15 -1.49
N TYR A 346 -38.75 -17.95 -1.99
CA TYR A 346 -39.92 -17.19 -1.57
C TYR A 346 -40.63 -16.59 -2.79
N PRO A 347 -40.99 -17.44 -3.76
CA PRO A 347 -41.45 -16.87 -5.04
C PRO A 347 -42.77 -16.12 -4.93
N GLU A 348 -43.52 -16.33 -3.85
CA GLU A 348 -44.77 -15.62 -3.67
C GLU A 348 -44.50 -14.13 -3.43
N VAL A 349 -43.30 -13.83 -2.92
CA VAL A 349 -42.88 -12.45 -2.76
C VAL A 349 -42.54 -11.83 -4.12
N SER A 350 -41.75 -12.54 -4.93
CA SER A 350 -41.42 -12.05 -6.28
C SER A 350 -42.69 -11.82 -7.12
N GLU A 351 -43.71 -12.64 -6.91
CA GLU A 351 -45.00 -12.45 -7.57
C GLU A 351 -45.56 -11.05 -7.33
N ARG A 352 -45.54 -10.61 -6.07
CA ARG A 352 -46.08 -9.31 -5.71
C ARG A 352 -45.11 -8.17 -6.04
N VAL A 353 -43.81 -8.43 -5.89
CA VAL A 353 -42.79 -7.42 -6.21
C VAL A 353 -42.81 -7.01 -7.68
N THR A 354 -42.82 -8.01 -8.58
CA THR A 354 -42.86 -7.74 -10.02
C THR A 354 -44.10 -6.91 -10.37
N GLN A 355 -45.25 -7.32 -9.85
CA GLN A 355 -46.48 -6.52 -9.99
C GLN A 355 -46.26 -5.08 -9.54
N SER A 356 -45.64 -4.91 -8.37
CA SER A 356 -45.46 -3.59 -7.77
CA SER A 356 -45.48 -3.59 -7.78
C SER A 356 -44.59 -2.69 -8.64
N ILE A 357 -43.64 -3.30 -9.36
CA ILE A 357 -42.81 -2.55 -10.28
C ILE A 357 -43.64 -1.93 -11.42
N ILE A 358 -44.53 -2.73 -12.02
CA ILE A 358 -45.44 -2.23 -13.04
C ILE A 358 -46.39 -1.20 -12.46
N ASN A 359 -46.82 -1.40 -11.21
CA ASN A 359 -47.69 -0.41 -10.58
C ASN A 359 -47.00 0.95 -10.50
N ALA A 360 -45.75 0.97 -10.06
CA ALA A 360 -44.97 2.20 -9.96
C ALA A 360 -44.82 2.85 -11.34
N TYR A 361 -44.56 2.02 -12.35
CA TYR A 361 -44.49 2.48 -13.74
C TYR A 361 -45.82 3.10 -14.18
N ASN A 362 -46.92 2.43 -13.88
CA ASN A 362 -48.23 2.99 -14.21
C ASN A 362 -48.49 4.30 -13.44
N GLU A 363 -47.96 4.39 -12.23
CA GLU A 363 -48.25 5.55 -11.40
C GLU A 363 -47.30 6.73 -11.63
N SER A 364 -46.17 6.50 -12.29
CA SER A 364 -45.14 7.56 -12.36
C SER A 364 -44.53 7.74 -13.75
N GLY A 365 -44.73 6.78 -14.64
CA GLY A 365 -44.16 6.86 -15.98
C GLY A 365 -42.85 6.09 -16.13
N PHE A 366 -42.24 5.71 -15.00
CA PHE A 366 -40.99 4.95 -15.02
C PHE A 366 -41.02 3.84 -13.99
N MET A 367 -40.27 2.77 -14.25
CA MET A 367 -40.03 1.75 -13.24
C MET A 367 -39.03 2.32 -12.24
N PRO A 368 -39.14 1.90 -10.98
CA PRO A 368 -38.18 2.38 -9.97
C PRO A 368 -36.81 1.72 -10.12
N GLU A 369 -35.76 2.40 -9.67
CA GLU A 369 -34.44 1.78 -9.56
C GLU A 369 -33.99 1.84 -8.10
N TRP A 370 -33.86 3.05 -7.55
CA TRP A 370 -33.77 3.18 -6.11
C TRP A 370 -35.09 3.78 -5.64
N ALA A 371 -35.73 3.14 -4.65
CA ALA A 371 -37.00 3.64 -4.15
C ALA A 371 -37.01 3.74 -2.63
N SER A 372 -37.46 4.86 -2.10
CA SER A 372 -37.53 5.02 -0.65
C SER A 372 -38.26 6.32 -0.41
N PRO A 373 -39.49 6.15 0.08
CA PRO A 373 -40.52 5.38 -0.63
C PRO A 373 -40.70 5.41 -2.14
N GLY A 374 -40.60 6.60 -2.73
CA GLY A 374 -40.79 6.78 -4.15
C GLY A 374 -39.46 6.89 -4.84
N HIS A 375 -39.41 7.47 -6.03
CA HIS A 375 -38.16 7.57 -6.76
C HIS A 375 -37.12 8.37 -5.99
N ARG A 376 -35.92 7.83 -5.85
CA ARG A 376 -34.81 8.55 -5.23
C ARG A 376 -33.59 8.54 -6.16
N GLY A 377 -32.89 9.67 -6.27
CA GLY A 377 -31.71 9.75 -7.12
C GLY A 377 -30.52 9.05 -6.49
N CYS A 378 -30.27 7.82 -6.91
CA CYS A 378 -29.23 6.99 -6.31
C CYS A 378 -28.77 5.87 -7.23
N MET A 379 -27.46 5.77 -7.43
CA MET A 379 -26.82 4.69 -8.21
C MET A 379 -27.19 4.70 -9.71
N ILE A 380 -27.13 3.54 -10.36
CA ILE A 380 -27.19 3.49 -11.83
C ILE A 380 -27.85 2.22 -12.32
N GLY A 381 -28.05 2.14 -13.64
CA GLY A 381 -28.52 0.92 -14.26
C GLY A 381 -30.02 0.84 -14.48
N ASN A 382 -30.45 -0.21 -15.18
CA ASN A 382 -31.87 -0.47 -15.43
C ASN A 382 -32.18 -1.84 -14.89
N ASN A 383 -31.78 -2.07 -13.65
CA ASN A 383 -31.84 -3.40 -13.09
C ASN A 383 -33.24 -3.80 -12.64
N SER A 384 -34.18 -2.87 -12.69
CA SER A 384 -35.59 -3.21 -12.53
C SER A 384 -35.95 -4.25 -13.58
N VAL A 385 -35.35 -4.11 -14.77
CA VAL A 385 -35.58 -5.04 -15.86
C VAL A 385 -35.16 -6.45 -15.44
N SER A 386 -33.99 -6.56 -14.85
CA SER A 386 -33.47 -7.84 -14.36
C SER A 386 -34.47 -8.57 -13.46
N LEU A 387 -35.09 -7.85 -12.54
CA LEU A 387 -36.07 -8.49 -11.64
C LEU A 387 -37.24 -9.09 -12.41
N LEU A 388 -37.82 -8.31 -13.32
CA LEU A 388 -38.94 -8.79 -14.13
C LEU A 388 -38.55 -10.01 -14.95
N VAL A 389 -37.41 -9.92 -15.62
CA VAL A 389 -36.99 -10.94 -16.58
C VAL A 389 -36.50 -12.22 -15.89
N ASP A 390 -35.68 -12.06 -14.85
CA ASP A 390 -35.24 -13.22 -14.06
C ASP A 390 -36.43 -13.99 -13.55
N ALA A 391 -37.41 -13.29 -12.99
CA ALA A 391 -38.60 -13.96 -12.47
C ALA A 391 -39.33 -14.68 -13.62
N TRP A 392 -39.47 -13.98 -14.74
CA TRP A 392 -40.19 -14.51 -15.89
C TRP A 392 -39.61 -15.84 -16.38
N MET A 393 -38.29 -15.92 -16.52
CA MET A 393 -37.64 -17.14 -17.03
C MET A 393 -37.68 -18.26 -16.00
N LYS A 394 -38.06 -17.91 -14.78
CA LYS A 394 -38.24 -18.91 -13.74
C LYS A 394 -39.72 -19.29 -13.56
N GLY A 395 -40.58 -18.84 -14.47
CA GLY A 395 -42.00 -19.20 -14.40
C GLY A 395 -42.86 -18.31 -13.51
N ILE A 396 -42.28 -17.26 -12.96
CA ILE A 396 -43.06 -16.30 -12.16
C ILE A 396 -43.55 -15.22 -13.11
N GLN A 397 -44.82 -15.30 -13.47
CA GLN A 397 -45.37 -14.47 -14.53
C GLN A 397 -46.72 -13.87 -14.16
N THR A 398 -46.70 -12.90 -13.24
CA THR A 398 -47.93 -12.30 -12.77
C THR A 398 -48.21 -10.99 -13.49
N VAL A 399 -47.23 -10.42 -14.16
CA VAL A 399 -47.46 -9.19 -14.89
C VAL A 399 -47.86 -9.50 -16.32
N ASP A 400 -48.54 -8.56 -16.96
CA ASP A 400 -48.89 -8.71 -18.36
C ASP A 400 -47.63 -8.52 -19.22
N ALA A 401 -47.43 -9.45 -20.16
CA ALA A 401 -46.20 -9.45 -20.96
C ALA A 401 -45.97 -8.18 -21.77
N GLU A 402 -47.00 -7.77 -22.52
CA GLU A 402 -46.89 -6.58 -23.35
C GLU A 402 -46.64 -5.33 -22.51
N LYS A 403 -47.35 -5.22 -21.38
CA LYS A 403 -47.17 -4.08 -20.51
C LYS A 403 -45.76 -4.03 -19.93
N ALA A 404 -45.26 -5.18 -19.50
CA ALA A 404 -43.89 -5.25 -18.97
C ALA A 404 -42.85 -4.89 -20.04
N LEU A 405 -43.02 -5.43 -21.24
CA LEU A 405 -42.12 -5.13 -22.32
C LEU A 405 -42.11 -3.65 -22.69
N GLU A 406 -43.28 -3.04 -22.75
CA GLU A 406 -43.38 -1.61 -23.01
C GLU A 406 -42.66 -0.80 -21.92
N ALA A 407 -42.81 -1.21 -20.67
CA ALA A 407 -42.14 -0.48 -19.57
C ALA A 407 -40.63 -0.64 -19.65
N MET A 408 -40.17 -1.83 -20.01
CA MET A 408 -38.73 -2.08 -20.16
C MET A 408 -38.13 -1.21 -21.25
N ILE A 409 -38.79 -1.19 -22.41
CA ILE A 409 -38.25 -0.47 -23.56
C ILE A 409 -38.18 1.00 -23.20
N HIS A 410 -39.23 1.51 -22.56
CA HIS A 410 -39.29 2.91 -22.18
C HIS A 410 -38.19 3.29 -21.19
N GLN A 411 -37.83 2.35 -20.31
CA GLN A 411 -36.82 2.61 -19.28
C GLN A 411 -35.47 2.83 -19.95
N THR A 412 -35.31 2.26 -21.14
CA THR A 412 -34.06 2.36 -21.90
C THR A 412 -34.09 3.46 -22.95
N GLN A 413 -35.24 4.10 -23.15
CA GLN A 413 -35.42 5.11 -24.21
C GLN A 413 -35.85 6.46 -23.64
N ALA A 414 -35.73 6.64 -22.35
CA ALA A 414 -36.14 7.90 -21.78
C ALA A 414 -35.48 8.04 -20.43
N ARG A 415 -35.46 9.26 -19.92
CA ARG A 415 -34.90 9.51 -18.61
C ARG A 415 -35.72 10.58 -17.90
N HIS A 416 -35.87 10.41 -16.59
CA HIS A 416 -36.57 11.38 -15.77
C HIS A 416 -35.92 12.76 -15.93
N ALA A 417 -36.75 13.80 -15.98
CA ALA A 417 -36.27 15.15 -16.22
C ALA A 417 -35.24 15.63 -15.19
N GLU A 418 -35.43 15.28 -13.91
CA GLU A 418 -34.44 15.68 -12.88
C GLU A 418 -33.70 14.56 -12.17
N ILE A 419 -34.23 13.34 -12.20
CA ILE A 419 -33.57 12.27 -11.46
C ILE A 419 -32.81 11.36 -12.43
N ALA A 420 -31.50 11.47 -12.42
CA ALA A 420 -30.66 10.78 -13.41
C ALA A 420 -30.78 9.25 -13.34
N SER A 421 -30.94 8.71 -12.13
CA SER A 421 -31.03 7.27 -11.95
C SER A 421 -32.36 6.67 -12.41
N VAL A 422 -33.35 7.50 -12.76
CA VAL A 422 -34.66 6.99 -13.16
C VAL A 422 -34.81 7.01 -14.69
N GLY A 423 -34.86 5.82 -15.30
CA GLY A 423 -34.79 5.72 -16.76
C GLY A 423 -33.33 5.46 -17.12
N ARG A 424 -32.90 5.92 -18.29
CA ARG A 424 -31.53 5.63 -18.75
C ARG A 424 -30.73 6.90 -19.03
N ASP A 425 -29.99 7.36 -18.03
CA ASP A 425 -29.14 8.54 -18.18
C ASP A 425 -28.15 8.28 -19.31
N GLY A 426 -28.16 9.13 -20.31
CA GLY A 426 -27.22 8.98 -21.41
C GLY A 426 -27.69 8.07 -22.53
N PHE A 427 -28.98 7.81 -22.61
CA PHE A 427 -29.47 6.87 -23.63
C PHE A 427 -29.22 7.35 -25.07
N GLU A 428 -29.33 8.65 -25.32
CA GLU A 428 -29.09 9.18 -26.67
C GLU A 428 -27.71 8.78 -27.13
N TYR A 429 -26.68 9.16 -26.37
CA TYR A 429 -25.33 8.79 -26.72
C TYR A 429 -25.20 7.28 -26.94
N TYR A 430 -25.70 6.51 -25.99
CA TYR A 430 -25.52 5.06 -26.00
C TYR A 430 -26.10 4.42 -27.26
N ASP A 431 -27.30 4.84 -27.64
CA ASP A 431 -27.90 4.37 -28.88
C ASP A 431 -27.07 4.78 -30.12
N LYS A 432 -26.58 6.02 -30.14
CA LYS A 432 -25.84 6.49 -31.29
C LYS A 432 -24.43 5.89 -31.34
N LEU A 433 -23.74 5.87 -30.20
CA LEU A 433 -22.33 5.49 -30.17
C LEU A 433 -22.03 4.05 -29.84
N GLY A 434 -22.93 3.35 -29.14
CA GLY A 434 -22.60 2.01 -28.67
C GLY A 434 -21.98 2.01 -27.28
N TYR A 435 -21.85 3.21 -26.70
CA TYR A 435 -21.40 3.37 -25.34
C TYR A 435 -21.80 4.76 -24.85
N VAL A 436 -21.76 4.95 -23.54
CA VAL A 436 -21.97 6.25 -22.93
C VAL A 436 -20.61 6.89 -22.73
N PRO A 437 -20.46 8.13 -23.20
CA PRO A 437 -19.18 8.83 -23.20
C PRO A 437 -18.88 9.60 -21.92
N TYR A 438 -17.60 9.69 -21.60
CA TYR A 438 -17.13 10.48 -20.47
C TYR A 438 -16.04 11.48 -20.82
N PRO A 439 -16.37 12.77 -20.69
CA PRO A 439 -16.77 13.25 -19.37
C PRO A 439 -18.20 13.80 -19.54
N GLU A 440 -18.80 13.64 -20.72
CA GLU A 440 -20.12 14.16 -21.01
C GLU A 440 -21.14 13.67 -20.00
N VAL A 441 -21.00 12.41 -19.60
CA VAL A 441 -21.93 11.79 -18.65
C VAL A 441 -21.18 11.15 -17.51
N PRO A 442 -21.54 11.51 -16.28
CA PRO A 442 -20.86 10.97 -15.11
C PRO A 442 -21.01 9.45 -15.04
N GLU A 443 -19.93 8.77 -14.71
CA GLU A 443 -20.02 7.35 -14.42
C GLU A 443 -20.41 6.57 -15.66
N ALA A 444 -20.03 7.11 -16.81
CA ALA A 444 -20.37 6.62 -18.14
C ALA A 444 -20.02 5.16 -18.41
N THR A 445 -18.85 4.72 -17.96
CA THR A 445 -18.43 3.38 -18.27
C THR A 445 -19.21 2.33 -17.49
N ALA A 446 -19.38 2.56 -16.19
CA ALA A 446 -20.19 1.64 -15.38
C ALA A 446 -21.61 1.60 -15.92
N LYS A 447 -22.11 2.76 -16.32
CA LYS A 447 -23.43 2.83 -16.90
C LYS A 447 -23.51 1.99 -18.17
N THR A 448 -22.54 2.13 -19.06
CA THR A 448 -22.52 1.35 -20.29
C THR A 448 -22.60 -0.15 -20.00
N LEU A 449 -21.83 -0.60 -19.01
CA LEU A 449 -21.76 -2.01 -18.70
C LEU A 449 -23.08 -2.52 -18.15
N GLU A 450 -23.70 -1.73 -17.31
CA GLU A 450 -24.99 -2.08 -16.78
C GLU A 450 -26.07 -2.07 -17.87
N TYR A 451 -26.00 -1.09 -18.76
CA TYR A 451 -27.00 -1.00 -19.84
C TYR A 451 -26.92 -2.21 -20.78
N ALA A 452 -25.69 -2.68 -21.04
CA ALA A 452 -25.52 -3.78 -21.95
C ALA A 452 -26.20 -5.04 -21.39
N TYR A 453 -26.07 -5.23 -20.09
CA TYR A 453 -26.74 -6.34 -19.41
C TYR A 453 -28.27 -6.16 -19.46
N ALA A 454 -28.76 -4.95 -19.16
CA ALA A 454 -30.20 -4.71 -19.20
C ALA A 454 -30.78 -5.01 -20.59
N ASP A 455 -30.05 -4.62 -21.61
CA ASP A 455 -30.50 -4.83 -22.97
C ASP A 455 -30.52 -6.32 -23.27
N TRP A 456 -29.51 -7.03 -22.79
CA TRP A 456 -29.49 -8.47 -22.97
C TRP A 456 -30.74 -9.08 -22.32
N CYS A 457 -31.12 -8.57 -21.13
CA CYS A 457 -32.35 -8.98 -20.44
C CYS A 457 -33.61 -8.77 -21.29
N ILE A 458 -33.76 -7.58 -21.86
CA ILE A 458 -34.94 -7.26 -22.66
C ILE A 458 -35.01 -8.14 -23.91
N ALA A 459 -33.86 -8.39 -24.51
CA ALA A 459 -33.79 -9.30 -25.65
C ALA A 459 -34.28 -10.70 -25.25
N ARG A 460 -33.76 -11.21 -24.14
CA ARG A 460 -34.18 -12.52 -23.64
C ARG A 460 -35.68 -12.54 -23.42
N PHE A 461 -36.22 -11.45 -22.89
CA PHE A 461 -37.66 -11.36 -22.58
C PHE A 461 -38.47 -11.39 -23.88
N ALA A 462 -38.11 -10.54 -24.83
CA ALA A 462 -38.85 -10.53 -26.11
C ALA A 462 -38.74 -11.88 -26.82
N GLU A 463 -37.54 -12.46 -26.81
CA GLU A 463 -37.33 -13.77 -27.41
C GLU A 463 -38.31 -14.79 -26.83
N SER A 464 -38.49 -14.80 -25.51
CA SER A 464 -39.38 -15.77 -24.90
C SER A 464 -40.86 -15.55 -25.23
N LEU A 465 -41.20 -14.38 -25.77
CA LEU A 465 -42.59 -14.08 -26.12
C LEU A 465 -42.88 -14.40 -27.57
N GLY A 466 -41.81 -14.64 -28.34
CA GLY A 466 -41.93 -14.89 -29.77
C GLY A 466 -41.60 -13.65 -30.59
N LYS A 467 -41.34 -12.53 -29.92
CA LYS A 467 -41.08 -11.30 -30.65
C LYS A 467 -39.63 -11.23 -31.10
N GLN A 468 -39.31 -11.98 -32.16
CA GLN A 468 -37.93 -12.14 -32.59
C GLN A 468 -37.31 -10.87 -33.19
N ASP A 469 -38.12 -10.02 -33.82
CA ASP A 469 -37.61 -8.73 -34.34
C ASP A 469 -37.06 -7.88 -33.20
N ILE A 470 -37.86 -7.73 -32.16
CA ILE A 470 -37.44 -6.90 -31.03
C ILE A 470 -36.29 -7.54 -30.27
N ALA A 471 -36.29 -8.86 -30.17
CA ALA A 471 -35.20 -9.55 -29.49
C ALA A 471 -33.87 -9.33 -30.22
N ASP A 472 -33.89 -9.40 -31.55
CA ASP A 472 -32.69 -9.14 -32.37
C ASP A 472 -32.12 -7.74 -32.19
N GLN A 473 -32.99 -6.73 -32.13
CA GLN A 473 -32.58 -5.36 -31.86
C GLN A 473 -31.77 -5.24 -30.57
N TYR A 474 -32.28 -5.86 -29.51
CA TYR A 474 -31.64 -5.73 -28.20
C TYR A 474 -30.41 -6.60 -28.04
N TYR A 475 -30.42 -7.79 -28.63
CA TYR A 475 -29.25 -8.63 -28.65
C TYR A 475 -28.11 -7.91 -29.36
N GLN A 476 -28.44 -7.04 -30.29
CA GLN A 476 -27.41 -6.22 -30.96
C GLN A 476 -26.63 -5.40 -29.94
N LYS A 477 -27.29 -4.99 -28.87
CA LYS A 477 -26.66 -4.16 -27.85
C LYS A 477 -25.93 -4.93 -26.75
N ALA A 478 -26.25 -6.22 -26.60
CA ALA A 478 -25.67 -7.02 -25.53
C ALA A 478 -24.14 -7.04 -25.52
N PRO A 479 -23.50 -6.98 -26.71
CA PRO A 479 -22.04 -6.92 -26.69
C PRO A 479 -21.49 -5.50 -26.57
N ASN A 480 -22.32 -4.52 -26.23
CA ASN A 480 -21.80 -3.15 -26.12
C ASN A 480 -20.62 -2.97 -25.15
N TYR A 481 -20.46 -3.89 -24.20
CA TYR A 481 -19.33 -3.82 -23.27
C TYR A 481 -18.00 -3.83 -24.04
N ARG A 482 -18.00 -4.41 -25.24
CA ARG A 482 -16.78 -4.51 -26.04
C ARG A 482 -16.29 -3.13 -26.45
N ASN A 483 -17.21 -2.19 -26.62
CA ASN A 483 -16.84 -0.86 -27.07
C ASN A 483 -15.97 -0.08 -26.07
N LEU A 484 -15.92 -0.53 -24.83
CA LEU A 484 -15.12 0.22 -23.84
C LEU A 484 -13.90 -0.53 -23.35
N TYR A 485 -13.64 -1.69 -23.95
CA TYR A 485 -12.45 -2.45 -23.63
C TYR A 485 -11.23 -1.91 -24.36
N TYR A 486 -10.22 -1.48 -23.61
CA TYR A 486 -8.98 -0.88 -24.14
C TYR A 486 -7.96 -2.01 -24.34
N PRO A 487 -7.79 -2.47 -25.59
CA PRO A 487 -6.93 -3.63 -25.89
C PRO A 487 -5.46 -3.46 -25.46
N GLU A 488 -4.91 -2.26 -25.64
CA GLU A 488 -3.54 -2.01 -25.24
C GLU A 488 -3.29 -2.36 -23.77
N HIS A 489 -4.21 -1.98 -22.89
CA HIS A 489 -4.06 -2.25 -21.45
C HIS A 489 -4.85 -3.44 -20.93
N GLY A 490 -5.80 -3.95 -21.71
CA GLY A 490 -6.59 -5.07 -21.27
C GLY A 490 -7.56 -4.82 -20.12
N PHE A 491 -8.15 -3.63 -20.06
CA PHE A 491 -9.13 -3.30 -19.04
C PHE A 491 -10.22 -2.44 -19.68
N MET A 492 -11.38 -2.32 -19.02
CA MET A 492 -12.36 -1.32 -19.44
C MET A 492 -11.85 0.07 -19.14
N TRP A 493 -12.21 1.03 -19.97
CA TRP A 493 -11.76 2.37 -19.77
C TRP A 493 -12.89 3.20 -20.26
N THR A 494 -12.61 4.41 -20.71
CA THR A 494 -13.68 5.31 -21.14
C THR A 494 -13.28 6.14 -22.35
N LYS A 495 -14.26 6.61 -23.10
CA LYS A 495 -14.03 7.45 -24.28
C LYS A 495 -14.90 8.67 -24.17
N ASP A 496 -14.51 9.79 -24.77
CA ASP A 496 -15.45 10.91 -24.88
C ASP A 496 -16.35 10.71 -26.11
N ALA A 497 -17.18 11.69 -26.42
CA ALA A 497 -18.18 11.54 -27.48
C ALA A 497 -17.57 11.44 -28.88
N LYS A 498 -16.28 11.75 -29.01
CA LYS A 498 -15.65 11.69 -30.32
C LYS A 498 -14.80 10.45 -30.51
N GLY A 499 -14.91 9.52 -29.55
CA GLY A 499 -14.22 8.24 -29.63
C GLY A 499 -12.80 8.24 -29.08
N ASN A 500 -12.37 9.36 -28.49
CA ASN A 500 -11.02 9.45 -27.92
C ASN A 500 -10.93 8.80 -26.54
N TRP A 501 -9.99 7.86 -26.36
CA TRP A 501 -9.74 7.30 -25.04
C TRP A 501 -9.31 8.41 -24.09
N ARG A 502 -9.69 8.29 -22.82
CA ARG A 502 -9.24 9.24 -21.83
C ARG A 502 -7.75 9.04 -21.53
N ASP A 503 -7.03 10.14 -21.33
CA ASP A 503 -5.57 10.12 -21.08
C ASP A 503 -5.17 9.35 -19.84
N ARG A 504 -3.95 8.80 -19.86
CA ARG A 504 -3.32 8.28 -18.65
C ARG A 504 -4.13 7.16 -18.01
N PHE A 505 -4.21 6.03 -18.71
CA PHE A 505 -4.92 4.88 -18.20
C PHE A 505 -4.41 4.48 -16.83
N ASP A 506 -5.33 4.15 -15.93
CA ASP A 506 -4.95 3.71 -14.59
C ASP A 506 -6.01 2.74 -14.10
N ALA A 507 -5.65 1.45 -14.06
CA ALA A 507 -6.57 0.39 -13.65
C ALA A 507 -7.18 0.63 -12.28
N THR A 508 -6.42 1.27 -11.38
CA THR A 508 -6.86 1.36 -10.00
C THR A 508 -7.50 2.69 -9.66
N GLU A 509 -7.60 3.58 -10.64
CA GLU A 509 -8.20 4.90 -10.39
C GLU A 509 -9.72 4.86 -10.23
N TRP A 510 -10.21 5.35 -9.09
CA TRP A 510 -11.64 5.37 -8.78
C TRP A 510 -12.36 6.56 -9.39
N GLY A 511 -13.69 6.50 -9.39
CA GLY A 511 -14.50 7.65 -9.78
C GLY A 511 -14.51 7.91 -11.28
N GLY A 512 -14.91 9.12 -11.68
CA GLY A 512 -14.98 9.48 -13.09
C GLY A 512 -16.00 8.65 -13.86
N PRO A 513 -15.54 7.87 -14.85
CA PRO A 513 -16.44 7.01 -15.60
C PRO A 513 -16.85 5.75 -14.82
N PHE A 514 -16.29 5.55 -13.62
CA PHE A 514 -16.67 4.38 -12.84
C PHE A 514 -17.51 4.75 -11.62
N THR A 515 -18.25 3.77 -11.10
CA THR A 515 -19.14 3.98 -9.96
C THR A 515 -18.64 3.16 -8.79
N GLU A 516 -18.29 3.82 -7.70
CA GLU A 516 -17.94 3.08 -6.49
C GLU A 516 -16.91 2.00 -6.82
N GLY A 517 -15.89 2.33 -7.60
CA GLY A 517 -14.89 1.35 -7.95
C GLY A 517 -13.97 1.87 -9.03
N SER A 518 -13.08 1.00 -9.49
CA SER A 518 -12.18 1.31 -10.59
C SER A 518 -12.34 0.27 -11.71
N SER A 519 -11.58 0.44 -12.79
CA SER A 519 -11.58 -0.54 -13.86
C SER A 519 -11.23 -1.93 -13.35
N TRP A 520 -10.38 -1.98 -12.34
CA TRP A 520 -10.03 -3.24 -11.70
C TRP A 520 -11.30 -3.99 -11.31
N HIS A 521 -12.33 -3.27 -10.88
CA HIS A 521 -13.57 -3.93 -10.48
C HIS A 521 -14.49 -4.09 -11.66
N TRP A 522 -14.77 -2.98 -12.35
CA TRP A 522 -15.78 -2.92 -13.41
C TRP A 522 -15.48 -3.78 -14.65
N THR A 523 -14.21 -4.09 -14.88
CA THR A 523 -13.85 -4.90 -16.04
C THR A 523 -14.55 -6.26 -16.01
N TRP A 524 -14.95 -6.69 -14.81
CA TRP A 524 -15.54 -8.02 -14.65
C TRP A 524 -17.06 -8.01 -14.83
N SER A 525 -17.62 -6.81 -14.96
CA SER A 525 -19.07 -6.68 -15.01
C SER A 525 -19.65 -7.06 -16.39
N VAL A 526 -19.48 -8.32 -16.78
CA VAL A 526 -20.07 -8.86 -18.00
C VAL A 526 -20.66 -10.23 -17.66
N PHE A 527 -21.64 -10.26 -16.77
CA PHE A 527 -22.13 -11.56 -16.30
C PHE A 527 -22.95 -12.35 -17.32
N HIS A 528 -23.50 -11.65 -18.31
CA HIS A 528 -24.22 -12.31 -19.41
C HIS A 528 -23.32 -12.86 -20.52
N ASP A 529 -22.00 -12.63 -20.43
CA ASP A 529 -21.07 -13.09 -21.47
C ASP A 529 -19.63 -13.30 -21.00
N PRO A 530 -19.42 -14.18 -20.01
CA PRO A 530 -18.06 -14.42 -19.54
C PRO A 530 -17.14 -14.90 -20.66
N GLU A 531 -17.67 -15.73 -21.55
CA GLU A 531 -16.88 -16.19 -22.68
C GLU A 531 -16.41 -15.02 -23.57
N GLY A 532 -17.33 -14.11 -23.87
CA GLY A 532 -16.98 -12.93 -24.63
C GLY A 532 -15.93 -12.10 -23.93
N LEU A 533 -16.06 -11.93 -22.63
CA LEU A 533 -15.07 -11.19 -21.88
C LEU A 533 -13.71 -11.88 -22.01
N SER A 534 -13.72 -13.21 -21.96
CA SER A 534 -12.45 -13.92 -22.14
C SER A 534 -11.91 -13.74 -23.55
N GLU A 535 -12.79 -13.64 -24.55
CA GLU A 535 -12.34 -13.35 -25.91
C GLU A 535 -11.60 -12.01 -25.95
N LEU A 536 -12.13 -11.00 -25.26
CA LEU A 536 -11.42 -9.73 -25.23
C LEU A 536 -10.03 -9.89 -24.60
N MET A 537 -9.93 -10.68 -23.54
CA MET A 537 -8.69 -10.80 -22.79
C MET A 537 -7.64 -11.67 -23.46
N GLY A 538 -8.04 -12.42 -24.50
CA GLY A 538 -7.10 -13.26 -25.22
C GLY A 538 -7.38 -14.74 -25.11
N GLY A 539 -8.36 -15.10 -24.28
CA GLY A 539 -8.72 -16.52 -24.09
C GLY A 539 -8.88 -16.89 -22.62
N HIS A 540 -9.28 -18.12 -22.36
CA HIS A 540 -9.47 -18.56 -20.98
C HIS A 540 -8.20 -18.41 -20.16
N GLU A 541 -7.07 -18.68 -20.79
CA GLU A 541 -5.80 -18.72 -20.08
C GLU A 541 -5.42 -17.36 -19.54
N PRO A 542 -5.41 -16.34 -20.41
CA PRO A 542 -5.16 -15.02 -19.87
C PRO A 542 -6.26 -14.58 -18.89
N MET A 543 -7.53 -14.91 -19.15
CA MET A 543 -8.57 -14.54 -18.18
C MET A 543 -8.26 -15.15 -16.82
N ILE A 544 -7.90 -16.44 -16.81
CA ILE A 544 -7.59 -17.09 -15.55
C ILE A 544 -6.45 -16.41 -14.79
N ALA A 545 -5.39 -16.03 -15.49
CA ALA A 545 -4.24 -15.40 -14.85
C ALA A 545 -4.65 -14.08 -14.21
N ARG A 546 -5.50 -13.35 -14.91
CA ARG A 546 -6.01 -12.05 -14.46
C ARG A 546 -6.87 -12.22 -13.19
N LEU A 547 -7.74 -13.22 -13.18
CA LEU A 547 -8.53 -13.53 -11.98
C LEU A 547 -7.60 -13.93 -10.86
N ASP A 548 -6.62 -14.77 -11.18
CA ASP A 548 -5.70 -15.27 -10.17
C ASP A 548 -5.04 -14.10 -9.49
N SER A 549 -4.76 -13.07 -10.27
CA SER A 549 -4.05 -11.91 -9.76
C SER A 549 -4.88 -11.11 -8.77
N MET A 550 -6.20 -11.22 -8.82
CA MET A 550 -7.05 -10.50 -7.87
C MET A 550 -7.06 -11.10 -6.47
N PHE A 551 -6.82 -12.39 -6.37
CA PHE A 551 -6.79 -13.02 -5.07
C PHE A 551 -5.35 -13.26 -4.67
N VAL A 552 -4.71 -12.23 -4.11
CA VAL A 552 -3.30 -12.31 -3.74
C VAL A 552 -3.10 -13.31 -2.60
N ALA A 553 -2.15 -14.21 -2.77
CA ALA A 553 -1.94 -15.26 -1.81
C ALA A 553 -0.92 -14.79 -0.80
N PRO A 554 -0.91 -15.44 0.36
CA PRO A 554 0.13 -15.02 1.30
C PRO A 554 1.53 -15.36 0.77
N ASN A 555 2.46 -14.42 0.86
CA ASN A 555 3.87 -14.70 0.62
C ASN A 555 4.65 -14.64 1.93
N THR A 556 5.11 -15.79 2.40
CA THR A 556 5.84 -15.86 3.65
C THR A 556 7.34 -15.85 3.46
N TYR A 557 7.78 -16.04 2.22
CA TYR A 557 9.19 -16.15 1.93
C TYR A 557 9.79 -17.29 2.74
N ASN A 558 10.92 -17.02 3.37
CA ASN A 558 11.59 -18.01 4.21
C ASN A 558 11.20 -17.90 5.69
N TYR A 559 10.19 -17.09 5.99
CA TYR A 559 9.81 -16.89 7.38
C TYR A 559 8.96 -18.02 7.98
N GLY A 560 8.40 -18.89 7.15
CA GLY A 560 7.65 -20.02 7.69
C GLY A 560 8.37 -20.63 8.87
N THR A 561 9.71 -20.53 8.86
CA THR A 561 10.52 -21.11 9.92
C THR A 561 9.84 -20.79 11.24
N TYR A 562 9.45 -19.53 11.40
CA TYR A 562 8.81 -19.08 12.62
C TYR A 562 7.52 -19.87 12.87
N GLY A 563 7.19 -20.76 11.93
CA GLY A 563 6.02 -21.63 12.07
C GLY A 563 4.76 -21.11 11.42
N PHE A 564 3.64 -21.82 11.63
CA PHE A 564 2.38 -21.48 10.99
C PHE A 564 1.82 -20.12 11.47
N VAL A 565 2.24 -19.69 12.66
CA VAL A 565 1.87 -18.37 13.16
C VAL A 565 2.25 -17.34 12.12
N ILE A 566 3.35 -17.63 11.42
CA ILE A 566 3.82 -16.80 10.32
C ILE A 566 2.83 -16.88 9.16
N HIS A 567 2.23 -18.05 8.97
CA HIS A 567 1.25 -18.23 7.90
C HIS A 567 -0.02 -17.40 8.11
N GLU A 568 -0.44 -17.25 9.37
CA GLU A 568 -1.68 -16.53 9.68
C GLU A 568 -1.53 -15.02 9.46
N ILE A 569 -0.49 -14.45 10.05
CA ILE A 569 -0.25 -13.01 9.94
C ILE A 569 -0.07 -12.59 8.48
N ALA A 570 0.57 -13.45 7.70
CA ALA A 570 0.79 -13.16 6.29
C ALA A 570 -0.52 -12.97 5.53
N GLU A 571 -1.51 -13.80 5.84
CA GLU A 571 -2.79 -13.72 5.14
C GLU A 571 -3.53 -12.41 5.44
N MET A 572 -3.49 -11.97 6.69
CA MET A 572 -4.12 -10.70 7.04
C MET A 572 -3.63 -9.65 6.07
N VAL A 573 -2.33 -9.58 5.92
CA VAL A 573 -1.74 -8.52 5.13
C VAL A 573 -2.22 -8.62 3.69
N ALA A 574 -2.14 -9.82 3.14
CA ALA A 574 -2.52 -10.07 1.75
C ALA A 574 -3.96 -9.62 1.50
N LEU A 575 -4.80 -9.82 2.50
CA LEU A 575 -6.15 -9.27 2.51
C LEU A 575 -6.08 -7.76 2.72
N ASN A 576 -5.30 -7.38 3.73
CA ASN A 576 -5.24 -6.01 4.25
C ASN A 576 -4.89 -5.00 3.18
N MET A 577 -4.53 -5.49 2.00
CA MET A 577 -4.27 -4.61 0.87
C MET A 577 -5.34 -4.73 -0.21
N GLY A 578 -6.11 -5.83 -0.15
CA GLY A 578 -7.37 -6.00 -0.89
C GLY A 578 -7.47 -5.89 -2.41
N GLN A 579 -6.79 -6.77 -3.15
CA GLN A 579 -6.90 -6.80 -4.62
C GLN A 579 -8.33 -7.08 -5.14
N TYR A 580 -9.03 -8.03 -4.53
CA TYR A 580 -10.43 -8.22 -4.80
C TYR A 580 -11.12 -7.69 -3.58
N ALA A 581 -12.02 -6.74 -3.77
CA ALA A 581 -12.68 -6.11 -2.64
C ALA A 581 -14.02 -6.81 -2.45
N HIS A 582 -14.04 -7.82 -1.59
CA HIS A 582 -15.28 -8.52 -1.35
C HIS A 582 -16.39 -7.56 -0.92
N GLY A 583 -17.49 -7.61 -1.65
CA GLY A 583 -18.61 -6.74 -1.36
C GLY A 583 -18.74 -5.60 -2.35
N ASN A 584 -17.71 -5.37 -3.16
CA ASN A 584 -17.82 -4.41 -4.23
C ASN A 584 -18.72 -4.98 -5.30
N GLN A 585 -19.81 -4.30 -5.60
CA GLN A 585 -20.85 -4.93 -6.42
C GLN A 585 -20.42 -5.56 -7.74
N PRO A 586 -19.72 -4.81 -8.59
CA PRO A 586 -19.43 -5.37 -9.89
C PRO A 586 -18.54 -6.62 -9.88
N VAL A 587 -17.92 -6.95 -8.74
CA VAL A 587 -17.10 -8.16 -8.68
C VAL A 587 -17.66 -9.26 -7.78
N GLN A 588 -18.90 -9.13 -7.34
CA GLN A 588 -19.46 -10.10 -6.40
C GLN A 588 -19.54 -11.51 -7.01
N HIS A 589 -19.76 -11.56 -8.31
CA HIS A 589 -19.85 -12.83 -9.03
C HIS A 589 -18.47 -13.35 -9.46
N ALA A 590 -17.44 -12.52 -9.39
CA ALA A 590 -16.18 -12.82 -10.07
C ALA A 590 -15.54 -14.15 -9.67
N ILE A 591 -15.66 -14.52 -8.39
CA ILE A 591 -15.05 -15.78 -7.96
C ILE A 591 -15.64 -16.97 -8.69
N TYR A 592 -16.91 -16.86 -9.08
CA TYR A 592 -17.59 -17.95 -9.80
C TYR A 592 -17.18 -18.07 -11.28
N LEU A 593 -16.38 -17.13 -11.77
CA LEU A 593 -16.07 -17.09 -13.19
C LEU A 593 -15.17 -18.24 -13.61
N TYR A 594 -14.39 -18.79 -12.68
CA TYR A 594 -13.60 -19.97 -12.99
C TYR A 594 -14.46 -21.12 -13.51
N ASP A 595 -15.71 -21.19 -13.06
CA ASP A 595 -16.67 -22.20 -13.55
C ASP A 595 -16.89 -22.13 -15.07
N TYR A 596 -16.62 -20.97 -15.66
CA TYR A 596 -16.92 -20.73 -17.08
C TYR A 596 -15.72 -20.96 -17.97
N ILE A 597 -14.55 -21.10 -17.35
CA ILE A 597 -13.32 -21.18 -18.11
C ILE A 597 -12.43 -22.36 -17.71
N GLY A 598 -13.02 -23.38 -17.09
CA GLY A 598 -12.34 -24.66 -16.93
C GLY A 598 -11.56 -24.95 -15.65
N GLN A 599 -11.69 -24.10 -14.64
CA GLN A 599 -11.02 -24.38 -13.38
C GLN A 599 -11.93 -24.19 -12.15
N PRO A 600 -12.97 -25.03 -12.03
CA PRO A 600 -13.94 -24.88 -10.93
C PRO A 600 -13.32 -25.05 -9.55
N TRP A 601 -12.26 -25.84 -9.46
CA TRP A 601 -11.55 -26.00 -8.19
C TRP A 601 -11.07 -24.68 -7.62
N LYS A 602 -10.78 -23.70 -8.48
CA LYS A 602 -10.36 -22.38 -8.02
C LYS A 602 -11.53 -21.60 -7.42
N THR A 603 -12.69 -21.70 -8.06
CA THR A 603 -13.91 -21.21 -7.48
C THR A 603 -14.11 -21.84 -6.11
N GLN A 604 -13.92 -23.15 -6.03
CA GLN A 604 -14.22 -23.87 -4.80
C GLN A 604 -13.32 -23.36 -3.67
N TYR A 605 -12.02 -23.25 -3.99
CA TYR A 605 -11.04 -22.77 -3.03
C TYR A 605 -11.29 -21.34 -2.55
N HIS A 606 -11.39 -20.39 -3.46
CA HIS A 606 -11.55 -18.99 -3.09
C HIS A 606 -12.83 -18.66 -2.32
N LEU A 607 -13.91 -19.32 -2.71
CA LEU A 607 -15.21 -19.16 -2.10
C LEU A 607 -15.11 -19.57 -0.63
N ARG A 608 -14.57 -20.75 -0.39
CA ARG A 608 -14.49 -21.27 0.97
C ARG A 608 -13.52 -20.42 1.80
N ASN A 609 -12.47 -19.92 1.17
CA ASN A 609 -11.60 -18.96 1.85
C ASN A 609 -12.37 -17.72 2.31
N VAL A 610 -13.11 -17.10 1.40
CA VAL A 610 -13.84 -15.90 1.75
C VAL A 610 -14.87 -16.13 2.87
N MET A 611 -15.63 -17.22 2.79
CA MET A 611 -16.63 -17.51 3.81
CA MET A 611 -16.62 -17.60 3.81
C MET A 611 -15.97 -17.70 5.19
N ASP A 612 -14.82 -18.36 5.22
CA ASP A 612 -14.13 -18.59 6.48
C ASP A 612 -13.50 -17.30 7.04
N LYS A 613 -13.06 -16.40 6.17
CA LYS A 613 -12.19 -15.32 6.62
C LYS A 613 -12.81 -13.94 6.77
N LEU A 614 -13.89 -13.67 6.05
CA LEU A 614 -14.46 -12.33 6.05
C LEU A 614 -15.83 -12.23 6.74
N TYR A 615 -16.26 -13.29 7.39
CA TYR A 615 -17.57 -13.31 8.03
C TYR A 615 -17.51 -13.87 9.43
N ASN A 616 -18.30 -13.28 10.30
CA ASN A 616 -18.63 -13.91 11.58
C ASN A 616 -19.99 -13.36 12.00
N SER A 617 -20.55 -13.89 13.08
CA SER A 617 -21.91 -13.52 13.51
C SER A 617 -21.90 -12.40 14.53
N GLY A 618 -20.71 -11.92 14.89
CA GLY A 618 -20.59 -10.86 15.89
C GLY A 618 -20.88 -9.48 15.34
N SER A 619 -20.69 -8.45 16.16
CA SER A 619 -21.05 -7.09 15.79
C SER A 619 -20.25 -6.53 14.62
N LYS A 620 -19.02 -7.01 14.43
CA LYS A 620 -18.22 -6.63 13.27
C LYS A 620 -18.27 -7.70 12.19
N GLY A 621 -19.41 -8.37 12.06
CA GLY A 621 -19.49 -9.61 11.29
C GLY A 621 -19.11 -9.60 9.82
N TYR A 622 -19.38 -8.50 9.14
CA TYR A 622 -18.89 -8.34 7.79
C TYR A 622 -17.52 -7.66 7.85
N CYS A 623 -16.43 -8.43 7.86
CA CYS A 623 -15.07 -7.86 8.08
C CYS A 623 -14.42 -7.34 6.84
N GLY A 624 -15.00 -7.63 5.69
CA GLY A 624 -14.44 -7.14 4.43
C GLY A 624 -14.47 -5.64 4.52
N ASP A 625 -13.36 -4.98 4.18
CA ASP A 625 -13.30 -3.52 4.28
C ASP A 625 -14.41 -2.87 3.47
N GLU A 626 -14.73 -3.47 2.33
CA GLU A 626 -15.80 -2.93 1.50
C GLU A 626 -17.13 -3.62 1.75
N ASP A 627 -17.25 -4.32 2.86
CA ASP A 627 -18.49 -5.04 3.15
C ASP A 627 -19.21 -4.39 4.35
N ASN A 628 -20.34 -3.75 4.07
CA ASN A 628 -21.15 -3.18 5.12
C ASN A 628 -22.46 -3.96 5.33
N GLY A 629 -22.48 -5.21 4.85
CA GLY A 629 -23.68 -6.04 5.02
C GLY A 629 -24.44 -6.32 3.73
N GLN A 630 -24.05 -5.65 2.63
CA GLN A 630 -24.71 -5.85 1.34
C GLN A 630 -24.39 -7.23 0.75
N THR A 631 -23.55 -7.99 1.42
CA THR A 631 -23.22 -9.32 0.94
C THR A 631 -24.02 -10.44 1.59
N SER A 632 -25.05 -10.07 2.36
CA SER A 632 -25.82 -11.08 3.08
C SER A 632 -26.32 -12.23 2.20
N ALA A 633 -26.96 -11.89 1.08
CA ALA A 633 -27.51 -12.89 0.16
C ALA A 633 -26.43 -13.65 -0.59
N TRP A 634 -25.31 -12.98 -0.86
CA TRP A 634 -24.15 -13.64 -1.48
C TRP A 634 -23.68 -14.78 -0.56
N TYR A 635 -23.69 -14.52 0.74
CA TYR A 635 -23.24 -15.53 1.71
C TYR A 635 -24.24 -16.69 1.77
N VAL A 636 -25.53 -16.35 1.79
CA VAL A 636 -26.58 -17.37 1.85
C VAL A 636 -26.47 -18.32 0.66
N PHE A 637 -26.39 -17.77 -0.54
CA PHE A 637 -26.22 -18.59 -1.75
C PHE A 637 -24.92 -19.39 -1.69
N SER A 638 -23.83 -18.70 -1.41
CA SER A 638 -22.54 -19.33 -1.43
C SER A 638 -22.45 -20.49 -0.44
N ALA A 639 -23.01 -20.30 0.75
CA ALA A 639 -23.03 -21.37 1.74
C ALA A 639 -23.85 -22.56 1.25
N MET A 640 -24.90 -22.30 0.48
CA MET A 640 -25.71 -23.39 -0.03
C MET A 640 -24.97 -24.14 -1.13
N GLY A 641 -24.01 -23.48 -1.78
CA GLY A 641 -23.20 -24.14 -2.80
C GLY A 641 -23.35 -23.65 -4.24
N PHE A 642 -24.15 -22.62 -4.47
CA PHE A 642 -24.39 -22.16 -5.83
C PHE A 642 -24.83 -20.71 -5.85
N TYR A 643 -24.72 -20.08 -7.02
CA TYR A 643 -24.92 -18.64 -7.08
C TYR A 643 -25.42 -18.19 -8.45
N PRO A 644 -26.37 -17.26 -8.46
CA PRO A 644 -27.00 -16.76 -9.68
C PRO A 644 -26.12 -15.71 -10.33
N VAL A 645 -25.08 -16.14 -11.04
CA VAL A 645 -24.15 -15.22 -11.66
C VAL A 645 -24.82 -14.25 -12.62
N CYS A 646 -25.82 -14.73 -13.34
CA CYS A 646 -26.48 -13.92 -14.36
C CYS A 646 -28.01 -13.96 -14.26
N PRO A 647 -28.57 -13.09 -13.43
CA PRO A 647 -30.03 -13.10 -13.31
C PRO A 647 -30.61 -12.82 -14.67
N GLY A 648 -31.71 -13.51 -15.00
CA GLY A 648 -32.27 -13.46 -16.36
C GLY A 648 -31.93 -14.73 -17.14
N MET A 649 -30.96 -15.48 -16.63
CA MET A 649 -30.65 -16.80 -17.13
C MET A 649 -30.94 -17.73 -15.95
N PRO A 650 -31.94 -18.62 -16.09
CA PRO A 650 -32.29 -19.47 -14.93
C PRO A 650 -31.27 -20.60 -14.67
N GLU A 651 -30.07 -20.22 -14.23
CA GLU A 651 -28.94 -21.13 -13.94
C GLU A 651 -28.30 -20.61 -12.66
N TYR A 652 -27.72 -21.51 -11.88
CA TYR A 652 -26.88 -21.11 -10.76
C TYR A 652 -25.52 -21.79 -10.88
N ALA A 653 -24.46 -20.98 -10.92
CA ALA A 653 -23.10 -21.49 -10.99
C ALA A 653 -22.76 -22.21 -9.69
N ILE A 654 -22.08 -23.35 -9.78
CA ILE A 654 -21.76 -24.14 -8.59
C ILE A 654 -20.47 -23.72 -7.91
N GLY A 655 -20.55 -23.55 -6.59
CA GLY A 655 -19.42 -23.08 -5.81
C GLY A 655 -18.88 -24.22 -4.99
N SER A 656 -19.00 -24.09 -3.69
CA SER A 656 -18.69 -25.17 -2.76
C SER A 656 -19.48 -24.88 -1.48
N PRO A 657 -20.28 -25.84 -1.00
CA PRO A 657 -21.17 -25.62 0.13
C PRO A 657 -20.38 -25.53 1.43
N LEU A 658 -20.94 -24.81 2.39
CA LEU A 658 -20.29 -24.63 3.69
C LEU A 658 -20.67 -25.71 4.69
N PHE A 659 -21.86 -26.29 4.56
CA PHE A 659 -22.36 -27.27 5.55
C PHE A 659 -22.32 -28.68 5.00
N LYS A 660 -22.51 -29.65 5.90
CA LYS A 660 -22.59 -31.04 5.48
C LYS A 660 -23.90 -31.28 4.74
N LYS A 661 -24.87 -30.39 4.97
CA LYS A 661 -26.18 -30.57 4.37
C LYS A 661 -27.04 -29.32 4.36
N VAL A 662 -27.62 -28.98 3.21
CA VAL A 662 -28.72 -28.02 3.21
C VAL A 662 -29.90 -28.59 2.47
N THR A 663 -31.07 -28.32 3.02
CA THR A 663 -32.32 -28.76 2.43
C THR A 663 -33.15 -27.51 2.14
N LEU A 664 -33.48 -27.31 0.88
CA LEU A 664 -34.35 -26.22 0.46
C LEU A 664 -35.77 -26.76 0.32
N HIS A 665 -36.68 -26.16 1.08
CA HIS A 665 -38.09 -26.47 1.00
C HIS A 665 -38.75 -25.53 0.01
N LEU A 666 -39.13 -26.09 -1.13
CA LEU A 666 -39.60 -25.31 -2.25
C LEU A 666 -41.10 -25.48 -2.38
N PRO A 667 -41.72 -24.74 -3.31
CA PRO A 667 -43.17 -24.85 -3.47
C PRO A 667 -43.62 -26.24 -3.92
N GLU A 668 -44.87 -26.57 -3.61
CA GLU A 668 -45.49 -27.82 -3.98
C GLU A 668 -44.89 -29.05 -3.31
N GLY A 669 -44.48 -28.91 -2.06
CA GLY A 669 -43.94 -30.02 -1.30
C GLY A 669 -42.63 -30.57 -1.84
N LYS A 670 -41.98 -29.84 -2.75
CA LYS A 670 -40.71 -30.30 -3.28
C LYS A 670 -39.57 -29.90 -2.34
N ASN A 671 -38.52 -30.71 -2.31
CA ASN A 671 -37.35 -30.39 -1.51
CA ASN A 671 -37.34 -30.33 -1.55
C ASN A 671 -36.06 -30.70 -2.28
N PHE A 672 -35.09 -29.79 -2.24
CA PHE A 672 -33.80 -30.03 -2.86
C PHE A 672 -32.69 -30.06 -1.82
N VAL A 673 -31.92 -31.14 -1.81
CA VAL A 673 -30.85 -31.31 -0.84
C VAL A 673 -29.46 -31.19 -1.48
N VAL A 674 -28.60 -30.39 -0.88
CA VAL A 674 -27.19 -30.42 -1.24
C VAL A 674 -26.46 -31.09 -0.10
N SER A 675 -26.04 -32.33 -0.31
CA SER A 675 -25.39 -33.04 0.77
C SER A 675 -23.91 -33.16 0.49
N ALA A 676 -23.11 -32.93 1.52
CA ALA A 676 -21.67 -33.01 1.40
C ALA A 676 -21.18 -33.62 2.70
N ALA A 677 -21.41 -34.92 2.85
CA ALA A 677 -21.25 -35.59 4.16
C ALA A 677 -19.86 -35.51 4.77
N ASP A 678 -18.83 -35.34 3.91
CA ASP A 678 -17.45 -35.28 4.35
C ASP A 678 -16.89 -33.87 4.34
N ASN A 679 -17.77 -32.88 4.25
CA ASN A 679 -17.32 -31.51 4.28
C ASN A 679 -16.53 -31.20 5.55
N ALA A 680 -15.50 -30.36 5.41
CA ALA A 680 -14.77 -29.85 6.55
C ALA A 680 -14.01 -28.62 6.10
N ALA A 681 -13.42 -27.93 7.07
CA ALA A 681 -12.74 -26.67 6.79
C ALA A 681 -11.60 -26.85 5.81
N ASP A 682 -10.93 -28.00 5.88
CA ASP A 682 -9.79 -28.24 4.99
C ASP A 682 -10.19 -29.04 3.76
N ARG A 683 -11.50 -29.19 3.51
CA ARG A 683 -11.95 -29.98 2.36
C ARG A 683 -12.95 -29.20 1.50
N PRO A 684 -12.45 -28.13 0.84
CA PRO A 684 -13.31 -27.24 0.04
C PRO A 684 -13.62 -27.78 -1.36
N TYR A 685 -12.85 -28.76 -1.82
CA TYR A 685 -12.95 -29.23 -3.20
C TYR A 685 -14.02 -30.29 -3.44
N ILE A 686 -14.67 -30.19 -4.60
CA ILE A 686 -15.59 -31.23 -5.02
C ILE A 686 -14.84 -32.26 -5.83
N ARG A 687 -14.61 -33.42 -5.24
CA ARG A 687 -13.96 -34.50 -5.98
C ARG A 687 -14.91 -35.13 -6.97
N LYS A 688 -16.15 -35.34 -6.56
CA LYS A 688 -17.12 -36.04 -7.39
C LYS A 688 -18.53 -35.58 -7.06
N ALA A 689 -19.45 -35.72 -8.02
CA ALA A 689 -20.82 -35.31 -7.74
C ALA A 689 -21.82 -36.19 -8.46
N LEU A 690 -22.94 -36.43 -7.77
CA LEU A 690 -24.09 -37.14 -8.33
C LEU A 690 -25.32 -36.24 -8.25
N LEU A 691 -25.99 -36.07 -9.37
CA LEU A 691 -27.24 -35.35 -9.43
C LEU A 691 -28.37 -36.34 -9.58
N ASN A 692 -29.21 -36.45 -8.56
CA ASN A 692 -30.24 -37.49 -8.54
C ASN A 692 -29.68 -38.87 -8.94
N GLY A 693 -28.53 -39.22 -8.36
CA GLY A 693 -27.94 -40.55 -8.53
C GLY A 693 -27.06 -40.72 -9.75
N GLN A 694 -26.98 -39.70 -10.60
CA GLN A 694 -26.24 -39.77 -11.86
C GLN A 694 -24.97 -38.94 -11.81
N GLU A 695 -23.91 -39.45 -12.43
CA GLU A 695 -22.66 -38.70 -12.48
C GLU A 695 -22.94 -37.29 -13.01
N PHE A 696 -22.34 -36.29 -12.37
CA PHE A 696 -22.65 -34.90 -12.64
C PHE A 696 -21.35 -34.10 -12.68
N THR A 697 -21.02 -33.54 -13.84
CA THR A 697 -19.78 -32.82 -14.01
C THR A 697 -20.01 -31.36 -14.45
N ARG A 698 -21.26 -30.96 -14.62
CA ARG A 698 -21.54 -29.56 -14.96
C ARG A 698 -21.22 -28.63 -13.80
N ASN A 699 -20.80 -27.41 -14.11
CA ASN A 699 -20.53 -26.39 -13.10
C ASN A 699 -21.74 -25.49 -12.85
N TYR A 700 -22.93 -26.00 -13.11
CA TYR A 700 -24.16 -25.22 -12.86
C TYR A 700 -25.37 -26.13 -12.68
N LEU A 701 -26.35 -25.65 -11.91
CA LEU A 701 -27.68 -26.24 -11.82
C LEU A 701 -28.65 -25.28 -12.50
N THR A 702 -29.62 -25.82 -13.21
CA THR A 702 -30.65 -24.99 -13.76
C THR A 702 -31.68 -24.76 -12.67
N HIS A 703 -32.48 -23.72 -12.80
CA HIS A 703 -33.55 -23.44 -11.88
C HIS A 703 -34.52 -24.61 -11.81
N ASP A 704 -34.84 -25.20 -12.96
CA ASP A 704 -35.76 -26.33 -12.99
C ASP A 704 -35.22 -27.54 -12.24
N GLU A 705 -33.92 -27.77 -12.31
CA GLU A 705 -33.38 -28.91 -11.56
C GLU A 705 -33.60 -28.72 -10.05
N LEU A 706 -33.47 -27.50 -9.55
CA LEU A 706 -33.71 -27.25 -8.12
C LEU A 706 -35.20 -27.35 -7.81
N LYS A 707 -35.99 -26.68 -8.64
CA LYS A 707 -37.44 -26.54 -8.49
C LYS A 707 -38.20 -27.87 -8.41
N GLN A 708 -37.77 -28.85 -9.20
CA GLN A 708 -38.49 -30.11 -9.27
C GLN A 708 -38.14 -31.02 -8.09
N GLY A 709 -37.18 -30.60 -7.27
CA GLY A 709 -36.77 -31.35 -6.10
C GLY A 709 -35.74 -32.42 -6.43
N GLY A 710 -35.02 -32.88 -5.43
CA GLY A 710 -34.03 -33.93 -5.65
C GLY A 710 -32.80 -33.78 -4.79
N GLU A 711 -31.66 -34.22 -5.30
CA GLU A 711 -30.47 -34.22 -4.51
C GLU A 711 -29.14 -34.13 -5.29
N LEU A 712 -28.31 -33.18 -4.87
CA LEU A 712 -26.97 -33.08 -5.38
C LEU A 712 -26.05 -33.63 -4.31
N ASN A 713 -25.41 -34.73 -4.64
CA ASN A 713 -24.56 -35.40 -3.69
C ASN A 713 -23.09 -35.14 -4.02
N LEU A 714 -22.39 -34.45 -3.12
CA LEU A 714 -21.00 -34.04 -3.36
C LEU A 714 -20.01 -34.81 -2.47
N SER A 715 -18.97 -35.34 -3.09
CA SER A 715 -17.86 -35.90 -2.34
C SER A 715 -16.78 -34.83 -2.22
N MET A 716 -16.52 -34.38 -1.00
CA MET A 716 -15.58 -33.27 -0.77
C MET A 716 -14.19 -33.79 -0.48
N ASP A 717 -13.19 -32.98 -0.77
CA ASP A 717 -11.82 -33.49 -0.72
C ASP A 717 -10.87 -32.36 -0.34
N SER A 718 -9.67 -32.72 0.11
CA SER A 718 -8.66 -31.74 0.53
C SER A 718 -7.73 -31.32 -0.62
N VAL A 719 -7.83 -31.99 -1.76
CA VAL A 719 -7.09 -31.61 -2.95
C VAL A 719 -8.06 -31.46 -4.12
N PRO A 720 -7.71 -30.63 -5.10
CA PRO A 720 -8.64 -30.42 -6.21
C PRO A 720 -8.71 -31.64 -7.13
N ASN A 721 -9.86 -31.85 -7.77
CA ASN A 721 -9.96 -32.81 -8.84
C ASN A 721 -9.87 -32.05 -10.15
N GLN A 722 -8.73 -32.16 -10.82
CA GLN A 722 -8.48 -31.34 -11.99
C GLN A 722 -9.03 -31.92 -13.30
N GLN A 723 -9.73 -33.06 -13.25
CA GLN A 723 -10.37 -33.58 -14.46
C GLN A 723 -11.84 -33.16 -14.55
N ARG A 724 -12.43 -32.82 -13.42
CA ARG A 724 -13.85 -32.55 -13.36
C ARG A 724 -14.21 -31.11 -13.76
N GLY A 725 -15.24 -30.97 -14.59
CA GLY A 725 -15.79 -29.66 -14.90
C GLY A 725 -14.89 -28.81 -15.76
N THR A 726 -14.09 -29.47 -16.59
CA THR A 726 -13.12 -28.80 -17.42
C THR A 726 -13.53 -28.77 -18.89
N GLN A 727 -14.66 -29.42 -19.21
CA GLN A 727 -15.11 -29.56 -20.60
C GLN A 727 -16.13 -28.50 -20.99
N PRO A 728 -16.14 -28.11 -22.27
CA PRO A 728 -17.05 -27.04 -22.71
C PRO A 728 -18.51 -27.35 -22.38
N ALA A 729 -18.88 -28.62 -22.36
CA ALA A 729 -20.24 -29.00 -21.98
C ALA A 729 -20.52 -28.64 -20.52
N ASP A 730 -19.45 -28.50 -19.73
CA ASP A 730 -19.61 -28.23 -18.30
C ASP A 730 -19.85 -26.73 -17.97
N PHE A 731 -19.61 -25.83 -18.93
CA PHE A 731 -19.63 -24.40 -18.60
C PHE A 731 -21.03 -23.82 -18.67
N PRO A 732 -21.35 -22.86 -17.77
CA PRO A 732 -22.66 -22.23 -17.84
C PRO A 732 -22.74 -21.28 -19.02
N TYR A 733 -23.82 -20.52 -19.08
CA TYR A 733 -24.14 -19.77 -20.27
C TYR A 733 -23.25 -18.55 -20.51
N SER A 734 -22.93 -18.30 -21.78
CA SER A 734 -22.44 -16.99 -22.22
C SER A 734 -23.15 -16.62 -23.51
N TYR A 735 -23.42 -15.33 -23.68
CA TYR A 735 -24.07 -14.88 -24.93
C TYR A 735 -23.24 -15.20 -26.18
N SER A 736 -21.91 -15.19 -26.08
CA SER A 736 -21.14 -15.36 -27.31
CA SER A 736 -21.07 -15.35 -27.27
C SER A 736 -20.71 -16.81 -27.58
N LYS A 737 -21.11 -17.74 -26.73
CA LYS A 737 -20.85 -19.15 -27.06
C LYS A 737 -21.33 -19.50 -28.47
N SER B 1 38.34 -34.34 -7.77
CA SER B 1 38.30 -35.71 -7.17
C SER B 1 36.85 -36.10 -6.89
N LYS B 2 36.63 -37.41 -6.72
CA LYS B 2 35.28 -37.97 -6.55
C LYS B 2 34.69 -37.64 -5.16
N LYS B 3 33.44 -37.18 -5.13
CA LYS B 3 32.78 -36.83 -3.86
C LYS B 3 31.51 -37.66 -3.67
N THR B 4 31.21 -37.96 -2.41
CA THR B 4 30.02 -38.73 -2.08
C THR B 4 28.77 -38.01 -2.59
N VAL B 5 28.72 -36.70 -2.34
CA VAL B 5 27.68 -35.85 -2.86
C VAL B 5 28.29 -34.89 -3.87
N GLU B 6 27.88 -35.03 -5.12
CA GLU B 6 28.49 -34.29 -6.21
C GLU B 6 27.71 -33.04 -6.52
N PHE B 7 28.30 -32.15 -7.29
CA PHE B 7 27.66 -30.88 -7.60
C PHE B 7 26.27 -31.06 -8.21
N VAL B 8 26.13 -32.02 -9.10
CA VAL B 8 24.87 -32.16 -9.80
C VAL B 8 23.78 -32.61 -8.82
N ASP B 9 24.17 -33.35 -7.78
CA ASP B 9 23.20 -33.78 -6.77
C ASP B 9 22.55 -32.61 -6.04
N TYR B 10 23.14 -31.43 -6.10
CA TYR B 10 22.49 -30.30 -5.47
C TYR B 10 21.43 -29.64 -6.36
N VAL B 11 21.32 -30.04 -7.62
CA VAL B 11 20.45 -29.31 -8.54
C VAL B 11 19.00 -29.72 -8.39
N ASN B 12 18.13 -28.75 -8.16
CA ASN B 12 16.70 -29.03 -8.20
C ASN B 12 16.06 -28.34 -9.40
N PRO B 13 15.78 -29.10 -10.45
CA PRO B 13 15.14 -28.56 -11.65
C PRO B 13 13.70 -28.09 -11.42
N LEU B 14 13.12 -28.42 -10.28
CA LEU B 14 11.76 -27.97 -9.98
C LEU B 14 11.76 -26.60 -9.34
N MET B 15 12.94 -26.09 -8.99
CA MET B 15 13.00 -24.76 -8.44
C MET B 15 12.40 -23.73 -9.40
N GLY B 16 11.35 -23.05 -8.95
CA GLY B 16 10.66 -22.05 -9.75
C GLY B 16 9.46 -22.55 -10.55
N THR B 17 9.01 -23.78 -10.30
CA THR B 17 7.91 -24.34 -11.07
C THR B 17 6.56 -24.16 -10.39
N GLU B 18 6.57 -23.67 -9.15
CA GLU B 18 5.34 -23.34 -8.45
C GLU B 18 5.27 -21.84 -8.19
N ASN B 27 8.23 -18.56 -14.01
CA ASN B 27 7.75 -19.93 -14.06
C ASN B 27 8.58 -20.76 -15.06
N THR B 28 9.15 -21.85 -14.57
CA THR B 28 10.12 -22.65 -15.30
C THR B 28 9.58 -24.05 -15.49
N TYR B 29 10.39 -24.89 -16.13
CA TYR B 29 10.08 -26.30 -16.28
C TYR B 29 11.35 -27.09 -15.95
N PRO B 30 11.20 -28.34 -15.49
CA PRO B 30 12.37 -29.12 -15.08
C PRO B 30 13.16 -29.71 -16.25
N ALA B 31 13.89 -28.87 -16.97
CA ALA B 31 14.61 -29.28 -18.17
C ALA B 31 15.59 -30.42 -17.92
N VAL B 32 15.49 -31.46 -18.74
CA VAL B 32 16.46 -32.55 -18.80
C VAL B 32 17.32 -32.23 -20.02
N ALA B 33 18.62 -32.12 -19.82
CA ALA B 33 19.49 -31.54 -20.84
C ALA B 33 20.94 -31.77 -20.50
N VAL B 34 21.80 -31.29 -21.40
CA VAL B 34 23.19 -31.07 -21.07
C VAL B 34 23.36 -29.57 -21.29
N PRO B 35 24.41 -28.99 -20.72
CA PRO B 35 24.58 -27.53 -20.83
C PRO B 35 24.51 -27.01 -22.27
N TRP B 36 23.72 -25.96 -22.47
CA TRP B 36 23.55 -25.33 -23.79
C TRP B 36 23.04 -26.26 -24.90
N GLY B 37 22.42 -27.38 -24.51
CA GLY B 37 21.99 -28.38 -25.48
C GLY B 37 20.97 -27.84 -26.48
N MET B 38 21.07 -28.31 -27.72
CA MET B 38 20.20 -27.85 -28.79
C MET B 38 18.76 -28.18 -28.47
N ASN B 39 18.51 -29.36 -27.92
CA ASN B 39 17.14 -29.75 -27.58
C ASN B 39 17.06 -30.06 -26.10
N PHE B 40 16.02 -29.56 -25.44
CA PHE B 40 15.76 -29.89 -24.05
C PHE B 40 14.57 -30.84 -23.98
N TRP B 41 14.44 -31.56 -22.88
CA TRP B 41 13.28 -32.42 -22.69
C TRP B 41 12.60 -32.10 -21.38
N SER B 42 11.27 -32.22 -21.33
CA SER B 42 10.55 -31.91 -20.10
C SER B 42 9.21 -32.63 -20.04
N PRO B 43 8.78 -32.99 -18.82
CA PRO B 43 7.40 -33.43 -18.67
C PRO B 43 6.47 -32.27 -19.00
N GLN B 44 5.26 -32.57 -19.46
CA GLN B 44 4.30 -31.55 -19.84
C GLN B 44 3.01 -31.81 -19.11
N THR B 45 2.54 -30.81 -18.36
CA THR B 45 1.23 -30.86 -17.70
C THR B 45 0.21 -29.94 -18.37
N GLY B 46 0.68 -28.81 -18.93
CA GLY B 46 -0.19 -27.89 -19.65
C GLY B 46 -0.55 -28.37 -21.06
N GLU B 47 -1.59 -27.79 -21.65
CA GLU B 47 -2.02 -28.16 -23.00
C GLU B 47 -0.97 -27.86 -24.04
N ASN B 48 -1.00 -28.59 -25.15
CA ASN B 48 -0.22 -28.17 -26.32
C ASN B 48 -0.55 -26.69 -26.54
N GLY B 49 0.44 -25.86 -26.83
CA GLY B 49 0.20 -24.46 -27.17
C GLY B 49 0.37 -23.49 -26.01
N SER B 50 0.23 -24.00 -24.79
CA SER B 50 0.32 -23.16 -23.60
C SER B 50 1.76 -22.96 -23.22
N GLY B 51 2.12 -21.71 -22.91
CA GLY B 51 3.46 -21.42 -22.44
C GLY B 51 3.71 -22.03 -21.06
N TRP B 52 2.64 -22.32 -20.34
CA TRP B 52 2.78 -22.95 -19.03
C TRP B 52 2.86 -24.47 -19.17
N MET B 53 4.04 -24.91 -19.56
CA MET B 53 4.26 -26.29 -19.96
C MET B 53 4.18 -27.25 -18.78
N TYR B 54 4.80 -26.85 -17.67
CA TYR B 54 4.83 -27.67 -16.46
C TYR B 54 4.54 -26.80 -15.26
N THR B 55 3.52 -27.15 -14.50
CA THR B 55 3.21 -26.42 -13.29
C THR B 55 3.21 -27.37 -12.11
N TYR B 56 3.88 -26.98 -11.03
CA TYR B 56 4.08 -27.88 -9.91
C TYR B 56 2.78 -28.34 -9.27
N THR B 57 1.77 -27.48 -9.25
CA THR B 57 0.49 -27.89 -8.67
C THR B 57 -0.39 -28.75 -9.60
N ASP B 58 0.00 -28.91 -10.86
CA ASP B 58 -0.78 -29.76 -11.77
C ASP B 58 -0.55 -31.22 -11.42
N SER B 59 -1.60 -32.03 -11.52
CA SER B 59 -1.49 -33.43 -11.13
C SER B 59 -1.70 -34.39 -12.30
N LEU B 60 -1.75 -33.85 -13.52
CA LEU B 60 -2.06 -34.66 -14.70
C LEU B 60 -1.03 -34.38 -15.79
N MET B 61 -0.45 -35.44 -16.31
CA MET B 61 0.63 -35.30 -17.28
CA MET B 61 0.64 -35.34 -17.28
C MET B 61 0.14 -35.69 -18.69
N ARG B 62 0.61 -34.97 -19.70
CA ARG B 62 0.17 -35.20 -21.08
C ARG B 62 1.25 -35.73 -21.99
N GLY B 63 2.51 -35.46 -21.67
CA GLY B 63 3.58 -35.90 -22.54
C GLY B 63 4.94 -35.55 -22.01
N PHE B 64 5.96 -36.02 -22.73
CA PHE B 64 7.32 -35.57 -22.49
C PHE B 64 7.73 -34.85 -23.75
N ARG B 65 8.01 -33.56 -23.61
CA ARG B 65 8.27 -32.72 -24.76
C ARG B 65 9.75 -32.61 -25.08
N GLN B 66 10.08 -32.62 -26.36
CA GLN B 66 11.30 -32.02 -26.82
C GLN B 66 10.93 -30.54 -26.95
N THR B 67 11.61 -29.68 -26.20
CA THR B 67 11.24 -28.26 -26.15
C THR B 67 12.43 -27.33 -26.40
N HIS B 68 12.14 -26.11 -26.82
CA HIS B 68 13.20 -25.09 -26.90
C HIS B 68 12.83 -23.86 -26.14
N GLN B 69 11.69 -23.92 -25.47
CA GLN B 69 11.09 -22.74 -24.87
C GLN B 69 12.00 -22.02 -23.86
N PRO B 70 12.27 -20.73 -24.11
CA PRO B 70 13.03 -19.92 -23.15
C PRO B 70 12.18 -19.31 -22.04
N SER B 71 10.91 -19.05 -22.33
CA SER B 71 9.99 -18.48 -21.33
C SER B 71 8.55 -18.69 -21.76
N PRO B 72 7.63 -18.63 -20.79
CA PRO B 72 6.23 -18.89 -21.15
C PRO B 72 5.71 -17.84 -22.15
N TRP B 73 6.15 -16.59 -22.02
CA TRP B 73 5.75 -15.53 -22.94
C TRP B 73 6.24 -15.76 -24.38
N ILE B 74 7.50 -16.16 -24.52
CA ILE B 74 8.07 -16.38 -25.82
C ILE B 74 7.50 -17.65 -26.44
N ASN B 75 7.25 -18.66 -25.57
CA ASN B 75 6.64 -19.92 -25.99
C ASN B 75 7.63 -20.74 -26.83
N ASP B 76 7.15 -21.78 -27.49
CA ASP B 76 8.01 -22.83 -28.02
C ASP B 76 8.03 -22.85 -29.56
N TYR B 77 8.93 -23.65 -30.12
CA TYR B 77 8.99 -23.96 -31.57
C TYR B 77 9.69 -25.31 -31.71
N GLY B 78 9.47 -26.00 -32.83
CA GLY B 78 10.22 -27.24 -33.12
C GLY B 78 10.01 -28.30 -32.04
N THR B 79 8.76 -28.45 -31.63
CA THR B 79 8.44 -29.27 -30.49
C THR B 79 7.53 -30.45 -30.87
N PHE B 80 7.76 -31.58 -30.23
CA PHE B 80 6.87 -32.74 -30.37
C PHE B 80 6.91 -33.48 -29.04
N SER B 81 6.03 -34.45 -28.84
CA SER B 81 6.08 -35.14 -27.57
C SER B 81 5.91 -36.64 -27.68
N ILE B 82 6.37 -37.33 -26.66
CA ILE B 82 6.29 -38.76 -26.57
C ILE B 82 5.59 -39.10 -25.25
N MET B 83 4.55 -39.95 -25.31
CA MET B 83 3.79 -40.33 -24.12
C MET B 83 3.45 -41.81 -24.07
N PRO B 84 4.13 -42.56 -23.20
CA PRO B 84 3.75 -43.93 -22.93
C PRO B 84 2.40 -43.94 -22.23
N LEU B 85 1.59 -44.94 -22.52
CA LEU B 85 0.28 -45.08 -21.91
C LEU B 85 0.05 -46.54 -21.60
N ALA B 86 -0.58 -46.80 -20.46
CA ALA B 86 -1.07 -48.13 -20.11
C ALA B 86 -2.59 -48.07 -20.13
N GLY B 87 -3.24 -49.09 -20.67
CA GLY B 87 -4.70 -49.13 -20.63
C GLY B 87 -5.35 -48.53 -21.86
N GLU B 88 -6.16 -47.49 -21.67
CA GLU B 88 -6.90 -46.90 -22.77
CA GLU B 88 -6.90 -46.88 -22.76
C GLU B 88 -6.02 -45.99 -23.65
N LEU B 89 -6.16 -46.13 -24.97
CA LEU B 89 -5.39 -45.32 -25.91
C LEU B 89 -6.05 -43.95 -26.01
N LYS B 90 -5.26 -42.89 -25.94
CA LYS B 90 -5.78 -41.53 -26.13
C LYS B 90 -4.82 -40.76 -27.03
N MET B 91 -5.33 -40.18 -28.10
CA MET B 91 -4.46 -39.49 -29.06
C MET B 91 -4.24 -38.01 -28.75
N SER B 92 -5.32 -37.25 -28.73
CA SER B 92 -5.21 -35.81 -28.64
C SER B 92 -4.64 -35.39 -27.28
N HIS B 93 -3.86 -34.32 -27.29
CA HIS B 93 -3.27 -33.80 -26.07
C HIS B 93 -4.35 -33.37 -25.08
N LYS B 94 -5.55 -33.09 -25.60
CA LYS B 94 -6.66 -32.68 -24.74
C LYS B 94 -7.18 -33.85 -23.91
N GLU B 95 -6.79 -35.06 -24.27
CA GLU B 95 -7.33 -36.26 -23.65
C GLU B 95 -6.28 -37.13 -22.99
N ARG B 96 -5.00 -36.91 -23.29
CA ARG B 96 -3.97 -37.67 -22.60
C ARG B 96 -3.69 -36.96 -21.29
N LEU B 97 -4.42 -37.32 -20.25
CA LEU B 97 -4.16 -36.81 -18.90
C LEU B 97 -3.96 -38.00 -18.00
N VAL B 98 -2.77 -38.13 -17.44
CA VAL B 98 -2.47 -39.27 -16.60
C VAL B 98 -2.05 -38.79 -15.22
N PRO B 99 -2.81 -39.18 -14.19
CA PRO B 99 -2.52 -38.71 -12.84
C PRO B 99 -1.17 -39.24 -12.35
N PHE B 100 -0.43 -38.39 -11.65
CA PHE B 100 0.80 -38.81 -11.00
C PHE B 100 0.98 -37.98 -9.73
N SER B 101 1.89 -38.42 -8.86
CA SER B 101 2.18 -37.72 -7.62
C SER B 101 3.64 -37.29 -7.58
N HIS B 102 3.88 -36.09 -7.07
CA HIS B 102 5.26 -35.65 -6.85
C HIS B 102 6.05 -36.61 -5.94
N GLN B 103 5.37 -37.44 -5.15
CA GLN B 103 6.07 -38.39 -4.30
C GLN B 103 6.74 -39.52 -5.10
N GLN B 104 6.38 -39.66 -6.37
CA GLN B 104 6.94 -40.69 -7.24
C GLN B 104 7.59 -40.03 -8.44
N GLU B 105 8.14 -38.85 -8.22
CA GLU B 105 8.75 -38.08 -9.28
C GLU B 105 10.16 -37.74 -8.88
N LYS B 106 11.12 -37.95 -9.77
CA LYS B 106 12.49 -37.58 -9.44
C LYS B 106 13.09 -36.77 -10.59
N ALA B 107 13.14 -35.45 -10.40
CA ALA B 107 13.63 -34.55 -11.42
C ALA B 107 15.10 -34.18 -11.18
N THR B 108 15.95 -34.47 -12.16
CA THR B 108 17.35 -34.05 -12.14
C THR B 108 17.72 -33.56 -13.55
N PRO B 109 18.82 -32.81 -13.68
CA PRO B 109 19.21 -32.35 -15.02
C PRO B 109 19.61 -33.48 -15.95
N TYR B 110 20.08 -34.60 -15.40
CA TYR B 110 20.58 -35.68 -16.23
C TYR B 110 19.58 -36.84 -16.39
N ASN B 111 18.45 -36.73 -15.68
CA ASN B 111 17.39 -37.75 -15.74
C ASN B 111 16.13 -37.26 -15.04
N TYR B 112 15.01 -37.42 -15.72
CA TYR B 112 13.71 -37.20 -15.09
C TYR B 112 12.98 -38.54 -15.07
N SER B 113 12.45 -38.90 -13.92
CA SER B 113 11.81 -40.19 -13.75
C SER B 113 10.49 -40.03 -13.02
N VAL B 114 9.46 -40.75 -13.45
CA VAL B 114 8.17 -40.63 -12.81
C VAL B 114 7.42 -41.94 -12.89
N THR B 115 6.71 -42.28 -11.83
CA THR B 115 5.82 -43.44 -11.86
C THR B 115 4.38 -42.94 -11.73
N PHE B 116 3.54 -43.19 -12.72
CA PHE B 116 2.14 -42.80 -12.67
C PHE B 116 1.28 -43.58 -11.68
N ASN B 117 0.14 -43.04 -11.27
CA ASN B 117 -0.73 -43.72 -10.31
C ASN B 117 -1.13 -45.13 -10.76
N ASN B 118 -1.20 -45.37 -12.07
CA ASN B 118 -1.51 -46.71 -12.58
C ASN B 118 -0.29 -47.66 -12.56
N GLY B 119 0.85 -47.17 -12.08
CA GLY B 119 2.04 -48.02 -12.02
C GLY B 119 3.02 -47.92 -13.18
N LEU B 120 2.63 -47.33 -14.31
CA LEU B 120 3.57 -47.18 -15.42
C LEU B 120 4.70 -46.29 -14.94
N GLN B 121 5.93 -46.72 -15.20
CA GLN B 121 7.10 -45.95 -14.81
C GLN B 121 7.87 -45.57 -16.08
N THR B 122 8.32 -44.32 -16.13
CA THR B 122 9.19 -43.91 -17.23
C THR B 122 10.29 -42.96 -16.77
N SER B 123 11.45 -43.08 -17.39
CA SER B 123 12.53 -42.15 -17.13
C SER B 123 13.22 -41.80 -18.45
N LEU B 124 13.70 -40.55 -18.55
CA LEU B 124 14.40 -40.12 -19.74
C LEU B 124 15.64 -39.33 -19.36
N SER B 125 16.65 -39.40 -20.22
CA SER B 125 17.85 -38.64 -20.09
C SER B 125 18.20 -38.10 -21.46
N ALA B 126 18.82 -36.92 -21.51
CA ALA B 126 19.09 -36.26 -22.78
C ALA B 126 20.57 -36.14 -23.10
N THR B 127 20.86 -36.04 -24.39
CA THR B 127 22.17 -35.66 -24.90
C THR B 127 21.94 -34.26 -25.48
N SER B 128 22.94 -33.67 -26.15
CA SER B 128 22.76 -32.34 -26.72
C SER B 128 21.55 -32.31 -27.65
N ARG B 129 21.39 -33.37 -28.45
CA ARG B 129 20.39 -33.35 -29.50
C ARG B 129 19.43 -34.53 -29.50
N GLY B 130 19.65 -35.50 -28.62
CA GLY B 130 18.78 -36.66 -28.54
C GLY B 130 18.36 -36.99 -27.12
N ALA B 131 17.63 -38.09 -26.97
CA ALA B 131 17.18 -38.54 -25.64
C ALA B 131 16.90 -40.03 -25.69
N VAL B 132 16.94 -40.66 -24.53
CA VAL B 132 16.57 -42.06 -24.42
C VAL B 132 15.59 -42.25 -23.27
N PHE B 133 14.52 -43.01 -23.52
CA PHE B 133 13.53 -43.33 -22.51
C PHE B 133 13.66 -44.80 -22.17
N GLU B 134 13.38 -45.17 -20.93
CA GLU B 134 13.01 -46.54 -20.60
C GLU B 134 11.61 -46.49 -20.03
N VAL B 135 10.82 -47.51 -20.33
CA VAL B 135 9.44 -47.54 -19.87
C VAL B 135 9.12 -48.90 -19.31
N SER B 136 8.59 -48.89 -18.09
CA SER B 136 8.13 -50.11 -17.47
CA SER B 136 8.13 -50.11 -17.46
C SER B 136 6.61 -50.08 -17.45
N PHE B 137 5.99 -50.92 -18.28
CA PHE B 137 4.53 -51.00 -18.34
C PHE B 137 3.97 -51.88 -17.23
N PRO B 138 2.79 -51.50 -16.68
CA PRO B 138 2.03 -52.32 -15.73
C PRO B 138 1.56 -53.62 -16.39
N GLU B 139 1.71 -54.72 -15.68
CA GLU B 139 1.37 -56.03 -16.23
C GLU B 139 -0.12 -56.13 -16.56
N LYS B 140 -0.44 -56.82 -17.64
CA LYS B 140 -1.86 -57.09 -17.94
C LYS B 140 -2.66 -55.86 -18.38
N GLU B 141 -1.97 -54.85 -18.89
CA GLU B 141 -2.64 -53.72 -19.49
C GLU B 141 -2.06 -53.52 -20.88
N ASP B 142 -2.87 -52.97 -21.78
CA ASP B 142 -2.39 -52.62 -23.09
C ASP B 142 -1.24 -51.60 -22.96
N GLN B 143 -0.24 -51.73 -23.85
CA GLN B 143 0.91 -50.86 -23.83
C GLN B 143 0.91 -50.01 -25.07
N TYR B 144 0.94 -48.70 -24.91
CA TYR B 144 1.05 -47.80 -26.05
C TYR B 144 2.16 -46.80 -25.85
N VAL B 145 2.63 -46.25 -26.97
CA VAL B 145 3.31 -44.97 -26.93
C VAL B 145 2.64 -44.07 -27.96
N VAL B 146 2.36 -42.84 -27.55
CA VAL B 146 1.78 -41.86 -28.45
C VAL B 146 2.83 -40.82 -28.78
N VAL B 147 2.97 -40.55 -30.07
CA VAL B 147 3.85 -39.52 -30.56
C VAL B 147 2.95 -38.37 -30.99
N ASP B 148 3.21 -37.19 -30.44
CA ASP B 148 2.39 -36.03 -30.74
C ASP B 148 3.31 -35.07 -31.45
N ALA B 149 3.02 -34.77 -32.71
CA ALA B 149 3.90 -33.90 -33.48
C ALA B 149 3.41 -32.46 -33.54
N TYR B 150 2.42 -32.12 -32.71
CA TYR B 150 1.96 -30.73 -32.52
C TYR B 150 1.20 -30.17 -33.70
N ASN B 151 0.68 -28.95 -33.53
CA ASN B 151 -0.07 -28.34 -34.62
C ASN B 151 0.83 -27.39 -35.37
N GLY B 152 0.26 -26.71 -36.37
CA GLY B 152 1.05 -25.83 -37.22
C GLY B 152 1.52 -26.49 -38.52
N GLY B 153 0.99 -27.67 -38.83
CA GLY B 153 1.33 -28.37 -40.05
C GLY B 153 2.44 -29.39 -39.81
N SER B 154 2.08 -30.54 -39.27
CA SER B 154 3.08 -31.54 -38.97
C SER B 154 2.88 -32.79 -39.82
N SER B 155 3.86 -33.68 -39.80
CA SER B 155 3.73 -34.95 -40.50
C SER B 155 4.47 -36.04 -39.74
N ILE B 156 4.01 -37.28 -39.94
CA ILE B 156 4.59 -38.44 -39.27
C ILE B 156 4.59 -39.66 -40.19
N THR B 157 5.70 -40.40 -40.18
CA THR B 157 5.79 -41.66 -40.90
CA THR B 157 5.76 -41.66 -40.88
C THR B 157 6.18 -42.78 -39.93
N ILE B 158 5.41 -43.86 -39.94
CA ILE B 158 5.76 -45.00 -39.10
C ILE B 158 6.39 -46.09 -39.97
N GLU B 159 7.50 -46.66 -39.52
CA GLU B 159 8.09 -47.83 -40.18
C GLU B 159 8.10 -48.97 -39.17
N PRO B 160 6.95 -49.65 -39.06
CA PRO B 160 6.73 -50.58 -37.96
C PRO B 160 7.75 -51.72 -37.94
N GLU B 161 8.04 -52.29 -39.11
CA GLU B 161 8.99 -53.39 -39.19
C GLU B 161 10.38 -52.99 -38.71
N LYS B 162 10.76 -51.75 -38.94
CA LYS B 162 12.06 -51.25 -38.50
C LYS B 162 11.99 -50.68 -37.09
N ARG B 163 10.78 -50.64 -36.53
CA ARG B 163 10.55 -50.03 -35.22
C ARG B 163 10.98 -48.55 -35.16
N LEU B 164 10.71 -47.82 -36.24
CA LEU B 164 11.07 -46.40 -36.31
C LEU B 164 9.85 -45.51 -36.48
N VAL B 165 9.93 -44.29 -35.95
CA VAL B 165 9.00 -43.26 -36.33
C VAL B 165 9.80 -42.04 -36.73
N LYS B 166 9.45 -41.43 -37.85
CA LYS B 166 10.09 -40.19 -38.30
C LYS B 166 8.98 -39.20 -38.51
N GLY B 167 9.32 -37.91 -38.50
CA GLY B 167 8.30 -36.87 -38.54
C GLY B 167 8.88 -35.49 -38.67
N ALA B 168 8.01 -34.52 -38.87
CA ALA B 168 8.40 -33.13 -38.96
C ALA B 168 7.42 -32.32 -38.12
N THR B 169 7.93 -31.43 -37.28
CA THR B 169 7.06 -30.53 -36.53
C THR B 169 7.41 -29.10 -36.93
N ARG B 170 6.40 -28.30 -37.24
CA ARG B 170 6.63 -26.95 -37.72
C ARG B 170 6.03 -25.89 -36.79
N TYR B 171 5.43 -26.33 -35.69
CA TYR B 171 4.91 -25.40 -34.71
C TYR B 171 5.94 -24.33 -34.35
N ASN B 172 5.50 -23.08 -34.26
CA ASN B 172 6.38 -21.99 -33.83
C ASN B 172 5.56 -20.80 -33.37
N ASN B 173 6.24 -19.84 -32.75
CA ASN B 173 5.55 -18.65 -32.30
C ASN B 173 6.10 -17.41 -32.99
N GLY B 174 6.54 -17.58 -34.24
CA GLY B 174 7.16 -16.52 -35.02
C GLY B 174 8.68 -16.65 -35.04
N GLY B 175 9.36 -15.72 -35.67
CA GLY B 175 10.81 -15.74 -35.74
C GLY B 175 11.40 -16.89 -36.53
N VAL B 176 10.65 -17.44 -37.46
CA VAL B 176 11.16 -18.53 -38.30
C VAL B 176 11.06 -18.21 -39.79
N PRO B 177 12.01 -18.70 -40.58
CA PRO B 177 11.90 -18.57 -42.04
C PRO B 177 10.77 -19.45 -42.56
N ASP B 178 10.43 -19.34 -43.84
CA ASP B 178 9.28 -20.05 -44.42
C ASP B 178 9.47 -21.56 -44.47
N ASN B 179 10.71 -22.01 -44.58
CA ASN B 179 10.96 -23.44 -44.74
C ASN B 179 11.19 -24.13 -43.41
N PHE B 180 10.84 -23.45 -42.32
CA PHE B 180 11.20 -23.95 -40.99
C PHE B 180 10.63 -25.32 -40.68
N ALA B 181 11.41 -26.16 -40.03
CA ALA B 181 10.91 -27.42 -39.51
C ALA B 181 11.93 -28.07 -38.58
N ASN B 182 11.44 -28.80 -37.59
CA ASN B 182 12.30 -29.71 -36.82
C ASN B 182 12.04 -31.13 -37.32
N TYR B 183 13.10 -31.81 -37.75
CA TYR B 183 13.01 -33.19 -38.23
C TYR B 183 13.43 -34.15 -37.15
N PHE B 184 12.56 -35.09 -36.79
CA PHE B 184 12.89 -36.00 -35.71
C PHE B 184 12.76 -37.46 -36.12
N MET B 185 13.37 -38.32 -35.32
CA MET B 185 13.25 -39.75 -35.53
C MET B 185 13.42 -40.44 -34.19
N MET B 186 12.84 -41.63 -34.09
CA MET B 186 12.93 -42.41 -32.87
C MET B 186 12.89 -43.91 -33.19
N GLU B 187 13.46 -44.71 -32.31
CA GLU B 187 13.54 -46.14 -32.52
C GLU B 187 13.13 -46.82 -31.25
N PHE B 188 12.40 -47.92 -31.36
CA PHE B 188 11.93 -48.64 -30.19
C PHE B 188 12.64 -49.98 -30.07
N SER B 189 12.81 -50.42 -28.84
CA SER B 189 13.55 -51.64 -28.53
C SER B 189 12.77 -52.89 -28.87
N HIS B 190 11.44 -52.81 -28.87
CA HIS B 190 10.60 -54.01 -28.99
C HIS B 190 9.71 -54.00 -30.21
N PRO B 191 9.24 -55.19 -30.64
CA PRO B 191 8.39 -55.27 -31.83
C PRO B 191 7.12 -54.47 -31.66
N VAL B 192 6.70 -53.80 -32.72
CA VAL B 192 5.44 -53.06 -32.75
C VAL B 192 4.30 -54.01 -33.10
N ILE B 193 3.34 -54.16 -32.19
CA ILE B 193 2.25 -55.13 -32.39
C ILE B 193 1.14 -54.57 -33.27
N GLU B 194 0.88 -53.27 -33.10
CA GLU B 194 -0.10 -52.53 -33.89
C GLU B 194 0.31 -51.07 -33.89
N TYR B 195 -0.28 -50.26 -34.77
CA TYR B 195 0.15 -48.87 -34.94
C TYR B 195 -0.95 -48.08 -35.64
N GLY B 196 -0.89 -46.74 -35.58
CA GLY B 196 -1.93 -45.93 -36.18
C GLY B 196 -1.62 -44.45 -36.31
N THR B 197 -2.44 -43.74 -37.08
CA THR B 197 -2.28 -42.30 -37.26
C THR B 197 -3.53 -41.55 -36.80
N TYR B 198 -3.34 -40.26 -36.55
CA TYR B 198 -4.42 -39.41 -36.11
C TYR B 198 -4.18 -38.05 -36.72
N ASN B 199 -5.20 -37.46 -37.33
CA ASN B 199 -4.99 -36.23 -38.06
C ASN B 199 -5.65 -35.04 -37.39
N GLY B 200 -5.85 -35.17 -36.07
CA GLY B 200 -6.54 -34.13 -35.31
C GLY B 200 -8.03 -34.34 -35.37
N ASP B 201 -8.46 -35.31 -36.17
CA ASP B 201 -9.87 -35.54 -36.31
C ASP B 201 -10.24 -37.01 -36.27
N THR B 202 -9.57 -37.81 -37.11
CA THR B 202 -9.86 -39.23 -37.19
C THR B 202 -8.65 -40.08 -36.83
N LEU B 203 -8.90 -41.14 -36.07
CA LEU B 203 -7.87 -42.09 -35.73
C LEU B 203 -7.97 -43.25 -36.71
N LEU B 204 -6.90 -43.49 -37.45
CA LEU B 204 -6.87 -44.57 -38.42
C LEU B 204 -5.92 -45.65 -37.99
N HIS B 205 -6.46 -46.85 -37.83
CA HIS B 205 -5.71 -47.98 -37.34
C HIS B 205 -4.90 -48.66 -38.43
N HIS B 206 -3.71 -49.12 -38.06
CA HIS B 206 -2.91 -49.90 -38.99
C HIS B 206 -2.57 -49.13 -40.26
N GLN B 207 -2.25 -47.84 -40.12
CA GLN B 207 -1.76 -46.99 -41.20
C GLN B 207 -0.47 -46.33 -40.70
N THR B 208 0.38 -45.90 -41.62
CA THR B 208 1.72 -45.47 -41.27
C THR B 208 2.01 -43.98 -41.55
N ASP B 209 1.20 -43.35 -42.40
CA ASP B 209 1.53 -42.01 -42.86
C ASP B 209 0.40 -41.01 -42.72
N VAL B 210 0.73 -39.86 -42.13
CA VAL B 210 -0.26 -38.83 -41.94
C VAL B 210 0.39 -37.44 -42.02
N ALA B 211 -0.38 -36.46 -42.50
CA ALA B 211 0.09 -35.09 -42.53
C ALA B 211 -1.12 -34.15 -42.52
N ALA B 212 -1.10 -33.19 -41.61
CA ALA B 212 -2.24 -32.30 -41.41
C ALA B 212 -1.80 -31.17 -40.48
N ASP B 213 -2.73 -30.28 -40.13
CA ASP B 213 -2.39 -29.21 -39.23
C ASP B 213 -1.86 -29.78 -37.91
N TYR B 214 -2.56 -30.76 -37.37
CA TYR B 214 -2.17 -31.40 -36.13
C TYR B 214 -2.10 -32.90 -36.35
N THR B 215 -0.98 -33.54 -36.00
CA THR B 215 -0.89 -34.99 -36.14
C THR B 215 -0.34 -35.69 -34.92
N CYS B 216 -0.81 -36.91 -34.73
CA CYS B 216 -0.30 -37.83 -33.71
C CYS B 216 -0.22 -39.23 -34.32
N ALA B 217 0.53 -40.11 -33.67
CA ALA B 217 0.64 -41.50 -34.08
C ALA B 217 0.75 -42.36 -32.85
N TYR B 218 0.38 -43.64 -32.96
CA TYR B 218 0.52 -44.53 -31.82
C TYR B 218 1.20 -45.84 -32.17
N LEU B 219 1.88 -46.41 -31.19
CA LEU B 219 2.43 -47.73 -31.34
C LEU B 219 2.00 -48.59 -30.15
N LYS B 220 1.72 -49.86 -30.44
CA LYS B 220 1.28 -50.78 -29.40
C LYS B 220 2.34 -51.86 -29.26
N PHE B 221 2.61 -52.24 -28.01
CA PHE B 221 3.68 -53.18 -27.73
C PHE B 221 3.18 -54.36 -26.94
N ASP B 222 4.03 -55.37 -26.83
CA ASP B 222 3.77 -56.49 -25.95
C ASP B 222 5.09 -56.83 -25.28
N VAL B 223 5.64 -55.88 -24.52
CA VAL B 223 6.88 -56.09 -23.81
C VAL B 223 6.68 -57.15 -22.73
N PRO B 224 7.54 -58.18 -22.69
CA PRO B 224 7.33 -59.24 -21.67
C PRO B 224 7.54 -58.77 -20.22
N ALA B 225 6.89 -59.45 -19.28
CA ALA B 225 7.05 -59.13 -17.86
C ALA B 225 8.53 -59.16 -17.49
N GLY B 226 8.97 -58.16 -16.73
CA GLY B 226 10.37 -58.06 -16.35
C GLY B 226 11.23 -57.29 -17.32
N GLU B 227 10.72 -56.98 -18.51
CA GLU B 227 11.50 -56.24 -19.48
C GLU B 227 11.04 -54.79 -19.60
N LYS B 228 11.87 -53.96 -20.21
CA LYS B 228 11.52 -52.57 -20.33
C LYS B 228 11.62 -52.17 -21.78
N LEU B 229 10.77 -51.22 -22.17
CA LEU B 229 10.83 -50.65 -23.50
C LEU B 229 11.85 -49.52 -23.50
N THR B 230 12.76 -49.55 -24.46
CA THR B 230 13.65 -48.44 -24.66
C THR B 230 13.21 -47.67 -25.92
N ILE B 231 13.21 -46.35 -25.83
CA ILE B 231 12.94 -45.47 -26.95
C ILE B 231 14.14 -44.55 -27.14
N ARG B 232 14.69 -44.51 -28.34
CA ARG B 232 15.80 -43.62 -28.62
C ARG B 232 15.34 -42.59 -29.63
N THR B 233 15.75 -41.34 -29.46
CA THR B 233 15.27 -40.31 -30.35
C THR B 233 16.29 -39.18 -30.55
N ALA B 234 16.26 -38.55 -31.71
CA ALA B 234 17.09 -37.38 -31.96
C ALA B 234 16.37 -36.53 -32.98
N SER B 235 16.79 -35.27 -33.10
CA SER B 235 16.17 -34.42 -34.08
C SER B 235 17.19 -33.46 -34.66
N SER B 236 16.78 -32.74 -35.70
CA SER B 236 17.69 -31.83 -36.39
C SER B 236 16.87 -30.72 -37.04
N PHE B 237 17.46 -29.53 -37.13
CA PHE B 237 16.81 -28.43 -37.82
C PHE B 237 17.27 -28.36 -39.27
N ILE B 238 18.19 -29.26 -39.63
CA ILE B 238 18.73 -29.24 -40.97
C ILE B 238 18.00 -30.17 -41.93
N SER B 239 17.90 -31.44 -41.57
CA SER B 239 17.19 -32.39 -42.42
C SER B 239 16.97 -33.71 -41.70
N PRO B 240 16.08 -34.54 -42.25
CA PRO B 240 15.92 -35.92 -41.78
C PRO B 240 17.27 -36.64 -41.74
N GLU B 241 18.09 -36.44 -42.77
CA GLU B 241 19.43 -37.04 -42.84
C GLU B 241 20.32 -36.63 -41.67
N GLN B 242 20.34 -35.35 -41.34
CA GLN B 242 21.15 -34.89 -40.23
C GLN B 242 20.56 -35.40 -38.91
N ALA B 243 19.25 -35.57 -38.84
CA ALA B 243 18.68 -36.16 -37.62
C ALA B 243 19.22 -37.56 -37.40
N ALA B 244 19.34 -38.33 -38.49
CA ALA B 244 19.89 -39.69 -38.42
C ALA B 244 21.35 -39.69 -37.99
N ILE B 245 22.10 -38.72 -38.50
CA ILE B 245 23.50 -38.57 -38.10
C ILE B 245 23.59 -38.23 -36.60
N ASN B 246 22.76 -37.29 -36.14
CA ASN B 246 22.71 -36.95 -34.71
C ASN B 246 22.35 -38.16 -33.89
N PHE B 247 21.30 -38.86 -34.32
CA PHE B 247 20.86 -40.09 -33.64
C PHE B 247 21.98 -41.13 -33.54
N ASN B 248 22.66 -41.41 -34.65
CA ASN B 248 23.72 -42.42 -34.68
C ASN B 248 24.94 -42.06 -33.83
N ARG B 249 25.29 -40.78 -33.80
CA ARG B 249 26.40 -40.35 -32.98
C ARG B 249 26.04 -40.29 -31.48
N GLU B 250 24.85 -39.81 -31.16
CA GLU B 250 24.55 -39.50 -29.75
C GLU B 250 23.77 -40.58 -28.98
N VAL B 251 22.84 -41.28 -29.63
CA VAL B 251 21.95 -42.15 -28.86
C VAL B 251 21.83 -43.60 -29.33
N ALA B 252 22.27 -43.91 -30.55
CA ALA B 252 22.14 -45.26 -31.09
C ALA B 252 22.67 -46.32 -30.14
N ASP B 253 21.90 -47.37 -29.92
CA ASP B 253 22.35 -48.52 -29.13
C ASP B 253 22.52 -48.25 -27.64
N ALA B 254 22.10 -47.09 -27.17
CA ALA B 254 22.26 -46.74 -25.76
C ALA B 254 21.03 -47.07 -24.94
N ASP B 255 21.21 -47.41 -23.67
CA ASP B 255 20.06 -47.41 -22.78
C ASP B 255 20.07 -46.10 -21.96
N VAL B 256 19.02 -45.88 -21.16
CA VAL B 256 18.89 -44.63 -20.41
C VAL B 256 20.03 -44.50 -19.38
N GLN B 257 20.46 -45.63 -18.82
CA GLN B 257 21.56 -45.63 -17.85
C GLN B 257 22.82 -45.02 -18.47
N LEU B 258 23.15 -45.44 -19.67
CA LEU B 258 24.31 -44.89 -20.36
C LEU B 258 24.17 -43.37 -20.62
N ILE B 259 23.00 -42.93 -21.09
CA ILE B 259 22.80 -41.52 -21.35
C ILE B 259 22.78 -40.70 -20.05
N SER B 260 22.13 -41.26 -19.02
CA SER B 260 22.09 -40.59 -17.72
C SER B 260 23.49 -40.29 -17.20
N GLY B 261 24.35 -41.32 -17.21
CA GLY B 261 25.70 -41.18 -16.70
C GLY B 261 26.51 -40.15 -17.46
N LYS B 262 26.29 -40.08 -18.78
CA LYS B 262 27.02 -39.12 -19.61
C LYS B 262 26.59 -37.72 -19.30
N ALA B 263 25.28 -37.52 -19.16
CA ALA B 263 24.76 -36.21 -18.77
C ALA B 263 25.24 -35.81 -17.37
N ARG B 264 25.28 -36.76 -16.45
CA ARG B 264 25.69 -36.48 -15.08
C ARG B 264 27.14 -35.97 -15.02
N GLU B 265 28.02 -36.65 -15.74
CA GLU B 265 29.41 -36.25 -15.87
C GLU B 265 29.53 -34.89 -16.55
N GLN B 266 28.75 -34.65 -17.59
CA GLN B 266 28.75 -33.33 -18.19
C GLN B 266 28.39 -32.27 -17.15
N TRP B 267 27.26 -32.44 -16.46
CA TRP B 267 26.86 -31.45 -15.46
C TRP B 267 27.90 -31.26 -14.34
N ASN B 268 28.46 -32.35 -13.83
CA ASN B 268 29.49 -32.23 -12.81
C ASN B 268 30.71 -31.48 -13.31
N ASN B 269 31.10 -31.73 -14.55
CA ASN B 269 32.24 -31.04 -15.12
C ASN B 269 32.00 -29.54 -15.21
N TYR B 270 30.85 -29.13 -15.74
CA TYR B 270 30.58 -27.69 -15.92
C TYR B 270 30.20 -26.95 -14.63
N LEU B 271 29.32 -27.55 -13.84
CA LEU B 271 28.95 -26.99 -12.55
C LEU B 271 30.17 -26.87 -11.67
N GLY B 272 31.09 -27.83 -11.82
CA GLY B 272 32.29 -27.91 -10.99
C GLY B 272 33.35 -26.84 -11.25
N ARG B 273 33.17 -26.04 -12.29
CA ARG B 273 34.13 -24.97 -12.51
C ARG B 273 34.08 -23.97 -11.36
N VAL B 274 33.03 -24.00 -10.57
CA VAL B 274 33.03 -23.27 -9.32
C VAL B 274 32.68 -24.18 -8.14
N GLU B 275 33.60 -24.25 -7.17
CA GLU B 275 33.44 -25.10 -6.00
C GLU B 275 33.06 -24.30 -4.77
N ALA B 276 31.82 -24.47 -4.31
CA ALA B 276 31.38 -23.83 -3.09
C ALA B 276 31.54 -24.78 -1.90
N GLU B 277 32.19 -24.30 -0.83
CA GLU B 277 32.34 -25.06 0.39
C GLU B 277 32.04 -24.21 1.60
N GLY B 278 31.51 -24.86 2.65
CA GLY B 278 31.21 -24.16 3.89
C GLY B 278 29.90 -23.42 3.77
N GLY B 279 28.83 -24.19 3.55
CA GLY B 279 27.48 -23.66 3.53
C GLY B 279 26.52 -24.76 3.91
N THR B 280 25.27 -24.40 4.14
CA THR B 280 24.24 -25.38 4.46
C THR B 280 23.85 -26.08 3.17
N ASP B 281 23.27 -27.27 3.29
CA ASP B 281 22.79 -27.99 2.11
C ASP B 281 21.84 -27.08 1.32
N GLU B 282 21.04 -26.29 2.04
CA GLU B 282 20.07 -25.40 1.39
C GLU B 282 20.75 -24.34 0.51
N GLN B 283 21.85 -23.77 0.98
CA GLN B 283 22.60 -22.81 0.17
C GLN B 283 23.24 -23.51 -1.04
N LEU B 284 23.84 -24.67 -0.81
CA LEU B 284 24.44 -25.40 -1.93
C LEU B 284 23.38 -25.74 -2.99
N ARG B 285 22.23 -26.25 -2.56
CA ARG B 285 21.15 -26.54 -3.50
C ARG B 285 20.72 -25.27 -4.25
N THR B 286 20.63 -24.16 -3.53
CA THR B 286 20.18 -22.93 -4.17
C THR B 286 21.19 -22.47 -5.22
N PHE B 287 22.47 -22.46 -4.81
CA PHE B 287 23.57 -22.01 -5.65
C PHE B 287 23.70 -22.85 -6.92
N TYR B 288 23.72 -24.17 -6.77
CA TYR B 288 23.89 -25.02 -7.93
C TYR B 288 22.64 -25.09 -8.80
N SER B 289 21.47 -24.94 -8.21
CA SER B 289 20.26 -24.87 -9.04
C SER B 289 20.28 -23.60 -9.91
N CYS B 290 20.65 -22.48 -9.31
CA CYS B 290 20.81 -21.23 -10.06
C CYS B 290 21.87 -21.37 -11.16
N LEU B 291 22.98 -22.02 -10.85
CA LEU B 291 24.05 -22.21 -11.83
C LEU B 291 23.56 -23.09 -12.99
N TYR B 292 22.88 -24.18 -12.65
CA TYR B 292 22.31 -25.08 -13.67
C TYR B 292 21.40 -24.32 -14.63
N ARG B 293 20.56 -23.47 -14.07
CA ARG B 293 19.69 -22.59 -14.83
C ARG B 293 20.49 -21.69 -15.76
N THR B 294 21.59 -21.15 -15.25
CA THR B 294 22.39 -20.24 -16.04
C THR B 294 23.09 -20.94 -17.19
N LEU B 295 23.31 -22.25 -17.07
CA LEU B 295 24.04 -22.96 -18.13
C LEU B 295 23.14 -23.51 -19.26
N LEU B 296 21.84 -23.21 -19.18
CA LEU B 296 20.87 -23.60 -20.21
C LEU B 296 20.80 -22.68 -21.45
N PHE B 297 20.71 -21.36 -21.25
CA PHE B 297 20.46 -20.45 -22.36
C PHE B 297 21.70 -19.66 -22.68
N PRO B 298 21.61 -18.87 -23.75
CA PRO B 298 21.24 -19.51 -25.01
C PRO B 298 21.71 -20.90 -25.37
N ARG B 299 20.91 -21.59 -26.19
CA ARG B 299 21.25 -22.92 -26.62
C ARG B 299 22.08 -22.92 -27.90
N GLU B 300 22.93 -23.93 -28.03
CA GLU B 300 23.64 -24.19 -29.25
C GLU B 300 22.63 -24.52 -30.33
N PHE B 301 22.76 -23.92 -31.50
CA PHE B 301 21.83 -24.21 -32.58
C PHE B 301 22.56 -24.86 -33.75
N TYR B 302 23.76 -25.34 -33.49
CA TYR B 302 24.54 -26.00 -34.53
C TYR B 302 24.64 -27.48 -34.27
N GLU B 303 25.09 -28.21 -35.29
CA GLU B 303 25.09 -29.66 -35.33
C GLU B 303 26.37 -30.08 -36.03
N PHE B 304 26.77 -31.35 -35.88
CA PHE B 304 28.00 -31.81 -36.51
C PHE B 304 27.70 -32.79 -37.65
N ASP B 305 28.21 -32.46 -38.84
CA ASP B 305 27.89 -33.23 -40.06
C ASP B 305 28.57 -34.59 -40.13
N SER B 306 28.37 -35.30 -41.23
CA SER B 306 28.96 -36.63 -41.38
C SER B 306 30.48 -36.51 -41.29
N GLN B 307 30.99 -35.29 -41.40
CA GLN B 307 32.43 -35.07 -41.38
C GLN B 307 32.93 -34.65 -40.00
N GLY B 308 32.01 -34.37 -39.09
CA GLY B 308 32.38 -33.88 -37.77
C GLY B 308 32.51 -32.36 -37.71
N ASN B 309 32.16 -31.68 -38.80
CA ASN B 309 32.24 -30.23 -38.84
C ASN B 309 30.94 -29.56 -38.44
N PRO B 310 31.04 -28.47 -37.67
CA PRO B 310 29.83 -27.81 -37.20
C PRO B 310 29.09 -27.09 -38.34
N VAL B 311 27.78 -27.29 -38.41
CA VAL B 311 26.92 -26.63 -39.39
C VAL B 311 25.62 -26.24 -38.69
N TYR B 312 24.86 -25.33 -39.29
CA TYR B 312 23.59 -24.97 -38.70
C TYR B 312 22.56 -24.50 -39.73
N TYR B 313 21.29 -24.80 -39.44
CA TYR B 313 20.18 -24.18 -40.10
C TYR B 313 20.05 -22.75 -39.58
N SER B 314 20.12 -21.76 -40.46
CA SER B 314 19.98 -20.40 -40.02
C SER B 314 18.51 -20.09 -39.83
N PRO B 315 18.14 -19.63 -38.64
CA PRO B 315 16.79 -19.16 -38.41
C PRO B 315 16.63 -17.74 -38.95
N TYR B 316 17.71 -17.21 -39.50
CA TYR B 316 17.66 -15.85 -40.00
C TYR B 316 17.43 -15.80 -41.51
N ASP B 317 17.98 -16.77 -42.26
CA ASP B 317 17.78 -16.79 -43.72
C ASP B 317 17.28 -18.13 -44.26
N GLY B 318 17.30 -19.17 -43.43
CA GLY B 318 16.72 -20.44 -43.82
C GLY B 318 17.65 -21.38 -44.57
N ASN B 319 18.93 -21.01 -44.68
CA ASN B 319 19.92 -21.85 -45.34
C ASN B 319 20.82 -22.55 -44.33
N VAL B 320 21.61 -23.51 -44.79
CA VAL B 320 22.58 -24.19 -43.95
C VAL B 320 23.95 -23.55 -44.12
N HIS B 321 24.65 -23.30 -43.02
CA HIS B 321 25.94 -22.60 -43.03
C HIS B 321 26.96 -23.41 -42.26
N ASP B 322 28.23 -23.14 -42.50
CA ASP B 322 29.30 -23.68 -41.67
C ASP B 322 29.46 -22.80 -40.44
N GLY B 323 29.73 -23.42 -39.31
CA GLY B 323 30.08 -22.65 -38.11
C GLY B 323 29.12 -22.76 -36.95
N TYR B 324 29.03 -21.69 -36.17
CA TYR B 324 28.29 -21.71 -34.93
C TYR B 324 27.08 -20.79 -34.96
N MET B 325 26.03 -21.19 -34.24
CA MET B 325 24.84 -20.38 -34.07
C MET B 325 24.21 -20.69 -32.71
N TYR B 326 23.61 -19.67 -32.11
CA TYR B 326 22.94 -19.82 -30.83
C TYR B 326 21.62 -19.08 -30.91
N THR B 327 20.67 -19.43 -30.06
CA THR B 327 19.39 -18.71 -29.99
C THR B 327 18.70 -18.96 -28.66
N ASP B 328 17.46 -18.47 -28.55
CA ASP B 328 16.64 -18.57 -27.33
C ASP B 328 17.18 -17.76 -26.16
N ASN B 329 17.34 -16.47 -26.43
CA ASN B 329 17.96 -15.56 -25.52
C ASN B 329 17.46 -14.16 -25.85
N GLY B 330 17.10 -13.39 -24.83
CA GLY B 330 16.95 -11.95 -25.00
C GLY B 330 18.14 -11.26 -24.34
N PHE B 331 18.97 -10.58 -25.12
CA PHE B 331 20.14 -9.91 -24.57
C PHE B 331 19.75 -8.83 -23.53
N TRP B 332 18.58 -8.24 -23.68
CA TRP B 332 18.09 -7.31 -22.69
C TRP B 332 18.17 -7.91 -21.27
N ASP B 333 17.93 -9.22 -21.17
CA ASP B 333 18.04 -9.99 -19.92
CA ASP B 333 18.09 -9.86 -19.86
C ASP B 333 19.49 -10.40 -19.62
N THR B 334 20.07 -11.08 -20.60
CA THR B 334 21.27 -11.86 -20.37
C THR B 334 22.60 -11.10 -20.39
N PHE B 335 22.61 -9.88 -20.89
CA PHE B 335 23.83 -9.09 -20.92
C PHE B 335 24.30 -8.75 -19.51
N ARG B 336 23.33 -8.66 -18.60
CA ARG B 336 23.59 -8.16 -17.26
C ARG B 336 24.50 -9.05 -16.41
N ALA B 337 24.28 -10.37 -16.46
CA ALA B 337 25.09 -11.26 -15.63
C ALA B 337 25.33 -12.63 -16.24
N VAL B 338 24.39 -13.11 -17.05
CA VAL B 338 24.53 -14.41 -17.67
C VAL B 338 25.78 -14.50 -18.59
N HIS B 339 25.87 -13.62 -19.58
CA HIS B 339 27.03 -13.67 -20.48
C HIS B 339 28.36 -13.30 -19.82
N PRO B 340 28.33 -12.36 -18.86
CA PRO B 340 29.58 -12.11 -18.13
C PRO B 340 30.03 -13.31 -17.31
N LEU B 341 29.11 -14.08 -16.76
CA LEU B 341 29.52 -15.34 -16.14
C LEU B 341 30.23 -16.24 -17.16
N PHE B 342 29.68 -16.31 -18.36
CA PHE B 342 30.31 -17.11 -19.41
C PHE B 342 31.72 -16.60 -19.69
N THR B 343 31.84 -15.28 -19.90
CA THR B 343 33.14 -14.72 -20.25
C THR B 343 34.19 -15.08 -19.20
N LEU B 344 33.73 -15.29 -17.98
CA LEU B 344 34.65 -15.61 -16.90
C LEU B 344 34.91 -17.13 -16.76
N LEU B 345 33.85 -17.91 -16.56
CA LEU B 345 34.04 -19.33 -16.27
C LEU B 345 33.85 -20.26 -17.46
N TYR B 346 33.18 -19.78 -18.51
CA TYR B 346 32.89 -20.61 -19.66
C TYR B 346 33.20 -19.84 -20.95
N PRO B 347 34.42 -19.30 -21.07
CA PRO B 347 34.69 -18.38 -22.17
C PRO B 347 34.67 -19.05 -23.56
N GLU B 348 34.85 -20.36 -23.61
CA GLU B 348 34.72 -21.04 -24.91
C GLU B 348 33.30 -20.90 -25.46
N VAL B 349 32.33 -20.73 -24.57
CA VAL B 349 30.97 -20.49 -25.02
C VAL B 349 30.85 -19.08 -25.61
N SER B 350 31.41 -18.09 -24.91
CA SER B 350 31.40 -16.71 -25.40
C SER B 350 32.11 -16.59 -26.75
N GLU B 351 33.19 -17.34 -26.93
CA GLU B 351 33.88 -17.34 -28.22
C GLU B 351 32.93 -17.66 -29.36
N ARG B 352 32.07 -18.66 -29.16
CA ARG B 352 31.10 -19.11 -30.17
C ARG B 352 29.85 -18.23 -30.23
N VAL B 353 29.40 -17.74 -29.08
CA VAL B 353 28.24 -16.84 -29.03
C VAL B 353 28.49 -15.52 -29.78
N THR B 354 29.61 -14.86 -29.51
CA THR B 354 29.94 -13.64 -30.23
C THR B 354 30.01 -13.89 -31.74
N GLN B 355 30.61 -15.01 -32.13
CA GLN B 355 30.64 -15.36 -33.56
C GLN B 355 29.22 -15.44 -34.12
N SER B 356 28.32 -16.06 -33.35
CA SER B 356 26.95 -16.29 -33.81
CA SER B 356 26.96 -16.29 -33.82
C SER B 356 26.20 -14.97 -33.99
N ILE B 357 26.51 -14.00 -33.14
CA ILE B 357 25.87 -12.69 -33.25
C ILE B 357 26.23 -12.06 -34.58
N ILE B 358 27.51 -12.12 -34.95
CA ILE B 358 27.95 -11.61 -36.23
C ILE B 358 27.34 -12.42 -37.38
N ASN B 359 27.24 -13.74 -37.21
CA ASN B 359 26.65 -14.58 -38.25
C ASN B 359 25.23 -14.15 -38.56
N ALA B 360 24.47 -13.86 -37.51
CA ALA B 360 23.07 -13.45 -37.65
C ALA B 360 22.96 -12.12 -38.37
N TYR B 361 23.87 -11.20 -38.03
CA TYR B 361 23.95 -9.92 -38.71
C TYR B 361 24.20 -10.12 -40.20
N ASN B 362 25.14 -11.01 -40.56
CA ASN B 362 25.42 -11.28 -41.97
C ASN B 362 24.24 -11.89 -42.67
N GLU B 363 23.46 -12.68 -41.93
CA GLU B 363 22.36 -13.41 -42.51
C GLU B 363 21.05 -12.61 -42.58
N SER B 364 20.89 -11.62 -41.70
CA SER B 364 19.61 -10.92 -41.63
C SER B 364 19.73 -9.42 -41.85
N GLY B 365 20.93 -8.90 -41.66
CA GLY B 365 21.15 -7.45 -41.76
C GLY B 365 21.15 -6.74 -40.41
N PHE B 366 20.76 -7.46 -39.35
CA PHE B 366 20.77 -6.89 -38.00
C PHE B 366 21.30 -7.88 -36.98
N MET B 367 21.87 -7.37 -35.89
CA MET B 367 22.25 -8.24 -34.79
C MET B 367 20.97 -8.57 -34.07
N PRO B 368 20.91 -9.76 -33.45
CA PRO B 368 19.69 -10.05 -32.70
C PRO B 368 19.67 -9.37 -31.34
N GLU B 369 18.48 -9.05 -30.86
CA GLU B 369 18.30 -8.63 -29.49
C GLU B 369 17.49 -9.72 -28.75
N TRP B 370 16.23 -9.94 -29.14
CA TRP B 370 15.52 -11.16 -28.69
C TRP B 370 15.45 -12.16 -29.82
N ALA B 371 15.90 -13.39 -29.56
CA ALA B 371 15.94 -14.41 -30.60
C ALA B 371 15.32 -15.71 -30.11
N SER B 372 14.37 -16.23 -30.86
CA SER B 372 13.76 -17.50 -30.51
C SER B 372 13.02 -17.96 -31.76
N PRO B 373 13.56 -19.02 -32.36
CA PRO B 373 14.88 -19.02 -32.94
C PRO B 373 15.42 -17.81 -33.66
N GLY B 374 14.58 -17.14 -34.43
CA GLY B 374 15.01 -15.98 -35.19
C GLY B 374 14.60 -14.68 -34.51
N HIS B 375 14.61 -13.58 -35.26
CA HIS B 375 14.29 -12.29 -34.66
C HIS B 375 12.89 -12.28 -34.10
N ARG B 376 12.75 -11.91 -32.83
CA ARG B 376 11.43 -11.80 -32.22
C ARG B 376 11.25 -10.41 -31.62
N GLY B 377 10.07 -9.81 -31.81
CA GLY B 377 9.85 -8.46 -31.29
C GLY B 377 9.50 -8.44 -29.81
N CYS B 378 10.50 -8.17 -28.98
CA CYS B 378 10.38 -8.28 -27.55
C CYS B 378 11.40 -7.39 -26.85
N MET B 379 10.95 -6.60 -25.88
CA MET B 379 11.82 -5.73 -25.09
C MET B 379 12.51 -4.60 -25.87
N ILE B 380 13.70 -4.20 -25.44
CA ILE B 380 14.33 -2.99 -25.93
C ILE B 380 15.86 -3.05 -25.84
N GLY B 381 16.51 -2.02 -26.37
CA GLY B 381 17.96 -1.87 -26.22
C GLY B 381 18.80 -2.45 -27.33
N ASN B 382 20.11 -2.18 -27.26
CA ASN B 382 21.07 -2.69 -28.23
C ASN B 382 22.09 -3.51 -27.49
N ASN B 383 21.61 -4.37 -26.60
CA ASN B 383 22.54 -5.05 -25.73
C ASN B 383 23.36 -6.15 -26.35
N SER B 384 23.04 -6.52 -27.58
CA SER B 384 23.95 -7.32 -28.36
C SER B 384 25.35 -6.63 -28.35
N VAL B 385 25.37 -5.30 -28.38
CA VAL B 385 26.65 -4.60 -28.42
C VAL B 385 27.42 -4.93 -27.15
N SER B 386 26.72 -4.97 -26.03
CA SER B 386 27.34 -5.29 -24.75
C SER B 386 28.01 -6.67 -24.76
N LEU B 387 27.33 -7.68 -25.29
CA LEU B 387 27.93 -9.01 -25.32
C LEU B 387 29.29 -8.98 -26.03
N LEU B 388 29.31 -8.33 -27.19
CA LEU B 388 30.53 -8.24 -28.01
C LEU B 388 31.64 -7.46 -27.32
N VAL B 389 31.29 -6.27 -26.81
CA VAL B 389 32.29 -5.42 -26.20
C VAL B 389 32.76 -5.97 -24.86
N ASP B 390 31.85 -6.48 -24.05
CA ASP B 390 32.29 -7.08 -22.79
C ASP B 390 33.29 -8.21 -23.07
N ALA B 391 32.98 -9.09 -24.01
CA ALA B 391 33.90 -10.19 -24.32
C ALA B 391 35.25 -9.67 -24.85
N TRP B 392 35.19 -8.69 -25.75
CA TRP B 392 36.39 -8.14 -26.38
C TRP B 392 37.36 -7.54 -25.34
N MET B 393 36.86 -6.66 -24.49
CA MET B 393 37.68 -6.04 -23.45
C MET B 393 38.23 -7.05 -22.45
N LYS B 394 37.75 -8.29 -22.51
CA LYS B 394 38.25 -9.35 -21.64
C LYS B 394 39.21 -10.30 -22.39
N GLY B 395 39.51 -9.95 -23.63
CA GLY B 395 40.44 -10.72 -24.45
C GLY B 395 39.76 -11.82 -25.25
N ILE B 396 38.44 -11.85 -25.22
CA ILE B 396 37.72 -12.81 -26.05
C ILE B 396 37.42 -12.16 -27.40
N GLN B 397 38.18 -12.55 -28.41
CA GLN B 397 38.15 -11.85 -29.69
C GLN B 397 38.20 -12.85 -30.86
N THR B 398 37.03 -13.35 -31.23
CA THR B 398 36.94 -14.36 -32.27
C THR B 398 36.17 -13.77 -33.44
N VAL B 399 35.68 -12.55 -33.30
CA VAL B 399 35.01 -11.88 -34.40
C VAL B 399 35.98 -10.94 -35.10
N ASP B 400 35.69 -10.60 -36.35
CA ASP B 400 36.47 -9.61 -37.08
C ASP B 400 36.16 -8.22 -36.54
N ALA B 401 37.20 -7.47 -36.19
CA ALA B 401 37.00 -6.18 -35.53
C ALA B 401 36.24 -5.18 -36.40
N GLU B 402 36.65 -5.03 -37.65
CA GLU B 402 36.00 -4.10 -38.57
C GLU B 402 34.55 -4.50 -38.82
N LYS B 403 34.31 -5.80 -38.97
CA LYS B 403 32.94 -6.29 -39.15
C LYS B 403 32.09 -6.05 -37.90
N ALA B 404 32.67 -6.29 -36.72
CA ALA B 404 31.93 -6.11 -35.46
C ALA B 404 31.50 -4.65 -35.32
N LEU B 405 32.44 -3.73 -35.54
CA LEU B 405 32.18 -2.31 -35.40
C LEU B 405 31.14 -1.86 -36.42
N GLU B 406 31.24 -2.37 -37.63
CA GLU B 406 30.25 -2.06 -38.65
C GLU B 406 28.87 -2.48 -38.18
N ALA B 407 28.74 -3.70 -37.68
CA ALA B 407 27.44 -4.19 -37.20
C ALA B 407 26.90 -3.37 -36.03
N MET B 408 27.77 -3.05 -35.08
CA MET B 408 27.39 -2.23 -33.92
C MET B 408 26.84 -0.87 -34.34
N ILE B 409 27.54 -0.22 -35.27
CA ILE B 409 27.13 1.11 -35.70
C ILE B 409 25.79 1.04 -36.43
N HIS B 410 25.65 0.07 -37.32
CA HIS B 410 24.41 -0.12 -38.06
C HIS B 410 23.26 -0.38 -37.08
N GLN B 411 23.56 -1.06 -35.99
CA GLN B 411 22.54 -1.37 -35.00
C GLN B 411 22.00 -0.12 -34.34
N THR B 412 22.79 0.94 -34.32
CA THR B 412 22.35 2.20 -33.75
C THR B 412 21.85 3.20 -34.79
N GLN B 413 22.10 2.92 -36.07
CA GLN B 413 21.75 3.87 -37.11
C GLN B 413 20.66 3.35 -38.01
N ALA B 414 19.91 2.33 -37.56
CA ALA B 414 18.86 1.74 -38.38
C ALA B 414 17.90 0.91 -37.54
N ARG B 415 16.71 0.67 -38.06
CA ARG B 415 15.75 -0.18 -37.38
C ARG B 415 15.00 -1.03 -38.39
N HIS B 416 14.70 -2.25 -37.99
CA HIS B 416 13.86 -3.15 -38.77
C HIS B 416 12.55 -2.46 -39.13
N ALA B 417 12.12 -2.62 -40.37
CA ALA B 417 10.88 -2.03 -40.83
C ALA B 417 9.69 -2.56 -40.05
N GLU B 418 9.76 -3.82 -39.60
CA GLU B 418 8.62 -4.46 -38.95
C GLU B 418 8.79 -4.66 -37.46
N ILE B 419 10.01 -4.97 -37.04
CA ILE B 419 10.23 -5.36 -35.65
C ILE B 419 10.98 -4.30 -34.85
N ALA B 420 10.25 -3.59 -33.99
CA ALA B 420 10.79 -2.46 -33.25
C ALA B 420 12.07 -2.77 -32.45
N SER B 421 12.14 -3.96 -31.87
CA SER B 421 13.26 -4.33 -30.99
C SER B 421 14.54 -4.68 -31.76
N VAL B 422 14.47 -4.63 -33.08
CA VAL B 422 15.63 -4.98 -33.91
C VAL B 422 16.28 -3.76 -34.54
N GLY B 423 17.53 -3.49 -34.19
CA GLY B 423 18.12 -2.21 -34.50
C GLY B 423 17.76 -1.26 -33.37
N ARG B 424 17.61 0.03 -33.69
CA ARG B 424 17.37 1.03 -32.65
C ARG B 424 16.09 1.82 -32.91
N ASP B 425 15.03 1.50 -32.20
CA ASP B 425 13.78 2.21 -32.34
C ASP B 425 13.95 3.68 -31.88
N GLY B 426 13.53 4.61 -32.74
CA GLY B 426 13.62 6.03 -32.43
C GLY B 426 15.01 6.62 -32.60
N PHE B 427 15.84 6.02 -33.44
CA PHE B 427 17.22 6.50 -33.55
C PHE B 427 17.29 7.90 -34.14
N GLU B 428 16.40 8.23 -35.06
CA GLU B 428 16.44 9.57 -35.64
C GLU B 428 16.30 10.64 -34.55
N TYR B 429 15.26 10.51 -33.72
CA TYR B 429 15.04 11.48 -32.66
C TYR B 429 16.28 11.58 -31.75
N TYR B 430 16.77 10.43 -31.33
CA TYR B 430 17.84 10.30 -30.36
C TYR B 430 19.11 10.97 -30.84
N ASP B 431 19.48 10.74 -32.08
CA ASP B 431 20.64 11.44 -32.66
C ASP B 431 20.42 12.96 -32.65
N LYS B 432 19.24 13.38 -33.12
CA LYS B 432 18.89 14.78 -33.24
C LYS B 432 18.65 15.49 -31.89
N LEU B 433 17.99 14.83 -30.95
CA LEU B 433 17.59 15.52 -29.72
C LEU B 433 18.42 15.14 -28.50
N GLY B 434 19.10 14.00 -28.56
CA GLY B 434 19.83 13.50 -27.41
C GLY B 434 18.96 12.68 -26.46
N TYR B 435 17.79 12.25 -26.95
CA TYR B 435 16.91 11.35 -26.19
C TYR B 435 15.79 10.90 -27.12
N VAL B 436 15.09 9.85 -26.72
CA VAL B 436 13.93 9.40 -27.45
C VAL B 436 12.74 10.02 -26.75
N PRO B 437 11.88 10.69 -27.52
CA PRO B 437 10.73 11.39 -26.96
C PRO B 437 9.46 10.56 -26.81
N TYR B 438 8.64 10.94 -25.83
CA TYR B 438 7.40 10.24 -25.59
C TYR B 438 6.20 11.16 -25.43
N PRO B 439 5.32 11.15 -26.44
CA PRO B 439 4.56 9.91 -26.62
C PRO B 439 4.88 9.43 -28.05
N GLU B 440 5.87 10.05 -28.70
CA GLU B 440 6.17 9.76 -30.09
C GLU B 440 6.65 8.34 -30.20
N VAL B 441 7.36 7.89 -29.19
CA VAL B 441 7.90 6.54 -29.21
C VAL B 441 7.63 5.84 -27.88
N PRO B 442 7.07 4.63 -27.96
CA PRO B 442 6.75 3.87 -26.76
C PRO B 442 7.99 3.52 -25.93
N GLU B 443 7.88 3.61 -24.62
CA GLU B 443 8.97 3.20 -23.74
C GLU B 443 10.24 4.03 -23.99
N ALA B 444 10.06 5.28 -24.39
CA ALA B 444 11.16 6.14 -24.83
C ALA B 444 12.28 6.40 -23.81
N THR B 445 11.93 6.51 -22.54
CA THR B 445 12.95 6.81 -21.54
C THR B 445 13.83 5.60 -21.25
N ALA B 446 13.19 4.43 -21.05
CA ALA B 446 13.96 3.23 -20.85
C ALA B 446 14.87 2.99 -22.07
N LYS B 447 14.33 3.23 -23.26
CA LYS B 447 15.15 3.12 -24.47
C LYS B 447 16.35 4.07 -24.45
N THR B 448 16.14 5.32 -24.04
CA THR B 448 17.22 6.31 -24.02
C THR B 448 18.36 5.83 -23.12
N LEU B 449 18.00 5.33 -21.95
CA LEU B 449 18.99 4.91 -20.99
C LEU B 449 19.77 3.69 -21.47
N GLU B 450 19.10 2.73 -22.10
CA GLU B 450 19.76 1.56 -22.65
C GLU B 450 20.67 1.97 -23.83
N TYR B 451 20.22 2.93 -24.63
CA TYR B 451 21.01 3.38 -25.78
C TYR B 451 22.29 4.06 -25.35
N ALA B 452 22.19 4.95 -24.36
CA ALA B 452 23.36 5.68 -23.89
C ALA B 452 24.43 4.70 -23.43
N TYR B 453 24.00 3.65 -22.74
CA TYR B 453 24.92 2.60 -22.32
C TYR B 453 25.54 1.87 -23.52
N ALA B 454 24.72 1.49 -24.50
CA ALA B 454 25.24 0.83 -25.71
C ALA B 454 26.24 1.72 -26.46
N ASP B 455 25.91 2.99 -26.62
CA ASP B 455 26.83 3.89 -27.31
C ASP B 455 28.15 3.98 -26.56
N TRP B 456 28.09 4.02 -25.23
CA TRP B 456 29.29 3.96 -24.41
C TRP B 456 30.09 2.68 -24.71
N CYS B 457 29.40 1.56 -24.90
CA CYS B 457 30.07 0.32 -25.25
C CYS B 457 30.75 0.43 -26.61
N ILE B 458 30.08 1.07 -27.55
CA ILE B 458 30.69 1.23 -28.86
C ILE B 458 31.90 2.16 -28.79
N ALA B 459 31.84 3.15 -27.93
CA ALA B 459 32.96 4.07 -27.79
C ALA B 459 34.17 3.30 -27.28
N ARG B 460 33.95 2.50 -26.24
CA ARG B 460 35.02 1.70 -25.65
C ARG B 460 35.67 0.79 -26.69
N PHE B 461 34.84 0.16 -27.51
CA PHE B 461 35.30 -0.73 -28.55
C PHE B 461 36.15 0.02 -29.58
N ALA B 462 35.58 1.07 -30.17
CA ALA B 462 36.29 1.89 -31.14
C ALA B 462 37.61 2.37 -30.57
N GLU B 463 37.58 2.84 -29.32
CA GLU B 463 38.78 3.35 -28.67
C GLU B 463 39.90 2.31 -28.60
N SER B 464 39.56 1.08 -28.22
CA SER B 464 40.57 0.03 -28.07
C SER B 464 41.12 -0.42 -29.42
N LEU B 465 40.36 -0.17 -30.49
CA LEU B 465 40.80 -0.48 -31.83
C LEU B 465 41.73 0.61 -32.36
N GLY B 466 41.76 1.73 -31.64
CA GLY B 466 42.57 2.87 -32.05
C GLY B 466 41.82 3.92 -32.87
N LYS B 467 40.53 3.70 -33.13
CA LYS B 467 39.75 4.66 -33.91
C LYS B 467 39.17 5.76 -33.02
N GLN B 468 39.96 6.80 -32.79
CA GLN B 468 39.63 7.83 -31.81
C GLN B 468 38.48 8.76 -32.22
N ASP B 469 38.36 9.05 -33.51
CA ASP B 469 37.29 9.95 -33.94
C ASP B 469 35.92 9.32 -33.72
N ILE B 470 35.80 8.05 -34.12
CA ILE B 470 34.57 7.31 -33.87
C ILE B 470 34.29 7.13 -32.38
N ALA B 471 35.31 6.77 -31.61
CA ALA B 471 35.14 6.65 -30.18
C ALA B 471 34.59 7.96 -29.64
N ASP B 472 35.18 9.07 -30.06
CA ASP B 472 34.78 10.38 -29.57
C ASP B 472 33.32 10.71 -29.93
N GLN B 473 32.89 10.32 -31.13
CA GLN B 473 31.48 10.46 -31.49
C GLN B 473 30.58 9.73 -30.50
N TYR B 474 30.93 8.49 -30.17
CA TYR B 474 30.08 7.70 -29.29
C TYR B 474 30.19 8.07 -27.81
N TYR B 475 31.39 8.42 -27.34
CA TYR B 475 31.51 8.96 -26.00
C TYR B 475 30.62 10.20 -25.85
N GLN B 476 30.44 10.95 -26.94
CA GLN B 476 29.57 12.13 -26.93
C GLN B 476 28.17 11.78 -26.46
N LYS B 477 27.71 10.58 -26.82
CA LYS B 477 26.36 10.14 -26.49
C LYS B 477 26.25 9.44 -25.13
N ALA B 478 27.38 8.96 -24.60
CA ALA B 478 27.36 8.25 -23.33
C ALA B 478 26.61 9.00 -22.22
N PRO B 479 26.71 10.34 -22.21
CA PRO B 479 26.01 11.02 -21.12
C PRO B 479 24.57 11.37 -21.46
N ASN B 480 24.04 10.84 -22.56
CA ASN B 480 22.66 11.18 -22.94
C ASN B 480 21.61 10.92 -21.84
N TYR B 481 21.95 10.06 -20.88
CA TYR B 481 21.06 9.80 -19.75
C TYR B 481 20.74 11.09 -19.01
N ARG B 482 21.64 12.06 -19.06
CA ARG B 482 21.41 13.32 -18.36
C ARG B 482 20.19 14.03 -18.94
N ASN B 483 19.87 13.75 -20.19
CA ASN B 483 18.89 14.56 -20.90
C ASN B 483 17.46 14.34 -20.42
N LEU B 484 17.25 13.26 -19.66
CA LEU B 484 15.90 12.96 -19.16
C LEU B 484 15.81 12.98 -17.63
N TYR B 485 16.86 13.45 -16.98
CA TYR B 485 16.81 13.64 -15.55
C TYR B 485 16.04 14.93 -15.25
N TYR B 486 15.11 14.85 -14.31
CA TYR B 486 14.20 15.96 -14.03
C TYR B 486 14.64 16.54 -12.70
N PRO B 487 15.34 17.68 -12.73
CA PRO B 487 16.00 18.18 -11.52
C PRO B 487 15.01 18.53 -10.41
N GLU B 488 13.90 19.16 -10.78
CA GLU B 488 12.92 19.56 -9.77
C GLU B 488 12.42 18.36 -8.98
N HIS B 489 12.37 17.19 -9.62
CA HIS B 489 11.84 16.01 -8.93
C HIS B 489 12.86 14.97 -8.47
N GLY B 490 14.06 14.96 -9.06
CA GLY B 490 15.09 14.00 -8.66
C GLY B 490 15.06 12.64 -9.35
N PHE B 491 14.33 12.52 -10.45
CA PHE B 491 14.16 11.23 -11.11
C PHE B 491 14.23 11.34 -12.62
N MET B 492 14.47 10.21 -13.29
CA MET B 492 14.31 10.18 -14.72
C MET B 492 12.82 10.38 -15.06
N TRP B 493 12.54 11.09 -16.13
CA TRP B 493 11.18 11.30 -16.53
C TRP B 493 11.15 11.31 -18.04
N THR B 494 10.22 12.03 -18.65
CA THR B 494 10.14 11.99 -20.11
C THR B 494 9.78 13.33 -20.75
N LYS B 495 10.21 13.51 -21.99
CA LYS B 495 9.95 14.73 -22.76
C LYS B 495 9.35 14.36 -24.11
N ASP B 496 8.49 15.21 -24.67
CA ASP B 496 8.06 15.00 -26.05
C ASP B 496 9.10 15.59 -27.02
N ALA B 497 8.79 15.57 -28.31
CA ALA B 497 9.74 16.01 -29.32
C ALA B 497 10.10 17.48 -29.19
N LYS B 498 9.21 18.27 -28.60
CA LYS B 498 9.46 19.72 -28.50
C LYS B 498 10.19 20.04 -27.21
N GLY B 499 10.48 19.01 -26.42
CA GLY B 499 11.26 19.19 -25.20
C GLY B 499 10.47 19.40 -23.92
N ASN B 500 9.14 19.41 -24.01
CA ASN B 500 8.33 19.56 -22.81
C ASN B 500 8.26 18.30 -21.94
N TRP B 501 8.54 18.45 -20.64
CA TRP B 501 8.31 17.37 -19.68
C TRP B 501 6.83 16.97 -19.67
N ARG B 502 6.55 15.67 -19.59
CA ARG B 502 5.17 15.19 -19.46
C ARG B 502 4.58 15.68 -18.13
N ASP B 503 3.27 15.98 -18.12
CA ASP B 503 2.59 16.50 -16.94
C ASP B 503 2.40 15.47 -15.83
N ARG B 504 2.02 15.94 -14.65
CA ARG B 504 1.77 15.08 -13.48
C ARG B 504 2.91 14.10 -13.20
N PHE B 505 4.06 14.61 -12.76
CA PHE B 505 5.14 13.70 -12.43
C PHE B 505 4.72 12.67 -11.38
N ASP B 506 5.15 11.44 -11.56
CA ASP B 506 4.85 10.38 -10.61
C ASP B 506 5.90 9.29 -10.73
N ALA B 507 6.74 9.18 -9.70
CA ALA B 507 7.86 8.26 -9.70
C ALA B 507 7.44 6.78 -9.72
N THR B 508 6.23 6.51 -9.25
CA THR B 508 5.79 5.14 -9.17
C THR B 508 4.96 4.71 -10.38
N GLU B 509 4.76 5.61 -11.33
CA GLU B 509 3.91 5.27 -12.48
C GLU B 509 4.57 4.31 -13.49
N TRP B 510 3.98 3.13 -13.64
CA TRP B 510 4.48 2.16 -14.59
C TRP B 510 4.03 2.50 -15.99
N GLY B 511 4.72 1.95 -16.98
CA GLY B 511 4.29 2.09 -18.38
C GLY B 511 4.73 3.39 -19.04
N GLY B 512 4.04 3.72 -20.13
CA GLY B 512 4.38 4.91 -20.91
C GLY B 512 5.82 4.93 -21.41
N PRO B 513 6.61 5.89 -20.92
CA PRO B 513 8.02 6.04 -21.26
C PRO B 513 8.90 4.93 -20.69
N PHE B 514 8.40 4.17 -19.71
CA PHE B 514 9.20 3.13 -19.08
C PHE B 514 8.76 1.73 -19.49
N THR B 515 9.65 0.77 -19.25
CA THR B 515 9.44 -0.61 -19.65
C THR B 515 9.45 -1.50 -18.43
N GLU B 516 8.34 -2.18 -18.15
CA GLU B 516 8.35 -3.14 -17.06
C GLU B 516 8.85 -2.48 -15.79
N GLY B 517 8.40 -1.26 -15.51
CA GLY B 517 8.90 -0.56 -14.35
C GLY B 517 8.50 0.91 -14.36
N SER B 518 8.93 1.62 -13.34
CA SER B 518 8.64 3.04 -13.21
C SER B 518 9.95 3.80 -13.11
N SER B 519 9.88 5.13 -12.98
CA SER B 519 11.09 5.92 -12.82
C SER B 519 11.90 5.44 -11.62
N TRP B 520 11.18 4.95 -10.61
CA TRP B 520 11.76 4.43 -9.38
C TRP B 520 12.83 3.41 -9.71
N HIS B 521 12.53 2.54 -10.67
CA HIS B 521 13.50 1.56 -11.14
C HIS B 521 14.50 2.13 -12.15
N TRP B 522 13.99 2.80 -13.18
CA TRP B 522 14.82 3.18 -14.31
C TRP B 522 15.82 4.31 -14.05
N THR B 523 15.54 5.13 -13.04
CA THR B 523 16.48 6.16 -12.62
C THR B 523 17.88 5.61 -12.31
N TRP B 524 17.99 4.31 -12.01
CA TRP B 524 19.28 3.74 -11.62
C TRP B 524 20.03 3.15 -12.79
N SER B 525 19.40 3.19 -13.97
CA SER B 525 19.94 2.48 -15.11
C SER B 525 21.08 3.26 -15.79
N VAL B 526 22.17 3.44 -15.05
CA VAL B 526 23.33 4.14 -15.55
C VAL B 526 24.61 3.42 -15.10
N PHE B 527 24.76 2.16 -15.54
CA PHE B 527 25.87 1.26 -15.11
C PHE B 527 27.23 1.76 -15.51
N HIS B 528 27.29 2.46 -16.64
CA HIS B 528 28.56 2.96 -17.12
C HIS B 528 28.96 4.30 -16.48
N ASP B 529 28.13 4.88 -15.62
CA ASP B 529 28.44 6.18 -15.02
C ASP B 529 27.72 6.48 -13.70
N PRO B 530 27.92 5.66 -12.67
CA PRO B 530 27.30 5.93 -11.38
C PRO B 530 27.71 7.28 -10.76
N GLU B 531 28.97 7.67 -10.96
CA GLU B 531 29.46 8.95 -10.43
C GLU B 531 28.68 10.09 -11.06
N GLY B 532 28.48 9.99 -12.37
CA GLY B 532 27.68 10.97 -13.09
C GLY B 532 26.24 10.99 -12.61
N LEU B 533 25.68 9.81 -12.37
CA LEU B 533 24.31 9.76 -11.86
C LEU B 533 24.28 10.45 -10.50
N SER B 534 25.31 10.25 -9.70
CA SER B 534 25.34 10.93 -8.41
C SER B 534 25.54 12.44 -8.56
N GLU B 535 26.25 12.90 -9.58
CA GLU B 535 26.31 14.35 -9.81
C GLU B 535 24.90 14.89 -10.05
N LEU B 536 24.14 14.24 -10.92
CA LEU B 536 22.76 14.66 -11.15
C LEU B 536 22.01 14.79 -9.82
N MET B 537 22.14 13.81 -8.93
CA MET B 537 21.40 13.83 -7.68
C MET B 537 21.90 14.86 -6.65
N GLY B 538 23.10 15.41 -6.87
CA GLY B 538 23.64 16.43 -5.96
C GLY B 538 24.84 15.96 -5.16
N GLY B 539 25.25 14.71 -5.36
CA GLY B 539 26.44 14.20 -4.69
C GLY B 539 26.25 12.79 -4.16
N HIS B 540 27.34 12.21 -3.66
CA HIS B 540 27.32 10.86 -3.12
C HIS B 540 26.28 10.72 -2.03
N GLU B 541 26.12 11.79 -1.26
CA GLU B 541 25.28 11.75 -0.08
C GLU B 541 23.79 11.68 -0.42
N PRO B 542 23.31 12.59 -1.26
CA PRO B 542 21.96 12.46 -1.76
C PRO B 542 21.72 11.07 -2.37
N MET B 543 22.64 10.61 -3.20
CA MET B 543 22.42 9.33 -3.88
C MET B 543 22.30 8.21 -2.88
N ILE B 544 23.14 8.24 -1.85
CA ILE B 544 23.10 7.24 -0.80
C ILE B 544 21.75 7.23 -0.12
N ALA B 545 21.19 8.42 0.13
CA ALA B 545 19.92 8.52 0.84
C ALA B 545 18.79 7.94 0.00
N ARG B 546 18.82 8.19 -1.29
CA ARG B 546 17.84 7.63 -2.22
C ARG B 546 17.96 6.10 -2.32
N LEU B 547 19.19 5.63 -2.48
CA LEU B 547 19.41 4.19 -2.43
C LEU B 547 18.82 3.63 -1.15
N ASP B 548 19.13 4.25 -0.03
CA ASP B 548 18.66 3.76 1.27
C ASP B 548 17.14 3.66 1.29
N SER B 549 16.47 4.65 0.72
CA SER B 549 15.00 4.65 0.73
C SER B 549 14.42 3.50 -0.12
N MET B 550 15.22 2.93 -1.01
CA MET B 550 14.75 1.79 -1.80
C MET B 550 14.64 0.51 -0.98
N PHE B 551 15.46 0.38 0.04
CA PHE B 551 15.41 -0.80 0.90
C PHE B 551 14.78 -0.43 2.24
N VAL B 552 13.45 -0.34 2.26
CA VAL B 552 12.74 0.09 3.45
C VAL B 552 13.07 -0.83 4.64
N ALA B 553 13.50 -0.25 5.75
CA ALA B 553 13.91 -1.05 6.88
C ALA B 553 12.67 -1.35 7.71
N PRO B 554 12.66 -2.50 8.38
CA PRO B 554 11.46 -2.79 9.15
C PRO B 554 11.26 -1.80 10.31
N ASN B 555 10.07 -1.19 10.41
CA ASN B 555 9.75 -0.33 11.54
C ASN B 555 8.79 -1.00 12.51
N THR B 556 9.27 -1.34 13.70
CA THR B 556 8.42 -2.03 14.66
C THR B 556 7.92 -1.14 15.80
N TYR B 557 8.25 0.15 15.76
CA TYR B 557 7.72 1.10 16.73
C TYR B 557 8.09 0.69 18.14
N ASN B 558 7.10 0.60 19.02
CA ASN B 558 7.37 0.13 20.38
C ASN B 558 6.96 -1.32 20.65
N TYR B 559 6.56 -2.05 19.61
CA TYR B 559 6.13 -3.43 19.79
C TYR B 559 7.26 -4.44 19.98
N GLY B 560 8.48 -4.05 19.64
CA GLY B 560 9.61 -4.94 19.88
C GLY B 560 9.41 -5.51 21.28
N THR B 561 8.58 -4.83 22.07
CA THR B 561 8.35 -5.21 23.45
C THR B 561 7.89 -6.67 23.56
N TYR B 562 7.13 -7.12 22.57
CA TYR B 562 6.53 -8.46 22.58
C TYR B 562 7.37 -9.52 21.84
N GLY B 563 8.67 -9.28 21.73
CA GLY B 563 9.61 -10.31 21.25
C GLY B 563 10.29 -10.07 19.90
N PHE B 564 11.25 -10.93 19.58
CA PHE B 564 11.92 -10.86 18.28
C PHE B 564 10.94 -11.18 17.14
N VAL B 565 9.95 -12.04 17.44
CA VAL B 565 8.95 -12.42 16.45
C VAL B 565 8.35 -11.16 15.82
N ILE B 566 8.08 -10.16 16.63
CA ILE B 566 7.57 -8.92 16.11
C ILE B 566 8.51 -8.49 14.99
N HIS B 567 9.81 -8.68 15.21
CA HIS B 567 10.82 -8.23 14.26
C HIS B 567 10.73 -8.96 12.93
N GLU B 568 10.40 -10.25 12.99
CA GLU B 568 10.32 -11.09 11.81
C GLU B 568 9.13 -10.67 10.95
N ILE B 569 7.98 -10.50 11.59
CA ILE B 569 6.78 -10.08 10.87
C ILE B 569 7.01 -8.74 10.17
N ALA B 570 7.69 -7.83 10.86
CA ALA B 570 7.94 -6.49 10.30
C ALA B 570 8.74 -6.56 9.00
N GLU B 571 9.67 -7.51 8.92
CA GLU B 571 10.44 -7.68 7.70
C GLU B 571 9.58 -8.22 6.53
N MET B 572 8.70 -9.19 6.80
CA MET B 572 7.81 -9.69 5.76
C MET B 572 7.06 -8.55 5.13
N VAL B 573 6.47 -7.72 5.99
CA VAL B 573 5.63 -6.62 5.56
C VAL B 573 6.30 -5.71 4.53
N ALA B 574 7.50 -5.25 4.84
CA ALA B 574 8.27 -4.42 3.90
C ALA B 574 8.43 -5.11 2.55
N LEU B 575 8.98 -6.32 2.57
CA LEU B 575 9.15 -7.10 1.37
C LEU B 575 7.83 -7.19 0.63
N ASN B 576 6.77 -7.56 1.35
CA ASN B 576 5.44 -7.62 0.78
C ASN B 576 5.22 -6.25 0.15
N MET B 577 5.80 -5.25 0.79
CA MET B 577 5.81 -3.89 0.25
C MET B 577 6.68 -3.83 -1.03
N GLY B 578 7.91 -4.31 -0.92
CA GLY B 578 8.85 -4.40 -2.05
C GLY B 578 9.27 -3.11 -2.73
N GLN B 579 9.68 -2.11 -1.97
CA GLN B 579 10.17 -0.84 -2.55
C GLN B 579 11.32 -1.10 -3.55
N TYR B 580 12.18 -2.06 -3.22
CA TYR B 580 13.18 -2.57 -4.15
C TYR B 580 12.64 -3.85 -4.75
N ALA B 581 12.44 -3.87 -6.06
CA ALA B 581 11.86 -5.03 -6.71
C ALA B 581 12.97 -5.95 -7.19
N HIS B 582 13.40 -6.87 -6.36
CA HIS B 582 14.45 -7.78 -6.75
C HIS B 582 13.99 -8.59 -7.96
N GLY B 583 14.78 -8.53 -9.04
CA GLY B 583 14.42 -9.19 -10.28
C GLY B 583 13.96 -8.22 -11.36
N ASN B 584 13.65 -7.00 -10.96
CA ASN B 584 13.41 -5.97 -11.96
C ASN B 584 14.77 -5.61 -12.54
N GLN B 585 14.94 -5.83 -13.83
CA GLN B 585 16.26 -5.79 -14.48
C GLN B 585 17.06 -4.50 -14.31
N PRO B 586 16.40 -3.36 -14.49
CA PRO B 586 17.02 -2.05 -14.35
C PRO B 586 17.63 -1.78 -12.97
N VAL B 587 17.20 -2.50 -11.94
CA VAL B 587 17.77 -2.29 -10.61
C VAL B 587 18.54 -3.48 -10.11
N GLN B 588 18.68 -4.53 -10.94
CA GLN B 588 19.45 -5.70 -10.54
C GLN B 588 20.82 -5.35 -9.96
N HIS B 589 21.46 -4.31 -10.50
CA HIS B 589 22.81 -4.00 -10.07
C HIS B 589 22.81 -2.99 -8.93
N ALA B 590 21.64 -2.46 -8.59
CA ALA B 590 21.55 -1.28 -7.72
C ALA B 590 22.18 -1.47 -6.33
N ILE B 591 22.07 -2.66 -5.76
CA ILE B 591 22.63 -2.85 -4.44
C ILE B 591 24.14 -2.64 -4.46
N TYR B 592 24.77 -2.78 -5.62
CA TYR B 592 26.24 -2.65 -5.68
C TYR B 592 26.70 -1.20 -5.77
N LEU B 593 25.78 -0.26 -6.01
CA LEU B 593 26.17 1.13 -6.21
C LEU B 593 26.84 1.79 -5.00
N TYR B 594 26.59 1.26 -3.80
CA TYR B 594 27.25 1.79 -2.62
C TYR B 594 28.77 1.69 -2.72
N ASP B 595 29.26 0.70 -3.49
CA ASP B 595 30.71 0.51 -3.70
C ASP B 595 31.31 1.73 -4.39
N TYR B 596 30.46 2.46 -5.12
CA TYR B 596 30.93 3.55 -5.94
C TYR B 596 30.94 4.86 -5.18
N ILE B 597 30.15 4.92 -4.11
CA ILE B 597 29.93 6.17 -3.43
C ILE B 597 30.32 6.18 -1.96
N GLY B 598 31.24 5.29 -1.57
CA GLY B 598 31.84 5.36 -0.24
C GLY B 598 31.29 4.51 0.88
N GLN B 599 30.36 3.59 0.60
CA GLN B 599 29.73 2.81 1.69
C GLN B 599 29.49 1.34 1.37
N PRO B 600 30.58 0.58 1.12
CA PRO B 600 30.47 -0.83 0.70
C PRO B 600 29.85 -1.73 1.78
N TRP B 601 29.92 -1.33 3.04
CA TRP B 601 29.27 -2.11 4.07
C TRP B 601 27.76 -2.21 3.81
N LYS B 602 27.18 -1.20 3.17
CA LYS B 602 25.74 -1.26 2.85
C LYS B 602 25.42 -2.28 1.76
N THR B 603 26.27 -2.32 0.74
CA THR B 603 26.17 -3.34 -0.28
C THR B 603 26.28 -4.72 0.38
N GLN B 604 27.22 -4.84 1.32
CA GLN B 604 27.46 -6.10 1.99
C GLN B 604 26.21 -6.56 2.76
N TYR B 605 25.60 -5.63 3.50
CA TYR B 605 24.44 -5.97 4.31
C TYR B 605 23.22 -6.36 3.48
N HIS B 606 22.87 -5.53 2.52
CA HIS B 606 21.66 -5.72 1.71
C HIS B 606 21.74 -6.97 0.83
N LEU B 607 22.91 -7.20 0.29
CA LEU B 607 23.19 -8.35 -0.55
C LEU B 607 22.95 -9.66 0.21
N ARG B 608 23.53 -9.76 1.40
CA ARG B 608 23.37 -10.97 2.20
C ARG B 608 21.93 -11.12 2.65
N ASN B 609 21.30 -10.00 2.98
CA ASN B 609 19.89 -10.00 3.32
C ASN B 609 19.04 -10.59 2.18
N VAL B 610 19.29 -10.16 0.95
CA VAL B 610 18.52 -10.64 -0.18
C VAL B 610 18.73 -12.14 -0.43
N MET B 611 19.98 -12.59 -0.34
CA MET B 611 20.29 -13.99 -0.57
CA MET B 611 20.34 -14.00 -0.52
C MET B 611 19.57 -14.90 0.43
N ASP B 612 19.54 -14.49 1.68
CA ASP B 612 18.90 -15.23 2.77
C ASP B 612 17.38 -15.24 2.69
N LYS B 613 16.79 -14.17 2.19
CA LYS B 613 15.36 -13.99 2.35
C LYS B 613 14.50 -14.24 1.12
N LEU B 614 15.08 -14.08 -0.07
CA LEU B 614 14.30 -14.18 -1.30
C LEU B 614 14.63 -15.42 -2.14
N TYR B 615 15.47 -16.29 -1.59
CA TYR B 615 15.86 -17.49 -2.32
C TYR B 615 15.70 -18.74 -1.49
N ASN B 616 15.39 -19.83 -2.16
CA ASN B 616 15.55 -21.16 -1.57
C ASN B 616 15.54 -22.17 -2.71
N SER B 617 15.74 -23.43 -2.40
CA SER B 617 15.95 -24.42 -3.46
C SER B 617 14.66 -25.17 -3.81
N GLY B 618 13.57 -24.83 -3.13
CA GLY B 618 12.30 -25.52 -3.34
C GLY B 618 11.55 -25.06 -4.57
N SER B 619 10.36 -25.62 -4.79
CA SER B 619 9.60 -25.32 -5.99
C SER B 619 9.20 -23.85 -6.12
N LYS B 620 9.12 -23.16 -4.97
CA LYS B 620 8.83 -21.72 -4.94
C LYS B 620 10.12 -20.94 -4.78
N GLY B 621 11.23 -21.52 -5.22
CA GLY B 621 12.54 -20.99 -4.87
C GLY B 621 12.79 -19.49 -5.04
N TYR B 622 12.29 -18.90 -6.09
CA TYR B 622 12.50 -17.48 -6.26
C TYR B 622 11.33 -16.74 -5.61
N CYS B 623 11.51 -16.29 -4.37
CA CYS B 623 10.40 -15.73 -3.54
C CYS B 623 10.11 -14.29 -3.88
N GLY B 624 11.04 -13.62 -4.55
CA GLY B 624 10.84 -12.23 -4.91
C GLY B 624 9.59 -12.13 -5.75
N ASP B 625 8.70 -11.21 -5.39
CA ASP B 625 7.42 -11.10 -6.09
C ASP B 625 7.61 -10.86 -7.58
N GLU B 626 8.66 -10.12 -7.93
CA GLU B 626 8.96 -9.84 -9.34
C GLU B 626 10.03 -10.77 -9.88
N ASP B 627 10.32 -11.84 -9.14
CA ASP B 627 11.40 -12.75 -9.50
C ASP B 627 10.83 -14.10 -9.97
N ASN B 628 10.92 -14.37 -11.27
CA ASN B 628 10.48 -15.66 -11.80
C ASN B 628 11.62 -16.55 -12.29
N GLY B 629 12.84 -16.26 -11.85
CA GLY B 629 13.97 -17.10 -12.22
C GLY B 629 15.06 -16.38 -12.99
N GLN B 630 14.74 -15.20 -13.52
CA GLN B 630 15.72 -14.40 -14.25
C GLN B 630 16.88 -13.88 -13.40
N THR B 631 16.84 -14.12 -12.08
CA THR B 631 17.94 -13.68 -11.23
C THR B 631 18.93 -14.78 -10.89
N SER B 632 18.87 -15.91 -11.57
CA SER B 632 19.73 -17.00 -11.14
C SER B 632 21.22 -16.67 -11.33
N ALA B 633 21.57 -15.94 -12.38
CA ALA B 633 22.97 -15.52 -12.57
C ALA B 633 23.42 -14.50 -11.52
N TRP B 634 22.50 -13.63 -11.13
CA TRP B 634 22.76 -12.63 -10.11
C TRP B 634 23.12 -13.32 -8.79
N TYR B 635 22.41 -14.39 -8.49
CA TYR B 635 22.65 -15.16 -7.28
C TYR B 635 24.02 -15.83 -7.34
N VAL B 636 24.31 -16.43 -8.48
CA VAL B 636 25.58 -17.14 -8.63
C VAL B 636 26.73 -16.14 -8.41
N PHE B 637 26.70 -15.00 -9.10
CA PHE B 637 27.74 -14.00 -8.91
C PHE B 637 27.76 -13.48 -7.47
N SER B 638 26.58 -13.18 -6.94
CA SER B 638 26.52 -12.54 -5.63
C SER B 638 27.00 -13.49 -4.52
N ALA B 639 26.72 -14.78 -4.66
CA ALA B 639 27.20 -15.74 -3.68
C ALA B 639 28.72 -15.87 -3.72
N MET B 640 29.30 -15.75 -4.91
CA MET B 640 30.76 -15.79 -5.07
C MET B 640 31.43 -14.54 -4.46
N GLY B 641 30.70 -13.43 -4.36
CA GLY B 641 31.26 -12.23 -3.72
C GLY B 641 31.45 -11.02 -4.62
N PHE B 642 31.03 -11.12 -5.88
CA PHE B 642 31.25 -10.00 -6.78
C PHE B 642 30.33 -10.03 -8.00
N TYR B 643 30.18 -8.88 -8.66
CA TYR B 643 29.14 -8.76 -9.67
C TYR B 643 29.55 -7.81 -10.80
N PRO B 644 29.22 -8.17 -12.04
CA PRO B 644 29.61 -7.34 -13.18
C PRO B 644 28.62 -6.21 -13.37
N VAL B 645 28.76 -5.13 -12.60
CA VAL B 645 27.87 -4.00 -12.72
C VAL B 645 27.84 -3.42 -14.14
N CYS B 646 29.00 -3.25 -14.74
CA CYS B 646 29.06 -2.63 -16.06
C CYS B 646 29.81 -3.51 -17.06
N PRO B 647 29.11 -4.46 -17.69
CA PRO B 647 29.70 -5.24 -18.77
C PRO B 647 30.23 -4.28 -19.84
N GLY B 648 31.38 -4.61 -20.42
CA GLY B 648 32.09 -3.68 -21.29
C GLY B 648 33.24 -3.05 -20.52
N MET B 649 33.15 -3.06 -19.20
CA MET B 649 34.27 -2.70 -18.34
C MET B 649 34.69 -3.95 -17.56
N PRO B 650 35.92 -4.43 -17.79
CA PRO B 650 36.24 -5.74 -17.23
C PRO B 650 36.59 -5.65 -15.74
N GLU B 651 35.58 -5.35 -14.94
CA GLU B 651 35.68 -5.22 -13.48
C GLU B 651 34.46 -5.90 -12.89
N TYR B 652 34.59 -6.30 -11.63
CA TYR B 652 33.47 -6.84 -10.89
C TYR B 652 33.41 -6.14 -9.54
N ALA B 653 32.27 -5.53 -9.25
CA ALA B 653 32.09 -4.85 -7.98
C ALA B 653 31.96 -5.90 -6.89
N ILE B 654 32.64 -5.66 -5.78
CA ILE B 654 32.67 -6.59 -4.68
C ILE B 654 31.47 -6.49 -3.74
N GLY B 655 30.90 -7.64 -3.41
CA GLY B 655 29.74 -7.64 -2.55
C GLY B 655 30.11 -8.28 -1.23
N SER B 656 29.54 -9.46 -1.00
CA SER B 656 29.79 -10.23 0.20
C SER B 656 29.45 -11.68 -0.13
N PRO B 657 30.43 -12.58 0.04
CA PRO B 657 30.25 -13.97 -0.36
C PRO B 657 29.29 -14.73 0.56
N LEU B 658 28.65 -15.76 0.02
CA LEU B 658 27.74 -16.57 0.80
C LEU B 658 28.47 -17.67 1.58
N PHE B 659 29.53 -18.22 1.01
CA PHE B 659 30.16 -19.42 1.53
C PHE B 659 31.48 -19.15 2.24
N LYS B 660 31.95 -20.11 3.02
CA LYS B 660 33.25 -19.97 3.64
C LYS B 660 34.30 -19.99 2.54
N LYS B 661 33.98 -20.59 1.40
CA LYS B 661 34.97 -20.69 0.33
C LYS B 661 34.38 -20.96 -1.06
N VAL B 662 34.87 -20.24 -2.06
CA VAL B 662 34.64 -20.62 -3.45
C VAL B 662 35.92 -20.61 -4.24
N THR B 663 36.06 -21.60 -5.10
CA THR B 663 37.21 -21.74 -5.95
C THR B 663 36.72 -21.73 -7.38
N LEU B 664 37.18 -20.77 -8.17
CA LEU B 664 36.86 -20.72 -9.58
C LEU B 664 37.99 -21.36 -10.40
N HIS B 665 37.66 -22.41 -11.14
CA HIS B 665 38.65 -23.06 -12.01
C HIS B 665 38.58 -22.42 -13.39
N LEU B 666 39.61 -21.66 -13.71
CA LEU B 666 39.63 -20.92 -14.97
C LEU B 666 40.58 -21.57 -15.97
N PRO B 667 40.60 -21.04 -17.21
CA PRO B 667 41.44 -21.58 -18.28
C PRO B 667 42.93 -21.61 -17.91
N GLU B 668 43.69 -22.43 -18.63
CA GLU B 668 45.13 -22.49 -18.45
C GLU B 668 45.50 -22.96 -17.05
N GLY B 669 44.61 -23.74 -16.44
CA GLY B 669 44.86 -24.32 -15.13
C GLY B 669 44.95 -23.35 -13.96
N LYS B 670 44.42 -22.13 -14.11
CA LYS B 670 44.44 -21.19 -12.99
C LYS B 670 43.23 -21.33 -12.09
N ASN B 671 43.42 -21.12 -10.79
CA ASN B 671 42.33 -21.13 -9.82
C ASN B 671 42.27 -19.82 -9.05
N PHE B 672 41.09 -19.24 -8.93
CA PHE B 672 40.90 -18.09 -8.06
C PHE B 672 40.00 -18.40 -6.87
N VAL B 673 40.46 -18.06 -5.68
CA VAL B 673 39.76 -18.43 -4.47
C VAL B 673 39.26 -17.22 -3.72
N VAL B 674 37.98 -17.21 -3.39
CA VAL B 674 37.47 -16.29 -2.42
C VAL B 674 37.26 -17.06 -1.13
N SER B 675 38.13 -16.85 -0.15
CA SER B 675 37.95 -17.52 1.13
C SER B 675 37.41 -16.55 2.17
N ALA B 676 36.47 -17.03 2.97
CA ALA B 676 35.86 -16.25 4.03
C ALA B 676 35.64 -17.20 5.21
N ALA B 677 36.74 -17.64 5.80
CA ALA B 677 36.72 -18.74 6.78
C ALA B 677 35.87 -18.43 8.00
N ASP B 678 35.70 -17.13 8.28
CA ASP B 678 34.86 -16.66 9.38
C ASP B 678 33.42 -16.39 8.98
N ASN B 679 33.06 -16.71 7.75
CA ASN B 679 31.72 -16.40 7.28
C ASN B 679 30.65 -17.08 8.14
N ALA B 680 29.51 -16.40 8.29
CA ALA B 680 28.39 -16.89 9.06
C ALA B 680 27.19 -16.03 8.69
N ALA B 681 26.00 -16.50 9.02
CA ALA B 681 24.80 -15.75 8.66
C ALA B 681 24.76 -14.35 9.26
N ASP B 682 25.33 -14.18 10.46
CA ASP B 682 25.34 -12.88 11.09
C ASP B 682 26.68 -12.14 10.89
N ARG B 683 27.46 -12.58 9.91
CA ARG B 683 28.72 -11.90 9.59
C ARG B 683 28.81 -11.58 8.09
N PRO B 684 27.99 -10.62 7.63
CA PRO B 684 27.98 -10.25 6.21
C PRO B 684 29.04 -9.20 5.86
N TYR B 685 29.64 -8.58 6.87
CA TYR B 685 30.57 -7.49 6.62
C TYR B 685 32.01 -7.94 6.37
N ILE B 686 32.67 -7.23 5.47
CA ILE B 686 34.09 -7.41 5.27
C ILE B 686 34.86 -6.45 6.15
N ARG B 687 35.58 -6.97 7.13
CA ARG B 687 36.40 -6.15 8.01
C ARG B 687 37.73 -5.84 7.36
N LYS B 688 38.40 -6.89 6.85
CA LYS B 688 39.70 -6.75 6.22
C LYS B 688 39.80 -7.70 5.02
N ALA B 689 40.69 -7.39 4.10
CA ALA B 689 40.87 -8.24 2.93
C ALA B 689 42.33 -8.29 2.49
N LEU B 690 42.83 -9.49 2.18
CA LEU B 690 44.12 -9.61 1.51
C LEU B 690 43.90 -10.12 0.09
N LEU B 691 44.50 -9.44 -0.87
CA LEU B 691 44.53 -9.93 -2.23
C LEU B 691 45.95 -10.43 -2.51
N ASN B 692 46.06 -11.73 -2.77
CA ASN B 692 47.36 -12.33 -2.97
C ASN B 692 48.32 -11.90 -1.87
N GLY B 693 47.81 -11.88 -0.65
CA GLY B 693 48.65 -11.56 0.50
C GLY B 693 48.87 -10.08 0.74
N GLN B 694 48.46 -9.24 -0.21
CA GLN B 694 48.65 -7.79 -0.06
C GLN B 694 47.36 -7.13 0.45
N GLU B 695 47.50 -6.22 1.41
CA GLU B 695 46.34 -5.48 1.88
C GLU B 695 45.56 -4.85 0.74
N PHE B 696 44.25 -5.04 0.75
CA PHE B 696 43.38 -4.74 -0.37
C PHE B 696 42.18 -3.95 0.12
N THR B 697 41.96 -2.75 -0.41
CA THR B 697 40.81 -1.94 0.02
C THR B 697 39.89 -1.54 -1.13
N ARG B 698 40.19 -1.96 -2.34
CA ARG B 698 39.37 -1.60 -3.48
C ARG B 698 38.01 -2.30 -3.42
N ASN B 699 36.98 -1.68 -4.00
CA ASN B 699 35.65 -2.29 -4.02
C ASN B 699 35.33 -3.00 -5.34
N TYR B 700 36.37 -3.42 -6.05
CA TYR B 700 36.17 -4.19 -7.28
C TYR B 700 37.39 -5.06 -7.58
N LEU B 701 37.18 -6.14 -8.33
CA LEU B 701 38.29 -6.91 -8.88
C LEU B 701 38.27 -6.80 -10.41
N THR B 702 39.45 -6.73 -11.02
CA THR B 702 39.52 -6.73 -12.48
C THR B 702 39.39 -8.15 -13.00
N HIS B 703 39.00 -8.30 -14.26
CA HIS B 703 38.95 -9.60 -14.87
C HIS B 703 40.37 -10.21 -14.87
N ASP B 704 41.37 -9.37 -15.13
CA ASP B 704 42.76 -9.80 -15.17
C ASP B 704 43.18 -10.40 -13.82
N GLU B 705 42.77 -9.77 -12.73
CA GLU B 705 43.11 -10.29 -11.41
C GLU B 705 42.51 -11.68 -11.16
N LEU B 706 41.28 -11.90 -11.60
CA LEU B 706 40.68 -13.23 -11.49
C LEU B 706 41.36 -14.23 -12.43
N LYS B 707 41.41 -13.87 -13.72
CA LYS B 707 41.98 -14.71 -14.76
C LYS B 707 43.36 -15.26 -14.37
N GLN B 708 44.19 -14.42 -13.78
CA GLN B 708 45.57 -14.83 -13.54
C GLN B 708 45.70 -15.80 -12.37
N GLY B 709 44.62 -16.01 -11.64
CA GLY B 709 44.64 -16.93 -10.50
C GLY B 709 45.11 -16.27 -9.21
N GLY B 710 44.79 -16.87 -8.08
CA GLY B 710 45.21 -16.31 -6.79
C GLY B 710 44.15 -16.43 -5.71
N GLU B 711 44.13 -15.47 -4.81
CA GLU B 711 43.21 -15.53 -3.67
C GLU B 711 42.84 -14.17 -3.08
N LEU B 712 41.55 -14.03 -2.80
CA LEU B 712 41.04 -12.90 -2.04
C LEU B 712 40.65 -13.45 -0.68
N ASN B 713 41.42 -13.11 0.34
CA ASN B 713 41.23 -13.62 1.68
C ASN B 713 40.48 -12.60 2.54
N LEU B 714 39.21 -12.88 2.82
CA LEU B 714 38.34 -11.96 3.57
C LEU B 714 38.19 -12.35 5.04
N SER B 715 38.24 -11.32 5.90
CA SER B 715 37.87 -11.46 7.31
C SER B 715 36.48 -10.88 7.53
N MET B 716 35.54 -11.75 7.87
CA MET B 716 34.15 -11.36 7.97
C MET B 716 33.83 -10.92 9.39
N ASP B 717 32.86 -10.03 9.53
CA ASP B 717 32.54 -9.48 10.85
C ASP B 717 31.05 -9.22 10.98
N SER B 718 30.58 -9.04 12.20
CA SER B 718 29.17 -8.84 12.47
C SER B 718 28.82 -7.37 12.54
N VAL B 719 29.85 -6.51 12.44
CA VAL B 719 29.66 -5.07 12.37
C VAL B 719 30.41 -4.50 11.15
N PRO B 720 29.91 -3.40 10.59
CA PRO B 720 30.59 -2.83 9.41
C PRO B 720 31.94 -2.22 9.77
N ASN B 721 32.90 -2.29 8.86
CA ASN B 721 34.12 -1.50 8.99
C ASN B 721 34.00 -0.24 8.16
N GLN B 722 33.74 0.88 8.82
CA GLN B 722 33.47 2.13 8.11
C GLN B 722 34.72 2.89 7.62
N GLN B 723 35.91 2.37 7.88
CA GLN B 723 37.14 3.00 7.38
C GLN B 723 37.55 2.43 6.02
N ARG B 724 37.03 1.24 5.72
CA ARG B 724 37.49 0.47 4.56
C ARG B 724 36.72 0.74 3.27
N GLY B 725 37.44 1.07 2.20
CA GLY B 725 36.85 1.22 0.88
C GLY B 725 36.02 2.48 0.68
N THR B 726 36.39 3.56 1.35
CA THR B 726 35.66 4.82 1.26
C THR B 726 36.44 5.86 0.47
N GLN B 727 37.64 5.50 0.01
CA GLN B 727 38.49 6.43 -0.71
C GLN B 727 38.21 6.34 -2.20
N PRO B 728 38.43 7.44 -2.93
CA PRO B 728 38.19 7.49 -4.37
C PRO B 728 38.95 6.42 -5.13
N ALA B 729 40.18 6.10 -4.71
CA ALA B 729 40.97 5.07 -5.36
C ALA B 729 40.32 3.68 -5.22
N ASP B 730 39.39 3.56 -4.28
CA ASP B 730 38.71 2.29 -4.01
C ASP B 730 37.50 2.08 -4.91
N PHE B 731 36.98 3.14 -5.50
CA PHE B 731 35.73 3.05 -6.26
C PHE B 731 35.94 2.47 -7.66
N PRO B 732 34.94 1.74 -8.17
CA PRO B 732 35.06 1.18 -9.52
C PRO B 732 34.78 2.24 -10.58
N TYR B 733 34.75 1.83 -11.85
CA TYR B 733 34.67 2.76 -12.97
C TYR B 733 33.40 3.59 -12.99
N SER B 734 33.54 4.83 -13.47
CA SER B 734 32.41 5.67 -13.88
C SER B 734 32.94 6.50 -15.02
N TYR B 735 32.11 6.70 -16.05
CA TYR B 735 32.52 7.52 -17.19
C TYR B 735 32.96 8.94 -16.79
N SER B 736 32.27 9.56 -15.84
CA SER B 736 32.65 10.92 -15.48
CA SER B 736 32.57 10.93 -15.40
C SER B 736 33.67 11.03 -14.35
N LYS B 737 34.13 9.90 -13.81
CA LYS B 737 35.21 9.96 -12.83
C LYS B 737 36.27 10.92 -13.37
N SER C 1 13.34 21.91 45.31
CA SER C 1 13.98 21.00 46.32
C SER C 1 14.91 20.01 45.63
N LYS C 2 16.00 19.65 46.31
CA LYS C 2 16.99 18.74 45.75
C LYS C 2 16.42 17.33 45.62
N LYS C 3 16.59 16.72 44.46
CA LYS C 3 16.12 15.36 44.27
C LYS C 3 17.23 14.44 43.81
N THR C 4 17.10 13.17 44.14
CA THR C 4 18.06 12.18 43.75
C THR C 4 18.18 12.09 42.24
N VAL C 5 17.04 11.99 41.56
CA VAL C 5 17.04 12.08 40.10
C VAL C 5 16.40 13.40 39.67
N GLU C 6 17.18 14.27 39.04
CA GLU C 6 16.71 15.60 38.68
C GLU C 6 16.17 15.62 37.26
N PHE C 7 15.47 16.68 36.91
CA PHE C 7 14.83 16.75 35.61
C PHE C 7 15.82 16.54 34.46
N VAL C 8 16.98 17.16 34.56
CA VAL C 8 17.95 17.08 33.46
C VAL C 8 18.48 15.67 33.29
N ASP C 9 18.44 14.87 34.37
CA ASP C 9 18.91 13.49 34.31
C ASP C 9 18.03 12.62 33.42
N TYR C 10 16.84 13.10 33.09
CA TYR C 10 15.94 12.38 32.21
C TYR C 10 16.23 12.66 30.73
N VAL C 11 17.01 13.69 30.43
CA VAL C 11 17.20 14.07 29.03
C VAL C 11 18.17 13.17 28.26
N ASN C 12 17.72 12.68 27.11
CA ASN C 12 18.62 11.97 26.18
C ASN C 12 18.82 12.78 24.89
N PRO C 13 19.96 13.47 24.77
CA PRO C 13 20.26 14.22 23.56
C PRO C 13 20.43 13.31 22.32
N LEU C 14 20.62 12.01 22.54
CA LEU C 14 20.72 11.07 21.42
C LEU C 14 19.34 10.67 20.84
N MET C 15 18.25 11.07 21.50
CA MET C 15 16.93 10.77 20.96
C MET C 15 16.74 11.44 19.58
N GLY C 16 16.48 10.65 18.54
CA GLY C 16 16.21 11.21 17.21
C GLY C 16 17.45 11.13 16.34
N THR C 17 18.48 10.58 16.94
CA THR C 17 19.81 10.51 16.37
C THR C 17 19.99 9.29 15.44
N GLU C 18 19.07 8.33 15.52
CA GLU C 18 19.11 7.16 14.67
C GLU C 18 17.96 7.09 13.68
N SER C 19 18.19 6.41 12.57
CA SER C 19 17.26 6.29 11.46
C SER C 19 16.15 5.26 11.77
N ASN C 27 18.10 12.59 12.39
CA ASN C 27 17.57 13.92 12.10
C ASN C 27 18.18 14.98 13.00
N THR C 28 18.55 14.59 14.22
CA THR C 28 19.06 15.54 15.21
C THR C 28 20.52 15.27 15.54
N TYR C 29 21.09 16.09 16.42
CA TYR C 29 22.41 15.85 16.97
C TYR C 29 22.36 16.11 18.45
N PRO C 30 23.28 15.53 19.21
CA PRO C 30 23.20 15.64 20.66
C PRO C 30 23.78 16.96 21.22
N ALA C 31 23.03 18.05 21.09
CA ALA C 31 23.55 19.37 21.44
C ALA C 31 23.94 19.51 22.91
N VAL C 32 25.17 19.98 23.11
CA VAL C 32 25.63 20.48 24.36
C VAL C 32 25.41 21.98 24.34
N ALA C 33 24.62 22.49 25.27
CA ALA C 33 24.16 23.87 25.18
C ALA C 33 23.60 24.36 26.51
N VAL C 34 23.22 25.63 26.55
CA VAL C 34 22.26 26.08 27.55
C VAL C 34 21.05 26.56 26.75
N PRO C 35 19.87 26.66 27.37
CA PRO C 35 18.67 26.96 26.59
C PRO C 35 18.82 28.23 25.72
N TRP C 36 18.35 28.14 24.47
CA TRP C 36 18.47 29.23 23.48
C TRP C 36 19.88 29.80 23.33
N GLY C 37 20.90 29.01 23.69
CA GLY C 37 22.28 29.48 23.59
C GLY C 37 22.68 29.86 22.18
N MET C 38 23.48 30.93 22.05
CA MET C 38 23.95 31.42 20.74
C MET C 38 24.81 30.39 20.02
N ASN C 39 25.64 29.68 20.76
CA ASN C 39 26.48 28.64 20.17
C ASN C 39 26.18 27.29 20.82
N PHE C 40 25.97 26.25 19.99
CA PHE C 40 25.83 24.88 20.48
C PHE C 40 27.10 24.12 20.13
N TRP C 41 27.31 23.00 20.81
CA TRP C 41 28.46 22.15 20.57
C TRP C 41 28.02 20.71 20.37
N SER C 42 28.67 20.00 19.46
CA SER C 42 28.27 18.63 19.20
C SER C 42 29.38 17.78 18.63
N PRO C 43 29.44 16.51 19.02
CA PRO C 43 30.31 15.61 18.28
C PRO C 43 29.89 15.57 16.81
N GLN C 44 30.85 15.35 15.93
CA GLN C 44 30.59 15.28 14.50
C GLN C 44 31.11 13.96 13.97
N THR C 45 30.24 13.15 13.37
CA THR C 45 30.63 11.95 12.65
C THR C 45 30.52 12.14 11.14
N GLY C 46 29.63 13.02 10.67
CA GLY C 46 29.52 13.26 9.23
C GLY C 46 30.65 14.14 8.70
N GLU C 47 30.75 14.25 7.38
CA GLU C 47 31.79 15.09 6.77
C GLU C 47 31.48 16.55 7.00
N ASN C 48 32.51 17.40 6.97
CA ASN C 48 32.28 18.83 6.86
C ASN C 48 31.29 19.10 5.72
N GLY C 49 30.28 19.94 5.94
CA GLY C 49 29.36 20.32 4.87
C GLY C 49 28.07 19.52 4.82
N SER C 50 28.09 18.35 5.44
CA SER C 50 26.93 17.48 5.46
C SER C 50 26.00 17.88 6.60
N GLY C 51 24.71 18.03 6.31
CA GLY C 51 23.72 18.30 7.35
C GLY C 51 23.60 17.16 8.34
N TRP C 52 24.04 15.98 7.94
CA TRP C 52 23.98 14.83 8.82
C TRP C 52 25.24 14.81 9.67
N MET C 53 25.25 15.70 10.65
CA MET C 53 26.41 15.96 11.48
C MET C 53 26.78 14.76 12.37
N TYR C 54 25.75 14.21 13.00
CA TYR C 54 25.93 13.10 13.90
C TYR C 54 24.87 12.04 13.62
N THR C 55 25.32 10.81 13.47
CA THR C 55 24.43 9.73 13.14
C THR C 55 24.76 8.59 14.09
N TYR C 56 23.75 8.05 14.74
CA TYR C 56 23.96 7.05 15.78
C TYR C 56 24.68 5.80 15.26
N THR C 57 24.44 5.41 14.01
CA THR C 57 25.09 4.22 13.48
C THR C 57 26.53 4.48 13.00
N ASP C 58 26.98 5.73 13.00
CA ASP C 58 28.34 6.05 12.60
C ASP C 58 29.27 5.71 13.74
N SER C 59 30.46 5.23 13.41
CA SER C 59 31.35 4.69 14.42
C SER C 59 32.67 5.42 14.45
N LEU C 60 32.76 6.51 13.68
CA LEU C 60 34.01 7.27 13.52
C LEU C 60 33.78 8.76 13.76
N MET C 61 34.53 9.33 14.68
CA MET C 61 34.37 10.73 15.07
CA MET C 61 34.33 10.74 15.02
C MET C 61 35.38 11.60 14.32
N ARG C 62 34.95 12.76 13.83
CA ARG C 62 35.84 13.69 13.12
C ARG C 62 36.18 14.98 13.86
N GLY C 63 35.36 15.35 14.83
CA GLY C 63 35.58 16.60 15.56
C GLY C 63 34.46 16.95 16.54
N PHE C 64 34.67 17.99 17.33
CA PHE C 64 33.61 18.57 18.14
C PHE C 64 33.30 19.96 17.62
N ARG C 65 32.10 20.10 17.05
CA ARG C 65 31.71 21.32 16.34
C ARG C 65 31.04 22.36 17.24
N GLN C 66 31.42 23.62 17.04
CA GLN C 66 30.57 24.73 17.41
C GLN C 66 29.57 24.87 16.27
N THR C 67 28.28 24.69 16.56
CA THR C 67 27.28 24.61 15.50
C THR C 67 26.05 25.50 15.75
N HIS C 68 25.32 25.82 14.68
CA HIS C 68 24.10 26.62 14.80
C HIS C 68 22.95 25.97 14.07
N GLN C 69 23.22 24.81 13.49
CA GLN C 69 22.30 24.18 12.56
C GLN C 69 20.96 23.82 13.19
N PRO C 70 19.86 24.26 12.57
CA PRO C 70 18.52 23.92 13.06
C PRO C 70 17.97 22.63 12.46
N SER C 71 18.37 22.31 11.23
CA SER C 71 17.94 21.07 10.58
C SER C 71 18.95 20.64 9.52
N PRO C 72 18.97 19.35 9.20
CA PRO C 72 19.91 18.91 8.16
C PRO C 72 19.71 19.61 6.82
N TRP C 73 18.48 19.91 6.45
CA TRP C 73 18.20 20.53 5.15
C TRP C 73 18.76 21.94 5.08
N ILE C 74 18.51 22.70 6.14
CA ILE C 74 18.93 24.09 6.28
C ILE C 74 20.45 24.19 6.41
N ASN C 75 21.05 23.24 7.13
CA ASN C 75 22.53 23.18 7.29
C ASN C 75 23.08 24.25 8.24
N ASP C 76 24.40 24.47 8.19
CA ASP C 76 25.08 25.23 9.25
C ASP C 76 25.67 26.57 8.77
N TYR C 77 26.13 27.39 9.72
CA TYR C 77 26.89 28.59 9.38
C TYR C 77 27.77 28.94 10.57
N GLY C 78 28.86 29.69 10.34
CA GLY C 78 29.69 30.17 11.44
C GLY C 78 30.13 29.02 12.32
N THR C 79 30.60 27.96 11.68
CA THR C 79 30.96 26.75 12.38
C THR C 79 32.45 26.41 12.23
N PHE C 80 33.04 25.89 13.29
CA PHE C 80 34.39 25.38 13.29
C PHE C 80 34.41 24.19 14.25
N SER C 81 35.51 23.44 14.26
CA SER C 81 35.57 22.32 15.19
C SER C 81 36.95 22.16 15.81
N ILE C 82 36.96 21.41 16.90
CA ILE C 82 38.17 21.10 17.63
C ILE C 82 38.25 19.58 17.73
N MET C 83 39.42 19.03 17.49
CA MET C 83 39.58 17.59 17.59
C MET C 83 40.91 17.18 18.24
N PRO C 84 40.84 16.62 19.45
CA PRO C 84 42.01 16.02 20.07
C PRO C 84 42.38 14.77 19.33
N LEU C 85 43.67 14.53 19.13
CA LEU C 85 44.13 13.30 18.50
C LEU C 85 45.31 12.68 19.23
N ALA C 86 45.30 11.35 19.30
CA ALA C 86 46.44 10.62 19.82
C ALA C 86 47.13 9.94 18.66
N GLY C 87 48.43 10.17 18.54
CA GLY C 87 49.23 9.43 17.56
C GLY C 87 49.42 10.14 16.23
N GLU C 88 48.89 9.55 15.16
CA GLU C 88 49.05 10.10 13.83
CA GLU C 88 49.05 10.11 13.83
C GLU C 88 48.28 11.41 13.64
N LEU C 89 48.95 12.41 13.08
CA LEU C 89 48.31 13.68 12.81
C LEU C 89 47.46 13.57 11.53
N LYS C 90 46.23 14.05 11.61
CA LYS C 90 45.35 14.10 10.45
C LYS C 90 44.76 15.49 10.43
N MET C 91 44.86 16.18 9.30
CA MET C 91 44.42 17.58 9.25
C MET C 91 43.02 17.70 8.71
N SER C 92 42.82 17.21 7.49
CA SER C 92 41.57 17.34 6.78
C SER C 92 40.45 16.54 7.44
N HIS C 93 39.24 17.09 7.44
CA HIS C 93 38.07 16.34 7.90
C HIS C 93 37.89 15.01 7.14
N LYS C 94 38.34 14.95 5.89
CA LYS C 94 38.29 13.69 5.13
C LYS C 94 39.14 12.63 5.82
N GLU C 95 40.19 13.06 6.51
CA GLU C 95 41.13 12.09 7.10
C GLU C 95 41.00 11.90 8.63
N ARG C 96 40.43 12.86 9.37
CA ARG C 96 40.32 12.66 10.84
C ARG C 96 39.15 11.79 11.19
N LEU C 97 39.35 10.49 11.23
CA LEU C 97 38.28 9.58 11.60
C LEU C 97 38.77 8.74 12.75
N VAL C 98 38.15 8.91 13.92
CA VAL C 98 38.63 8.22 15.10
C VAL C 98 37.55 7.29 15.62
N PRO C 99 37.85 5.99 15.66
CA PRO C 99 36.88 4.99 16.12
C PRO C 99 36.48 5.20 17.59
N PHE C 100 35.18 5.08 17.85
CA PHE C 100 34.69 5.12 19.23
C PHE C 100 33.45 4.25 19.35
N SER C 101 33.07 3.94 20.58
CA SER C 101 31.88 3.14 20.83
C SER C 101 30.89 3.89 21.73
N HIS C 102 29.60 3.71 21.46
CA HIS C 102 28.56 4.29 22.29
C HIS C 102 28.63 3.79 23.73
N GLN C 103 29.25 2.65 23.93
CA GLN C 103 29.38 2.10 25.27
C GLN C 103 30.28 2.96 26.14
N GLN C 104 31.12 3.77 25.49
CA GLN C 104 32.02 4.67 26.20
C GLN C 104 31.66 6.11 25.88
N GLU C 105 30.37 6.33 25.64
CA GLU C 105 29.87 7.67 25.34
C GLU C 105 28.81 8.04 26.36
N LYS C 106 28.88 9.28 26.86
CA LYS C 106 27.86 9.75 27.79
C LYS C 106 27.36 11.14 27.37
N ALA C 107 26.18 11.18 26.76
CA ALA C 107 25.67 12.43 26.22
C ALA C 107 24.63 13.03 27.16
N THR C 108 24.86 14.25 27.62
CA THR C 108 23.86 15.02 28.35
C THR C 108 23.85 16.45 27.81
N PRO C 109 22.86 17.23 28.20
CA PRO C 109 22.77 18.60 27.71
C PRO C 109 23.85 19.50 28.27
N TYR C 110 24.36 19.16 29.46
CA TYR C 110 25.32 20.02 30.14
C TYR C 110 26.76 19.49 30.02
N ASN C 111 26.93 18.33 29.37
CA ASN C 111 28.23 17.70 29.20
C ASN C 111 28.19 16.51 28.23
N TYR C 112 29.09 16.49 27.26
CA TYR C 112 29.26 15.31 26.42
C TYR C 112 30.65 14.74 26.67
N SER C 113 30.70 13.47 27.02
CA SER C 113 31.96 12.85 27.32
C SER C 113 32.10 11.59 26.50
N VAL C 114 33.29 11.33 25.98
CA VAL C 114 33.53 10.15 25.18
C VAL C 114 34.96 9.66 25.34
N THR C 115 35.12 8.34 25.37
CA THR C 115 36.44 7.73 25.32
C THR C 115 36.61 6.95 24.03
N PHE C 116 37.61 7.33 23.24
CA PHE C 116 37.89 6.70 21.97
C PHE C 116 38.55 5.33 22.18
N ASN C 117 38.54 4.50 21.14
CA ASN C 117 39.10 3.16 21.27
C ASN C 117 40.58 3.15 21.62
N ASN C 118 41.30 4.21 21.27
CA ASN C 118 42.73 4.29 21.60
C ASN C 118 42.95 4.79 23.03
N GLY C 119 41.86 4.99 23.77
CA GLY C 119 41.99 5.40 25.16
C GLY C 119 41.95 6.90 25.41
N LEU C 120 41.93 7.71 24.37
CA LEU C 120 41.83 9.16 24.56
C LEU C 120 40.44 9.52 25.06
N GLN C 121 40.36 10.27 26.14
CA GLN C 121 39.08 10.68 26.65
C GLN C 121 38.90 12.19 26.51
N THR C 122 37.72 12.63 26.10
CA THR C 122 37.46 14.04 26.12
C THR C 122 36.06 14.36 26.62
N SER C 123 35.93 15.45 27.35
CA SER C 123 34.60 15.86 27.78
C SER C 123 34.46 17.36 27.60
N LEU C 124 33.28 17.79 27.15
CA LEU C 124 33.02 19.19 26.95
C LEU C 124 31.66 19.68 27.46
N SER C 125 31.64 20.90 27.95
CA SER C 125 30.42 21.53 28.44
C SER C 125 30.34 22.95 27.89
N ALA C 126 29.14 23.45 27.65
CA ALA C 126 28.97 24.76 27.04
C ALA C 126 28.30 25.80 27.94
N THR C 127 28.66 27.06 27.72
CA THR C 127 27.90 28.19 28.24
C THR C 127 27.12 28.71 27.03
N SER C 128 26.45 29.86 27.15
CA SER C 128 25.70 30.42 26.02
C SER C 128 26.57 30.55 24.79
N ARG C 129 27.78 31.06 24.98
CA ARG C 129 28.62 31.45 23.85
C ARG C 129 30.00 30.81 23.84
N GLY C 130 30.30 30.01 24.84
CA GLY C 130 31.61 29.36 24.92
C GLY C 130 31.54 27.90 25.33
N ALA C 131 32.70 27.27 25.43
CA ALA C 131 32.75 25.89 25.86
C ALA C 131 34.09 25.63 26.49
N VAL C 132 34.15 24.59 27.32
CA VAL C 132 35.39 24.16 27.91
C VAL C 132 35.52 22.67 27.70
N PHE C 133 36.68 22.25 27.19
CA PHE C 133 36.99 20.86 27.00
C PHE C 133 38.00 20.41 28.04
N GLU C 134 37.99 19.13 28.35
CA GLU C 134 39.07 18.56 29.09
C GLU C 134 39.47 17.24 28.42
N VAL C 135 40.77 17.10 28.15
CA VAL C 135 41.28 15.99 27.35
C VAL C 135 42.32 15.17 28.11
N SER C 136 42.09 13.87 28.20
CA SER C 136 43.08 12.94 28.73
CA SER C 136 43.08 12.92 28.73
C SER C 136 43.74 12.16 27.60
N PHE C 137 45.04 12.42 27.38
CA PHE C 137 45.77 11.73 26.32
C PHE C 137 46.29 10.37 26.79
N PRO C 138 46.24 9.35 25.91
CA PRO C 138 46.90 8.07 26.20
C PRO C 138 48.42 8.24 26.32
N GLU C 139 49.03 7.48 27.21
CA GLU C 139 50.46 7.64 27.48
C GLU C 139 51.34 7.19 26.31
N LYS C 140 52.46 7.87 26.09
CA LYS C 140 53.42 7.40 25.09
C LYS C 140 52.88 7.46 23.66
N GLU C 141 51.93 8.38 23.42
CA GLU C 141 51.51 8.69 22.07
C GLU C 141 51.66 10.20 21.90
N ASP C 142 51.94 10.65 20.68
CA ASP C 142 51.96 12.08 20.42
C ASP C 142 50.58 12.68 20.74
N GLN C 143 50.57 13.86 21.34
CA GLN C 143 49.32 14.54 21.68
C GLN C 143 49.09 15.76 20.79
N TYR C 144 47.97 15.75 20.08
CA TYR C 144 47.63 16.82 19.17
C TYR C 144 46.23 17.34 19.47
N VAL C 145 45.99 18.60 19.13
CA VAL C 145 44.64 19.10 18.97
C VAL C 145 44.57 19.78 17.60
N VAL C 146 43.57 19.41 16.81
CA VAL C 146 43.40 19.98 15.49
C VAL C 146 42.23 20.93 15.49
N VAL C 147 42.47 22.13 14.98
CA VAL C 147 41.42 23.12 14.82
C VAL C 147 41.04 23.21 13.35
N ASP C 148 39.75 23.05 13.07
CA ASP C 148 39.27 23.00 11.69
C ASP C 148 38.31 24.19 11.57
N ALA C 149 38.65 25.14 10.71
CA ALA C 149 37.85 26.35 10.62
C ALA C 149 36.95 26.34 9.39
N TYR C 150 36.80 25.17 8.78
CA TYR C 150 35.82 24.95 7.72
C TYR C 150 36.17 25.61 6.41
N ASN C 151 35.37 25.34 5.38
CA ASN C 151 35.65 25.88 4.05
C ASN C 151 34.81 27.13 3.84
N GLY C 152 34.83 27.67 2.63
CA GLY C 152 34.11 28.91 2.32
C GLY C 152 34.84 30.22 2.69
N GLY C 153 36.15 30.13 2.98
CA GLY C 153 36.96 31.31 3.26
C GLY C 153 37.27 31.55 4.73
N SER C 154 38.24 30.82 5.29
CA SER C 154 38.52 30.95 6.71
C SER C 154 39.96 31.35 7.00
N SER C 155 40.24 31.67 8.25
CA SER C 155 41.59 32.03 8.64
C SER C 155 41.83 31.63 10.09
N ILE C 156 43.10 31.36 10.40
CA ILE C 156 43.49 30.95 11.73
C ILE C 156 44.83 31.59 12.08
N THR C 157 44.97 32.02 13.32
CA THR C 157 46.24 32.53 13.79
CA THR C 157 46.25 32.54 13.80
C THR C 157 46.57 31.86 15.12
N ILE C 158 47.78 31.33 15.22
CA ILE C 158 48.24 30.68 16.42
C ILE C 158 49.18 31.64 17.12
N GLU C 159 49.07 31.73 18.45
CA GLU C 159 50.00 32.52 19.25
C GLU C 159 50.52 31.55 20.29
N PRO C 160 51.55 30.80 19.93
CA PRO C 160 52.06 29.63 20.65
C PRO C 160 52.60 29.94 22.03
N GLU C 161 53.30 31.07 22.16
CA GLU C 161 53.82 31.48 23.47
C GLU C 161 52.68 31.88 24.43
N LYS C 162 51.58 32.42 23.90
CA LYS C 162 50.43 32.72 24.74
C LYS C 162 49.49 31.53 24.91
N ARG C 163 49.70 30.48 24.13
CA ARG C 163 48.77 29.34 24.14
C ARG C 163 47.38 29.71 23.62
N LEU C 164 47.29 30.53 22.59
CA LEU C 164 46.02 30.96 22.07
C LEU C 164 45.91 30.62 20.61
N VAL C 165 44.70 30.36 20.16
CA VAL C 165 44.40 30.25 18.74
C VAL C 165 43.19 31.12 18.46
N LYS C 166 43.21 31.85 17.36
CA LYS C 166 42.09 32.69 17.01
C LYS C 166 41.81 32.51 15.55
N GLY C 167 40.60 32.88 15.13
CA GLY C 167 40.21 32.58 13.76
C GLY C 167 38.91 33.20 13.31
N ALA C 168 38.62 33.04 12.03
CA ALA C 168 37.35 33.46 11.50
C ALA C 168 36.83 32.36 10.60
N THR C 169 35.58 31.96 10.82
CA THR C 169 34.92 31.01 9.94
C THR C 169 33.78 31.73 9.26
N ARG C 170 33.65 31.55 7.95
CA ARG C 170 32.66 32.27 7.16
C ARG C 170 31.71 31.32 6.45
N TYR C 171 31.92 30.02 6.64
CA TYR C 171 31.02 29.01 6.09
C TYR C 171 29.55 29.34 6.38
N ASN C 172 28.73 29.22 5.36
CA ASN C 172 27.30 29.40 5.51
C ASN C 172 26.59 28.70 4.37
N ASN C 173 25.28 28.58 4.50
CA ASN C 173 24.46 28.03 3.44
C ASN C 173 23.48 29.09 2.91
N GLY C 174 23.94 30.34 2.89
CA GLY C 174 23.11 31.46 2.49
C GLY C 174 22.52 32.21 3.69
N GLY C 175 21.69 33.20 3.40
CA GLY C 175 21.09 34.01 4.45
C GLY C 175 22.09 34.81 5.30
N VAL C 176 23.22 35.19 4.72
CA VAL C 176 24.19 36.05 5.42
C VAL C 176 24.48 37.31 4.61
N PRO C 177 24.78 38.44 5.29
CA PRO C 177 25.27 39.64 4.59
C PRO C 177 26.70 39.41 4.07
N ASP C 178 27.17 40.29 3.20
CA ASP C 178 28.51 40.17 2.59
C ASP C 178 29.66 40.10 3.59
N ASN C 179 29.52 40.79 4.71
CA ASN C 179 30.63 40.86 5.67
C ASN C 179 30.56 39.78 6.75
N PHE C 180 29.75 38.75 6.55
CA PHE C 180 29.50 37.77 7.61
C PHE C 180 30.73 36.99 8.07
N ALA C 181 30.83 36.77 9.38
CA ALA C 181 31.83 35.85 9.94
C ALA C 181 31.58 35.54 11.42
N ASN C 182 31.97 34.35 11.86
CA ASN C 182 32.03 34.03 13.29
C ASN C 182 33.50 34.13 13.70
N TYR C 183 33.79 34.92 14.72
CA TYR C 183 35.15 35.12 15.16
C TYR C 183 35.36 34.35 16.44
N PHE C 184 36.32 33.42 16.44
CA PHE C 184 36.55 32.56 17.58
C PHE C 184 37.93 32.70 18.24
N MET C 185 38.02 32.29 19.49
CA MET C 185 39.31 32.23 20.17
C MET C 185 39.34 31.09 21.17
N MET C 186 40.50 30.48 21.37
CA MET C 186 40.64 29.42 22.37
C MET C 186 41.97 29.48 23.10
N GLU C 187 41.98 28.92 24.30
CA GLU C 187 43.14 28.96 25.13
C GLU C 187 43.43 27.57 25.65
N PHE C 188 44.70 27.19 25.63
CA PHE C 188 45.11 25.87 26.07
C PHE C 188 45.84 26.01 27.39
N SER C 189 45.63 25.04 28.29
CA SER C 189 46.22 25.08 29.63
C SER C 189 47.71 24.71 29.67
N HIS C 190 48.20 24.03 28.64
CA HIS C 190 49.57 23.55 28.67
C HIS C 190 50.41 24.11 27.51
N PRO C 191 51.74 24.13 27.69
CA PRO C 191 52.64 24.66 26.67
C PRO C 191 52.44 24.03 25.29
N VAL C 192 52.56 24.86 24.27
CA VAL C 192 52.52 24.43 22.89
C VAL C 192 53.94 24.03 22.46
N ILE C 193 54.13 22.74 22.21
CA ILE C 193 55.47 22.24 21.91
C ILE C 193 55.81 22.37 20.43
N GLU C 194 54.78 22.35 19.59
CA GLU C 194 54.96 22.30 18.16
C GLU C 194 53.63 22.76 17.58
N TYR C 195 53.65 23.30 16.37
CA TYR C 195 52.42 23.80 15.75
C TYR C 195 52.56 23.87 14.23
N GLY C 196 51.43 24.07 13.54
CA GLY C 196 51.43 24.16 12.09
C GLY C 196 50.06 24.58 11.58
N THR C 197 50.00 24.91 10.31
CA THR C 197 48.74 25.31 9.69
C THR C 197 48.52 24.44 8.46
N TYR C 198 47.33 24.49 7.89
CA TYR C 198 46.99 23.63 6.77
C TYR C 198 46.08 24.43 5.88
N ASN C 199 46.33 24.40 4.58
CA ASN C 199 45.55 25.25 3.69
C ASN C 199 44.61 24.52 2.72
N GLY C 200 44.32 23.26 3.02
CA GLY C 200 43.46 22.47 2.14
C GLY C 200 44.29 21.72 1.12
N ASP C 201 45.56 22.11 1.00
CA ASP C 201 46.46 21.46 0.08
C ASP C 201 47.68 20.94 0.79
N THR C 202 48.42 21.85 1.42
CA THR C 202 49.69 21.55 2.07
C THR C 202 49.65 21.73 3.58
N LEU C 203 50.28 20.81 4.30
CA LEU C 203 50.47 21.02 5.71
C LEU C 203 51.67 21.96 5.80
N LEU C 204 51.53 23.05 6.54
CA LEU C 204 52.65 24.00 6.65
C LEU C 204 53.17 24.03 8.07
N HIS C 205 54.18 23.24 8.35
CA HIS C 205 54.71 23.15 9.69
C HIS C 205 55.36 24.46 10.16
N HIS C 206 55.18 24.74 11.44
CA HIS C 206 55.81 25.88 12.11
C HIS C 206 55.37 27.24 11.56
N GLN C 207 54.27 27.28 10.83
CA GLN C 207 53.65 28.55 10.44
C GLN C 207 52.48 28.90 11.35
N THR C 208 52.29 30.19 11.63
CA THR C 208 51.30 30.62 12.63
C THR C 208 49.99 31.12 12.02
N ASP C 209 50.06 31.74 10.85
CA ASP C 209 48.90 32.33 10.19
C ASP C 209 48.61 31.57 8.92
N VAL C 210 47.33 31.29 8.66
CA VAL C 210 46.92 30.72 7.38
C VAL C 210 45.57 31.29 6.97
N ALA C 211 45.34 31.38 5.67
CA ALA C 211 44.07 31.90 5.18
C ALA C 211 43.83 31.30 3.82
N ALA C 212 42.64 30.75 3.62
CA ALA C 212 42.31 30.10 2.37
C ALA C 212 40.86 29.66 2.42
N ASP C 213 40.41 29.00 1.34
CA ASP C 213 39.05 28.51 1.28
C ASP C 213 38.77 27.57 2.45
N TYR C 214 39.70 26.65 2.69
CA TYR C 214 39.59 25.68 3.79
C TYR C 214 40.86 25.74 4.62
N THR C 215 40.72 25.89 5.94
CA THR C 215 41.92 25.93 6.79
C THR C 215 41.80 25.15 8.10
N CYS C 216 42.92 24.51 8.48
CA CYS C 216 43.04 23.84 9.76
C CYS C 216 44.36 24.25 10.37
N ALA C 217 44.50 24.06 11.68
CA ALA C 217 45.76 24.27 12.36
C ALA C 217 45.95 23.12 13.33
N TYR C 218 47.19 22.78 13.66
CA TYR C 218 47.43 21.82 14.74
C TYR C 218 48.28 22.40 15.87
N LEU C 219 48.13 21.79 17.04
CA LEU C 219 49.00 22.09 18.17
C LEU C 219 49.46 20.76 18.75
N LYS C 220 50.73 20.70 19.11
CA LYS C 220 51.31 19.50 19.69
C LYS C 220 51.65 19.81 21.14
N PHE C 221 51.39 18.84 22.01
CA PHE C 221 51.49 19.07 23.44
C PHE C 221 52.36 18.02 24.08
N ASP C 222 52.61 18.20 25.37
CA ASP C 222 53.38 17.23 26.13
C ASP C 222 52.87 17.21 27.56
N VAL C 223 51.60 16.86 27.71
CA VAL C 223 50.93 16.88 29.00
C VAL C 223 51.47 15.75 29.85
N PRO C 224 51.91 16.06 31.08
CA PRO C 224 52.52 15.01 31.87
C PRO C 224 51.49 13.95 32.25
N ALA C 225 51.97 12.74 32.50
CA ALA C 225 51.08 11.67 32.90
C ALA C 225 50.28 12.10 34.11
N GLY C 226 48.97 11.86 34.08
CA GLY C 226 48.10 12.21 35.20
C GLY C 226 47.43 13.56 35.04
N GLU C 227 47.99 14.43 34.21
CA GLU C 227 47.35 15.73 34.02
C GLU C 227 46.45 15.73 32.76
N LYS C 228 45.60 16.74 32.65
CA LYS C 228 44.66 16.84 31.55
C LYS C 228 44.83 18.18 30.87
N LEU C 229 44.56 18.22 29.58
CA LEU C 229 44.63 19.46 28.86
C LEU C 229 43.28 20.14 28.96
N THR C 230 43.27 21.42 29.31
CA THR C 230 42.03 22.16 29.26
C THR C 230 42.03 23.10 28.04
N ILE C 231 40.90 23.14 27.34
CA ILE C 231 40.73 24.02 26.20
C ILE C 231 39.52 24.85 26.45
N ARG C 232 39.69 26.17 26.44
CA ARG C 232 38.58 27.09 26.68
C ARG C 232 38.37 27.89 25.41
N THR C 233 37.13 28.05 25.00
CA THR C 233 36.86 28.68 23.72
C THR C 233 35.60 29.52 23.85
N ALA C 234 35.52 30.59 23.07
CA ALA C 234 34.28 31.36 22.92
C ALA C 234 34.30 32.01 21.55
N SER C 235 33.16 32.48 21.09
CA SER C 235 33.14 33.12 19.80
C SER C 235 32.14 34.26 19.78
N SER C 236 32.14 35.02 18.68
CA SER C 236 31.27 36.18 18.54
C SER C 236 30.94 36.42 17.07
N PHE C 237 29.77 37.01 16.81
CA PHE C 237 29.42 37.34 15.44
C PHE C 237 29.74 38.81 15.13
N ILE C 238 30.22 39.52 16.16
CA ILE C 238 30.46 40.94 16.06
C ILE C 238 31.90 41.28 15.72
N SER C 239 32.84 40.81 16.54
CA SER C 239 34.26 41.08 16.32
C SER C 239 35.13 40.13 17.13
N PRO C 240 36.44 40.09 16.82
CA PRO C 240 37.34 39.35 17.69
C PRO C 240 37.44 39.97 19.08
N GLU C 241 37.28 41.29 19.19
CA GLU C 241 37.23 41.97 20.48
C GLU C 241 36.04 41.47 21.32
N GLN C 242 34.86 41.38 20.72
CA GLN C 242 33.69 40.87 21.42
C GLN C 242 33.85 39.38 21.77
N ALA C 243 34.51 38.62 20.90
CA ALA C 243 34.77 37.21 21.20
C ALA C 243 35.55 37.10 22.50
N ALA C 244 36.51 38.01 22.67
CA ALA C 244 37.35 38.01 23.86
C ALA C 244 36.55 38.43 25.09
N ILE C 245 35.66 39.40 24.92
CA ILE C 245 34.73 39.77 25.97
C ILE C 245 33.86 38.58 26.40
N ASN C 246 33.31 37.87 25.43
CA ASN C 246 32.51 36.68 25.72
C ASN C 246 33.34 35.63 26.44
N PHE C 247 34.58 35.44 25.94
CA PHE C 247 35.49 34.47 26.52
C PHE C 247 35.79 34.79 27.98
N ASN C 248 36.11 36.06 28.25
CA ASN C 248 36.48 36.47 29.60
C ASN C 248 35.35 36.42 30.60
N ARG C 249 34.13 36.73 30.16
CA ARG C 249 32.98 36.69 31.03
C ARG C 249 32.48 35.26 31.26
N GLU C 250 32.54 34.41 30.24
CA GLU C 250 31.88 33.11 30.38
C GLU C 250 32.80 31.95 30.73
N VAL C 251 34.03 31.92 30.23
CA VAL C 251 34.85 30.71 30.37
C VAL C 251 36.27 30.89 30.91
N ALA C 252 36.78 32.12 30.95
CA ALA C 252 38.14 32.34 31.47
C ALA C 252 38.35 31.66 32.84
N ASP C 253 39.46 30.93 32.96
CA ASP C 253 39.83 30.30 34.24
C ASP C 253 38.91 29.17 34.69
N ALA C 254 37.95 28.80 33.86
CA ALA C 254 37.02 27.74 34.23
C ALA C 254 37.54 26.38 33.81
N ASP C 255 37.27 25.36 34.63
CA ASP C 255 37.48 24.00 34.17
C ASP C 255 36.14 23.42 33.74
N VAL C 256 36.14 22.21 33.20
CA VAL C 256 34.92 21.66 32.64
C VAL C 256 33.85 21.44 33.73
N GLN C 257 34.29 21.11 34.95
CA GLN C 257 33.36 20.78 36.04
C GLN C 257 32.57 22.03 36.43
N LEU C 258 33.24 23.18 36.44
CA LEU C 258 32.54 24.44 36.63
C LEU C 258 31.48 24.65 35.55
N ILE C 259 31.87 24.55 34.29
CA ILE C 259 30.94 24.85 33.21
C ILE C 259 29.77 23.85 33.21
N SER C 260 30.11 22.58 33.40
CA SER C 260 29.13 21.50 33.54
C SER C 260 28.11 21.77 34.63
N GLY C 261 28.58 22.08 35.83
CA GLY C 261 27.69 22.39 36.96
C GLY C 261 26.78 23.58 36.69
N LYS C 262 27.29 24.60 36.04
CA LYS C 262 26.46 25.74 35.68
C LYS C 262 25.37 25.37 34.68
N ALA C 263 25.74 24.66 33.62
CA ALA C 263 24.77 24.29 32.59
C ALA C 263 23.74 23.31 33.16
N ARG C 264 24.18 22.38 34.01
CA ARG C 264 23.25 21.46 34.65
C ARG C 264 22.18 22.23 35.44
N GLU C 265 22.62 23.23 36.19
CA GLU C 265 21.72 24.04 36.99
C GLU C 265 20.74 24.81 36.13
N GLN C 266 21.22 25.39 35.04
CA GLN C 266 20.37 26.09 34.11
C GLN C 266 19.29 25.16 33.55
N TRP C 267 19.68 23.97 33.09
CA TRP C 267 18.72 23.03 32.54
C TRP C 267 17.70 22.62 33.59
N ASN C 268 18.15 22.37 34.82
CA ASN C 268 17.19 22.04 35.88
C ASN C 268 16.22 23.19 36.15
N ASN C 269 16.71 24.43 36.11
CA ASN C 269 15.85 25.58 36.37
C ASN C 269 14.77 25.71 35.31
N TYR C 270 15.16 25.61 34.03
CA TYR C 270 14.20 25.77 32.94
C TYR C 270 13.30 24.57 32.71
N LEU C 271 13.87 23.37 32.65
CA LEU C 271 13.03 22.17 32.53
C LEU C 271 12.07 22.06 33.72
N GLY C 272 12.53 22.45 34.91
CA GLY C 272 11.72 22.35 36.13
C GLY C 272 10.47 23.21 36.16
N ARG C 273 10.29 24.07 35.16
CA ARG C 273 9.10 24.91 35.14
C ARG C 273 7.83 24.09 34.89
N VAL C 274 8.00 22.87 34.38
CA VAL C 274 6.88 21.94 34.41
C VAL C 274 7.34 20.67 35.09
N GLU C 275 6.68 20.31 36.18
CA GLU C 275 7.06 19.15 36.97
C GLU C 275 6.11 18.01 36.72
N ALA C 276 6.57 16.95 36.07
CA ALA C 276 5.74 15.77 35.84
C ALA C 276 5.97 14.71 36.90
N GLU C 277 4.88 14.09 37.36
CA GLU C 277 4.97 13.05 38.38
C GLU C 277 3.95 11.95 38.10
N GLY C 278 4.25 10.74 38.57
CA GLY C 278 3.39 9.59 38.36
C GLY C 278 3.43 9.11 36.91
N GLY C 279 4.62 8.70 36.46
CA GLY C 279 4.78 8.07 35.15
C GLY C 279 5.98 7.16 35.19
N THR C 280 6.17 6.34 34.15
CA THR C 280 7.34 5.48 34.08
C THR C 280 8.60 6.29 33.76
N ASP C 281 9.78 5.75 34.06
CA ASP C 281 11.04 6.42 33.71
C ASP C 281 11.06 6.71 32.22
N GLU C 282 10.59 5.74 31.43
CA GLU C 282 10.58 5.91 29.98
C GLU C 282 9.71 7.12 29.56
N GLN C 283 8.54 7.30 30.18
CA GLN C 283 7.70 8.49 29.91
C GLN C 283 8.39 9.78 30.34
N LEU C 284 9.01 9.74 31.52
CA LEU C 284 9.73 10.88 32.04
C LEU C 284 10.88 11.22 31.10
N ARG C 285 11.63 10.23 30.65
CA ARG C 285 12.73 10.51 29.74
C ARG C 285 12.23 11.10 28.43
N THR C 286 11.13 10.56 27.91
CA THR C 286 10.57 11.03 26.65
C THR C 286 10.10 12.46 26.81
N PHE C 287 9.35 12.71 27.87
CA PHE C 287 8.87 14.06 28.17
C PHE C 287 9.99 15.11 28.28
N TYR C 288 10.98 14.84 29.13
CA TYR C 288 11.99 15.86 29.36
C TYR C 288 12.96 16.01 28.19
N SER C 289 13.13 14.95 27.40
CA SER C 289 13.96 15.04 26.21
C SER C 289 13.30 15.93 25.16
N CYS C 290 11.99 15.77 24.99
CA CYS C 290 11.25 16.62 24.07
C CYS C 290 11.26 18.07 24.56
N LEU C 291 11.16 18.25 25.87
CA LEU C 291 11.19 19.61 26.42
C LEU C 291 12.56 20.25 26.16
N TYR C 292 13.62 19.52 26.45
CA TYR C 292 14.99 19.97 26.15
C TYR C 292 15.12 20.42 24.69
N ARG C 293 14.60 19.62 23.76
CA ARG C 293 14.68 20.01 22.35
CA ARG C 293 14.63 19.98 22.35
C ARG C 293 13.90 21.29 22.09
N THR C 294 12.79 21.46 22.77
CA THR C 294 11.95 22.61 22.58
C THR C 294 12.61 23.88 23.07
N LEU C 295 13.52 23.78 24.03
CA LEU C 295 14.18 24.99 24.57
C LEU C 295 15.47 25.36 23.83
N LEU C 296 15.75 24.68 22.72
CA LEU C 296 16.94 25.00 21.94
C LEU C 296 16.74 26.12 20.92
N PHE C 297 15.59 26.14 20.25
CA PHE C 297 15.40 27.05 19.12
C PHE C 297 14.32 28.09 19.41
N PRO C 298 14.19 29.03 18.48
CA PRO C 298 15.33 29.86 18.13
C PRO C 298 16.39 30.21 19.15
N ARG C 299 17.62 30.33 18.67
CA ARG C 299 18.70 30.71 19.55
C ARG C 299 18.74 32.22 19.72
N GLU C 300 19.24 32.66 20.87
CA GLU C 300 19.66 34.05 21.09
C GLU C 300 20.82 34.37 20.13
N PHE C 301 20.75 35.52 19.46
CA PHE C 301 21.83 35.92 18.54
C PHE C 301 22.46 37.22 19.04
N TYR C 302 22.21 37.55 20.31
CA TYR C 302 22.76 38.77 20.86
C TYR C 302 23.82 38.46 21.90
N GLU C 303 24.64 39.47 22.19
CA GLU C 303 25.81 39.33 23.04
C GLU C 303 25.84 40.53 23.99
N PHE C 304 26.65 40.48 25.05
CA PHE C 304 26.72 41.61 25.96
C PHE C 304 28.07 42.29 25.84
N ASP C 305 28.05 43.60 25.57
CA ASP C 305 29.27 44.35 25.32
C ASP C 305 30.04 44.70 26.59
N SER C 306 31.07 45.51 26.48
CA SER C 306 31.92 45.78 27.63
C SER C 306 31.15 46.47 28.75
N GLN C 307 30.02 47.10 28.43
CA GLN C 307 29.18 47.75 29.44
C GLN C 307 28.13 46.79 30.00
N GLY C 308 28.08 45.57 29.47
CA GLY C 308 27.05 44.62 29.87
C GLY C 308 25.73 44.85 29.16
N ASN C 309 25.76 45.59 28.06
CA ASN C 309 24.53 45.86 27.31
C ASN C 309 24.33 44.94 26.11
N PRO C 310 23.08 44.51 25.86
CA PRO C 310 22.80 43.58 24.78
C PRO C 310 23.03 44.20 23.40
N VAL C 311 23.79 43.52 22.55
CA VAL C 311 24.06 44.01 21.21
C VAL C 311 24.11 42.81 20.28
N TYR C 312 23.92 43.06 18.98
CA TYR C 312 23.98 41.95 18.05
C TYR C 312 24.45 42.35 16.66
N TYR C 313 25.17 41.43 16.02
CA TYR C 313 25.40 41.52 14.61
C TYR C 313 24.10 41.15 13.90
N SER C 314 23.60 42.03 13.03
CA SER C 314 22.37 41.73 12.31
C SER C 314 22.65 40.90 11.06
N PRO C 315 22.05 39.70 11.00
CA PRO C 315 22.15 38.87 9.80
C PRO C 315 21.27 39.42 8.70
N TYR C 316 20.59 40.54 8.98
CA TYR C 316 19.72 41.18 7.99
C TYR C 316 20.40 42.38 7.31
N ASP C 317 21.14 43.20 8.06
CA ASP C 317 21.82 44.32 7.40
C ASP C 317 23.34 44.40 7.60
N GLY C 318 23.91 43.47 8.36
CA GLY C 318 25.37 43.41 8.50
C GLY C 318 25.96 44.42 9.47
N ASN C 319 25.10 45.20 10.13
CA ASN C 319 25.58 46.16 11.13
C ASN C 319 25.35 45.66 12.55
N VAL C 320 26.06 46.27 13.50
CA VAL C 320 25.88 45.98 14.91
C VAL C 320 24.78 46.87 15.45
N HIS C 321 23.90 46.32 16.28
CA HIS C 321 22.74 47.04 16.81
C HIS C 321 22.60 46.85 18.32
N ASP C 322 21.91 47.79 18.97
CA ASP C 322 21.48 47.63 20.36
C ASP C 322 20.18 46.81 20.41
N GLY C 323 20.07 45.91 21.37
CA GLY C 323 18.83 45.16 21.55
C GLY C 323 18.96 43.66 21.34
N TYR C 324 17.85 43.03 21.01
CA TYR C 324 17.78 41.58 20.88
C TYR C 324 17.60 41.10 19.45
N MET C 325 18.10 39.91 19.19
CA MET C 325 17.89 39.26 17.93
C MET C 325 17.93 37.77 18.20
N TYR C 326 17.15 37.03 17.40
CA TYR C 326 17.03 35.58 17.52
C TYR C 326 17.09 35.03 16.11
N THR C 327 17.45 33.76 15.98
CA THR C 327 17.44 33.14 14.67
C THR C 327 17.38 31.61 14.73
N ASP C 328 17.50 30.98 13.58
CA ASP C 328 17.48 29.53 13.41
C ASP C 328 16.12 28.93 13.74
N ASN C 329 15.12 29.40 12.99
CA ASN C 329 13.74 29.04 13.20
C ASN C 329 13.01 29.15 11.89
N GLY C 330 12.15 28.20 11.61
CA GLY C 330 11.17 28.37 10.57
C GLY C 330 9.84 28.54 11.29
N PHE C 331 9.21 29.72 11.20
CA PHE C 331 7.94 29.94 11.87
C PHE C 331 6.85 28.97 11.33
N TRP C 332 6.98 28.56 10.07
CA TRP C 332 6.05 27.59 9.52
C TRP C 332 6.00 26.34 10.40
N ASP C 333 7.11 26.04 11.09
CA ASP C 333 7.22 24.92 12.04
CA ASP C 333 7.16 24.91 12.00
C ASP C 333 6.80 25.37 13.42
N THR C 334 7.42 26.45 13.87
CA THR C 334 7.37 26.78 15.28
C THR C 334 6.15 27.56 15.78
N PHE C 335 5.35 28.13 14.88
CA PHE C 335 4.15 28.84 15.33
C PHE C 335 3.16 27.90 16.01
N ARG C 336 3.18 26.63 15.64
CA ARG C 336 2.13 25.69 16.02
C ARG C 336 2.13 25.35 17.51
N ALA C 337 3.31 25.16 18.08
CA ALA C 337 3.34 24.69 19.47
C ALA C 337 4.53 25.20 20.26
N VAL C 338 5.67 25.32 19.58
CA VAL C 338 6.89 25.76 20.24
C VAL C 338 6.74 27.17 20.86
N HIS C 339 6.33 28.16 20.06
CA HIS C 339 6.20 29.51 20.61
C HIS C 339 5.04 29.65 21.58
N PRO C 340 3.94 28.95 21.30
CA PRO C 340 2.87 28.92 22.28
C PRO C 340 3.36 28.40 23.61
N LEU C 341 4.22 27.38 23.59
CA LEU C 341 4.81 26.90 24.85
C LEU C 341 5.61 28.02 25.51
N PHE C 342 6.35 28.79 24.73
CA PHE C 342 7.10 29.89 25.33
C PHE C 342 6.16 30.92 25.97
N THR C 343 5.06 31.25 25.30
CA THR C 343 4.15 32.29 25.80
C THR C 343 3.56 31.91 27.15
N LEU C 344 3.44 30.61 27.40
CA LEU C 344 2.90 30.10 28.66
C LEU C 344 3.97 29.98 29.75
N LEU C 345 5.01 29.20 29.47
CA LEU C 345 6.00 28.86 30.49
C LEU C 345 7.29 29.69 30.43
N TYR C 346 7.60 30.30 29.29
CA TYR C 346 8.83 31.08 29.17
C TYR C 346 8.58 32.41 28.48
N PRO C 347 7.61 33.18 28.99
CA PRO C 347 7.18 34.40 28.30
C PRO C 347 8.25 35.46 28.16
N GLU C 348 9.27 35.40 29.02
CA GLU C 348 10.38 36.35 28.93
C GLU C 348 11.15 36.14 27.63
N VAL C 349 11.05 34.94 27.07
CA VAL C 349 11.70 34.67 25.78
C VAL C 349 10.86 35.23 24.64
N SER C 350 9.56 34.96 24.69
CA SER C 350 8.61 35.54 23.75
C SER C 350 8.70 37.06 23.71
N GLU C 351 8.91 37.67 24.88
CA GLU C 351 9.08 39.12 24.97
C GLU C 351 10.18 39.59 24.04
N ARG C 352 11.29 38.85 24.03
CA ARG C 352 12.44 39.23 23.25
C ARG C 352 12.33 38.80 21.79
N VAL C 353 11.76 37.62 21.57
CA VAL C 353 11.54 37.09 20.23
C VAL C 353 10.64 37.99 19.39
N THR C 354 9.57 38.49 19.97
CA THR C 354 8.67 39.41 19.26
C THR C 354 9.37 40.70 18.85
N GLN C 355 10.16 41.29 19.75
CA GLN C 355 10.91 42.49 19.36
C GLN C 355 11.90 42.19 18.25
N SER C 356 12.55 41.02 18.34
CA SER C 356 13.54 40.62 17.34
CA SER C 356 13.54 40.65 17.34
C SER C 356 12.91 40.52 15.95
N ILE C 357 11.66 40.11 15.89
CA ILE C 357 10.94 39.99 14.62
C ILE C 357 10.77 41.37 13.99
N ILE C 358 10.34 42.33 14.81
CA ILE C 358 10.23 43.69 14.36
C ILE C 358 11.62 44.27 14.01
N ASN C 359 12.63 43.93 14.80
CA ASN C 359 13.98 44.40 14.47
C ASN C 359 14.36 43.90 13.08
N ALA C 360 14.03 42.66 12.78
CA ALA C 360 14.40 42.09 11.48
C ALA C 360 13.69 42.81 10.34
N TYR C 361 12.40 43.11 10.55
CA TYR C 361 11.62 43.93 9.62
C TYR C 361 12.22 45.31 9.38
N ASN C 362 12.68 45.95 10.47
CA ASN C 362 13.31 47.27 10.37
C ASN C 362 14.64 47.21 9.61
N GLU C 363 15.34 46.08 9.73
CA GLU C 363 16.64 45.91 9.11
C GLU C 363 16.58 45.39 7.67
N SER C 364 15.45 44.82 7.25
CA SER C 364 15.42 44.16 5.94
C SER C 364 14.21 44.56 5.12
N GLY C 365 13.20 45.12 5.77
CA GLY C 365 11.95 45.48 5.07
C GLY C 365 10.88 44.40 5.13
N PHE C 366 11.23 43.23 5.65
CA PHE C 366 10.28 42.12 5.77
C PHE C 366 10.47 41.40 7.08
N MET C 367 9.39 40.86 7.62
CA MET C 367 9.50 39.94 8.74
C MET C 367 10.05 38.60 8.25
N PRO C 368 10.85 37.94 9.09
CA PRO C 368 11.37 36.64 8.69
C PRO C 368 10.28 35.57 8.73
N GLU C 369 10.47 34.52 7.94
CA GLU C 369 9.64 33.36 8.05
C GLU C 369 10.55 32.16 8.39
N TRP C 370 11.49 31.84 7.50
CA TRP C 370 12.59 30.96 7.85
C TRP C 370 13.88 31.81 7.95
N ALA C 371 14.56 31.71 9.08
CA ALA C 371 15.75 32.50 9.30
C ALA C 371 16.91 31.61 9.75
N SER C 372 18.03 31.66 9.04
CA SER C 372 19.21 30.91 9.43
C SER C 372 20.35 31.59 8.71
N PRO C 373 21.17 32.25 9.52
CA PRO C 373 20.76 33.40 10.31
C PRO C 373 19.80 34.47 9.76
N GLY C 374 19.94 34.83 8.49
CA GLY C 374 19.08 35.85 7.90
C GLY C 374 18.04 35.17 7.05
N HIS C 375 17.37 35.93 6.20
CA HIS C 375 16.30 35.37 5.37
C HIS C 375 16.75 34.16 4.59
N ARG C 376 16.00 33.07 4.69
CA ARG C 376 16.24 31.88 3.91
C ARG C 376 14.97 31.46 3.16
N GLY C 377 15.12 31.03 1.91
CA GLY C 377 13.96 30.63 1.12
C GLY C 377 13.52 29.21 1.44
N CYS C 378 12.51 29.08 2.29
CA CYS C 378 12.13 27.77 2.79
C CYS C 378 10.71 27.84 3.32
N MET C 379 9.92 26.85 2.90
CA MET C 379 8.52 26.69 3.27
C MET C 379 7.63 27.84 2.85
N ILE C 380 6.56 28.06 3.61
CA ILE C 380 5.48 28.93 3.18
C ILE C 380 4.80 29.61 4.37
N GLY C 381 3.88 30.50 4.05
CA GLY C 381 3.03 31.11 5.05
C GLY C 381 3.52 32.45 5.58
N ASN C 382 2.69 33.05 6.43
CA ASN C 382 3.02 34.30 7.08
C ASN C 382 2.92 34.10 8.57
N ASN C 383 3.49 33.00 9.04
CA ASN C 383 3.33 32.67 10.44
C ASN C 383 4.14 33.54 11.41
N SER C 384 5.00 34.40 10.86
CA SER C 384 5.54 35.51 11.62
C SER C 384 4.39 36.23 12.28
N VAL C 385 3.28 36.39 11.56
CA VAL C 385 2.13 37.11 12.11
C VAL C 385 1.58 36.42 13.35
N SER C 386 1.51 35.08 13.29
CA SER C 386 0.99 34.27 14.38
C SER C 386 1.76 34.46 15.70
N LEU C 387 3.08 34.42 15.65
CA LEU C 387 3.90 34.68 16.82
C LEU C 387 3.53 36.01 17.47
N LEU C 388 3.50 37.07 16.67
CA LEU C 388 3.23 38.39 17.20
C LEU C 388 1.86 38.47 17.85
N VAL C 389 0.84 38.03 17.10
CA VAL C 389 -0.54 38.10 17.58
C VAL C 389 -0.85 37.16 18.74
N ASP C 390 -0.36 35.92 18.67
CA ASP C 390 -0.58 34.99 19.77
C ASP C 390 -0.02 35.56 21.07
N ALA C 391 1.21 36.07 21.01
CA ALA C 391 1.81 36.72 22.17
C ALA C 391 1.01 37.93 22.61
N TRP C 392 0.60 38.76 21.64
CA TRP C 392 -0.17 39.96 21.95
C TRP C 392 -1.46 39.66 22.68
N MET C 393 -2.24 38.71 22.17
CA MET C 393 -3.52 38.39 22.77
C MET C 393 -3.37 37.67 24.09
N LYS C 394 -2.15 37.30 24.46
CA LYS C 394 -1.90 36.73 25.79
C LYS C 394 -1.27 37.77 26.71
N GLY C 395 -1.21 39.01 26.23
CA GLY C 395 -0.70 40.11 27.06
C GLY C 395 0.81 40.31 27.03
N ILE C 396 1.47 39.65 26.10
CA ILE C 396 2.89 39.87 25.90
C ILE C 396 3.02 40.92 24.83
N GLN C 397 3.37 42.13 25.25
CA GLN C 397 3.30 43.29 24.39
C GLN C 397 4.53 44.16 24.54
N THR C 398 5.60 43.83 23.83
CA THR C 398 6.83 44.56 23.96
C THR C 398 7.16 45.35 22.71
N VAL C 399 6.33 45.23 21.68
CA VAL C 399 6.57 45.99 20.46
C VAL C 399 5.55 47.12 20.26
N ASP C 400 5.95 48.11 19.48
CA ASP C 400 5.08 49.20 19.13
C ASP C 400 3.89 48.67 18.30
N ALA C 401 2.67 48.95 18.74
CA ALA C 401 1.47 48.48 18.06
C ALA C 401 1.34 48.89 16.58
N GLU C 402 1.56 50.18 16.26
CA GLU C 402 1.47 50.68 14.87
C GLU C 402 2.52 50.04 13.97
N LYS C 403 3.74 49.95 14.46
CA LYS C 403 4.81 49.34 13.70
C LYS C 403 4.48 47.86 13.46
N ALA C 404 3.99 47.17 14.48
CA ALA C 404 3.68 45.74 14.29
C ALA C 404 2.61 45.53 13.20
N LEU C 405 1.53 46.32 13.27
CA LEU C 405 0.44 46.23 12.30
C LEU C 405 0.91 46.55 10.88
N GLU C 406 1.72 47.59 10.73
CA GLU C 406 2.33 47.93 9.46
C GLU C 406 3.15 46.74 8.92
N ALA C 407 3.97 46.14 9.78
CA ALA C 407 4.78 44.98 9.38
C ALA C 407 3.92 43.79 8.92
N MET C 408 2.82 43.54 9.63
CA MET C 408 1.92 42.45 9.29
C MET C 408 1.26 42.67 7.93
N ILE C 409 0.71 43.86 7.75
CA ILE C 409 0.00 44.20 6.53
C ILE C 409 0.97 44.15 5.35
N HIS C 410 2.14 44.75 5.52
CA HIS C 410 3.15 44.69 4.48
C HIS C 410 3.52 43.25 4.11
N GLN C 411 3.63 42.39 5.12
CA GLN C 411 3.97 40.99 4.90
C GLN C 411 2.95 40.27 4.01
N THR C 412 1.70 40.77 3.98
CA THR C 412 0.65 40.20 3.14
C THR C 412 0.43 40.99 1.83
N GLN C 413 1.09 42.12 1.68
CA GLN C 413 0.86 42.98 0.51
C GLN C 413 2.11 43.15 -0.35
N ALA C 414 3.13 42.34 -0.09
CA ALA C 414 4.35 42.43 -0.87
C ALA C 414 5.08 41.10 -0.78
N ARG C 415 6.13 40.95 -1.58
CA ARG C 415 6.97 39.78 -1.50
C ARG C 415 8.40 40.14 -1.90
N HIS C 416 9.36 39.52 -1.24
CA HIS C 416 10.76 39.72 -1.56
C HIS C 416 10.98 39.43 -3.04
N ALA C 417 11.84 40.18 -3.70
CA ALA C 417 12.05 40.01 -5.13
C ALA C 417 12.62 38.63 -5.50
N GLU C 418 13.44 38.05 -4.62
CA GLU C 418 14.16 36.82 -4.93
C GLU C 418 13.68 35.61 -4.12
N ILE C 419 13.29 35.85 -2.88
CA ILE C 419 12.98 34.77 -1.97
C ILE C 419 11.47 34.64 -1.83
N ALA C 420 10.91 33.59 -2.41
CA ALA C 420 9.46 33.41 -2.43
C ALA C 420 8.83 33.31 -1.05
N SER C 421 9.55 32.78 -0.07
CA SER C 421 8.99 32.59 1.27
C SER C 421 8.99 33.86 2.12
N VAL C 422 9.58 34.94 1.61
CA VAL C 422 9.64 36.18 2.39
C VAL C 422 8.57 37.18 1.93
N GLY C 423 7.57 37.40 2.78
CA GLY C 423 6.39 38.15 2.38
C GLY C 423 5.33 37.15 1.94
N ARG C 424 4.47 37.53 1.00
CA ARG C 424 3.38 36.62 0.59
C ARG C 424 3.42 36.27 -0.90
N ASP C 425 3.97 35.11 -1.23
CA ASP C 425 4.01 34.66 -2.61
C ASP C 425 2.59 34.59 -3.18
N GLY C 426 2.37 35.25 -4.32
CA GLY C 426 1.09 35.21 -4.99
C GLY C 426 0.01 36.07 -4.36
N PHE C 427 0.41 37.10 -3.60
CA PHE C 427 -0.55 37.98 -2.93
C PHE C 427 -1.54 38.66 -3.89
N GLU C 428 -1.07 39.03 -5.08
CA GLU C 428 -1.93 39.69 -6.06
C GLU C 428 -3.10 38.77 -6.47
N TYR C 429 -2.80 37.55 -6.86
CA TYR C 429 -3.86 36.61 -7.20
C TYR C 429 -4.84 36.44 -6.04
N TYR C 430 -4.28 36.38 -4.84
CA TYR C 430 -5.02 36.03 -3.65
C TYR C 430 -5.99 37.14 -3.27
N ASP C 431 -5.54 38.39 -3.40
CA ASP C 431 -6.40 39.55 -3.12
C ASP C 431 -7.46 39.71 -4.19
N LYS C 432 -7.13 39.31 -5.40
CA LYS C 432 -8.02 39.46 -6.53
C LYS C 432 -8.98 38.27 -6.59
N LEU C 433 -8.48 37.06 -6.45
CA LEU C 433 -9.29 35.86 -6.69
C LEU C 433 -9.96 35.22 -5.47
N GLY C 434 -9.42 35.44 -4.28
CA GLY C 434 -9.91 34.76 -3.09
C GLY C 434 -9.11 33.48 -2.80
N TYR C 435 -8.10 33.22 -3.63
CA TYR C 435 -7.21 32.06 -3.45
C TYR C 435 -5.98 32.25 -4.30
N VAL C 436 -4.94 31.48 -4.03
CA VAL C 436 -3.76 31.44 -4.88
C VAL C 436 -3.96 30.30 -5.89
N PRO C 437 -3.75 30.59 -7.18
CA PRO C 437 -4.00 29.61 -8.24
C PRO C 437 -2.81 28.74 -8.62
N TYR C 438 -3.08 27.51 -9.06
CA TYR C 438 -2.02 26.61 -9.51
C TYR C 438 -2.27 26.03 -10.89
N PRO C 439 -1.42 26.44 -11.84
CA PRO C 439 -0.03 26.06 -11.67
C PRO C 439 0.76 27.38 -11.64
N GLU C 440 0.06 28.51 -11.64
CA GLU C 440 0.71 29.80 -11.72
C GLU C 440 1.67 29.97 -10.56
N VAL C 441 1.26 29.46 -9.40
CA VAL C 441 2.09 29.58 -8.21
C VAL C 441 2.25 28.23 -7.56
N PRO C 442 3.50 27.82 -7.33
CA PRO C 442 3.79 26.53 -6.71
C PRO C 442 3.18 26.45 -5.31
N GLU C 443 2.60 25.30 -4.98
CA GLU C 443 2.10 25.03 -3.62
C GLU C 443 0.99 26.01 -3.26
N ALA C 444 0.26 26.42 -4.29
CA ALA C 444 -0.75 27.47 -4.18
C ALA C 444 -1.86 27.24 -3.14
N THR C 445 -2.32 26.00 -3.02
CA THR C 445 -3.38 25.68 -2.06
C THR C 445 -2.93 25.67 -0.60
N ALA C 446 -1.78 25.09 -0.31
CA ALA C 446 -1.28 25.12 1.05
C ALA C 446 -1.04 26.58 1.44
N LYS C 447 -0.51 27.37 0.50
CA LYS C 447 -0.32 28.79 0.72
C LYS C 447 -1.64 29.49 1.06
N THR C 448 -2.66 29.25 0.25
CA THR C 448 -3.97 29.84 0.45
C THR C 448 -4.44 29.57 1.88
N LEU C 449 -4.34 28.32 2.30
CA LEU C 449 -4.79 27.91 3.61
C LEU C 449 -4.03 28.63 4.71
N GLU C 450 -2.70 28.72 4.56
CA GLU C 450 -1.87 29.45 5.52
C GLU C 450 -2.21 30.95 5.50
N TYR C 451 -2.42 31.53 4.30
CA TYR C 451 -2.71 32.98 4.25
C TYR C 451 -4.02 33.31 4.95
N ALA C 452 -4.99 32.41 4.83
CA ALA C 452 -6.30 32.64 5.43
C ALA C 452 -6.18 32.73 6.94
N TYR C 453 -5.42 31.82 7.52
CA TYR C 453 -5.19 31.86 8.96
C TYR C 453 -4.40 33.13 9.39
N ALA C 454 -3.39 33.51 8.61
CA ALA C 454 -2.62 34.70 8.91
C ALA C 454 -3.51 35.94 8.85
N ASP C 455 -4.45 35.95 7.91
CA ASP C 455 -5.32 37.09 7.73
C ASP C 455 -6.27 37.20 8.91
N TRP C 456 -6.79 36.06 9.35
CA TRP C 456 -7.56 36.00 10.57
C TRP C 456 -6.76 36.56 11.74
N CYS C 457 -5.47 36.21 11.83
CA CYS C 457 -4.63 36.74 12.91
C CYS C 457 -4.53 38.25 12.87
N ILE C 458 -4.30 38.80 11.68
CA ILE C 458 -4.19 40.25 11.54
C ILE C 458 -5.52 40.91 11.95
N ALA C 459 -6.63 40.26 11.63
CA ALA C 459 -7.93 40.82 11.97
C ALA C 459 -8.10 40.91 13.49
N ARG C 460 -7.74 39.83 14.17
CA ARG C 460 -7.79 39.78 15.61
C ARG C 460 -6.97 40.90 16.21
N PHE C 461 -5.77 41.10 15.67
CA PHE C 461 -4.87 42.12 16.18
C PHE C 461 -5.46 43.52 15.98
N ALA C 462 -5.86 43.83 14.74
CA ALA C 462 -6.44 45.15 14.44
C ALA C 462 -7.65 45.42 15.31
N GLU C 463 -8.52 44.42 15.42
CA GLU C 463 -9.72 44.53 16.25
C GLU C 463 -9.40 44.86 17.70
N SER C 464 -8.42 44.18 18.28
CA SER C 464 -8.12 44.48 19.68
C SER C 464 -7.53 45.88 19.86
N LEU C 465 -7.00 46.46 18.79
CA LEU C 465 -6.46 47.82 18.83
C LEU C 465 -7.55 48.86 18.53
N GLY C 466 -8.75 48.40 18.21
CA GLY C 466 -9.85 49.32 17.94
C GLY C 466 -9.92 49.79 16.49
N LYS C 467 -9.15 49.16 15.61
CA LYS C 467 -9.16 49.57 14.20
C LYS C 467 -10.12 48.66 13.43
N GLN C 468 -11.41 48.92 13.59
CA GLN C 468 -12.42 47.95 13.22
C GLN C 468 -12.55 47.77 11.72
N ASP C 469 -12.32 48.84 10.98
CA ASP C 469 -12.44 48.78 9.53
C ASP C 469 -11.36 47.88 8.95
N ILE C 470 -10.15 48.06 9.42
CA ILE C 470 -9.06 47.16 9.05
C ILE C 470 -9.33 45.72 9.46
N ALA C 471 -9.84 45.54 10.68
CA ALA C 471 -10.16 44.21 11.17
C ALA C 471 -11.17 43.56 10.25
N ASP C 472 -12.13 44.35 9.74
CA ASP C 472 -13.19 43.79 8.93
C ASP C 472 -12.67 43.38 7.57
N GLN C 473 -11.75 44.19 7.04
CA GLN C 473 -11.09 43.87 5.77
C GLN C 473 -10.44 42.51 5.86
N TYR C 474 -9.73 42.23 6.96
CA TYR C 474 -9.04 40.95 7.11
C TYR C 474 -9.97 39.81 7.53
N TYR C 475 -11.01 40.10 8.31
CA TYR C 475 -12.03 39.08 8.60
C TYR C 475 -12.71 38.60 7.33
N GLN C 476 -12.79 39.46 6.34
CA GLN C 476 -13.41 39.09 5.08
C GLN C 476 -12.53 38.06 4.36
N LYS C 477 -11.24 38.02 4.69
CA LYS C 477 -10.36 37.03 4.07
C LYS C 477 -10.24 35.73 4.86
N ALA C 478 -10.62 35.76 6.14
CA ALA C 478 -10.46 34.58 7.01
C ALA C 478 -11.11 33.32 6.44
N PRO C 479 -12.24 33.47 5.75
CA PRO C 479 -12.86 32.28 5.20
C PRO C 479 -12.41 31.91 3.78
N ASN C 480 -11.31 32.46 3.31
CA ASN C 480 -10.83 32.10 1.97
C ASN C 480 -10.55 30.60 1.77
N TYR C 481 -10.37 29.85 2.86
CA TYR C 481 -10.21 28.40 2.75
C TYR C 481 -11.39 27.78 2.00
N ARG C 482 -12.54 28.43 2.05
CA ARG C 482 -13.73 27.91 1.40
C ARG C 482 -13.58 27.90 -0.12
N ASN C 483 -12.78 28.82 -0.64
CA ASN C 483 -12.67 28.97 -2.07
C ASN C 483 -11.97 27.80 -2.74
N LEU C 484 -11.35 26.93 -1.94
CA LEU C 484 -10.68 25.79 -2.54
C LEU C 484 -11.25 24.44 -2.11
N TYR C 485 -12.38 24.48 -1.41
CA TYR C 485 -13.04 23.25 -1.03
C TYR C 485 -13.81 22.72 -2.25
N TYR C 486 -13.52 21.47 -2.63
CA TYR C 486 -14.18 20.81 -3.77
C TYR C 486 -15.34 19.98 -3.25
N PRO C 487 -16.58 20.51 -3.33
CA PRO C 487 -17.78 19.92 -2.71
C PRO C 487 -18.07 18.51 -3.23
N GLU C 488 -17.86 18.28 -4.52
CA GLU C 488 -18.07 16.97 -5.09
C GLU C 488 -17.25 15.92 -4.36
N HIS C 489 -15.99 16.24 -4.08
CA HIS C 489 -15.08 15.27 -3.50
C HIS C 489 -14.96 15.34 -2.00
N GLY C 490 -15.29 16.48 -1.40
CA GLY C 490 -15.18 16.62 0.05
C GLY C 490 -13.79 16.88 0.59
N PHE C 491 -12.92 17.45 -0.26
CA PHE C 491 -11.55 17.77 0.12
C PHE C 491 -11.13 19.13 -0.45
N MET C 492 -10.02 19.67 0.04
CA MET C 492 -9.39 20.83 -0.58
C MET C 492 -8.72 20.42 -1.89
N TRP C 493 -8.65 21.33 -2.83
CA TRP C 493 -8.09 21.01 -4.11
C TRP C 493 -7.49 22.31 -4.65
N THR C 494 -7.32 22.40 -5.97
CA THR C 494 -6.69 23.56 -6.56
C THR C 494 -7.45 24.00 -7.81
N LYS C 495 -7.32 25.28 -8.15
CA LYS C 495 -7.92 25.85 -9.34
C LYS C 495 -6.87 26.70 -10.00
N ASP C 496 -6.97 26.87 -11.31
CA ASP C 496 -6.11 27.82 -12.01
C ASP C 496 -6.63 29.26 -11.90
N ALA C 497 -5.96 30.19 -12.55
CA ALA C 497 -6.34 31.60 -12.45
C ALA C 497 -7.72 31.88 -13.06
N LYS C 498 -8.20 30.98 -13.90
CA LYS C 498 -9.48 31.17 -14.57
C LYS C 498 -10.62 30.48 -13.82
N GLY C 499 -10.32 29.89 -12.67
CA GLY C 499 -11.35 29.26 -11.86
C GLY C 499 -11.64 27.79 -12.17
N ASN C 500 -10.81 27.17 -13.01
CA ASN C 500 -10.98 25.75 -13.33
C ASN C 500 -10.32 24.85 -12.28
N TRP C 501 -11.11 23.97 -11.68
CA TRP C 501 -10.54 22.90 -10.87
C TRP C 501 -9.52 22.14 -11.70
N ARG C 502 -8.37 21.79 -11.12
CA ARG C 502 -7.42 20.91 -11.82
C ARG C 502 -8.04 19.52 -12.07
N ASP C 503 -7.65 18.90 -13.19
CA ASP C 503 -8.20 17.62 -13.60
C ASP C 503 -7.77 16.47 -12.67
N ARG C 504 -8.55 15.39 -12.71
CA ARG C 504 -8.23 14.12 -12.03
C ARG C 504 -7.99 14.28 -10.52
N PHE C 505 -9.03 14.69 -9.79
CA PHE C 505 -8.94 14.80 -8.34
C PHE C 505 -8.31 13.55 -7.73
N ASP C 506 -7.38 13.75 -6.80
CA ASP C 506 -6.75 12.65 -6.07
C ASP C 506 -6.38 13.12 -4.65
N ALA C 507 -7.08 12.59 -3.64
CA ALA C 507 -6.88 13.02 -2.26
C ALA C 507 -5.49 12.73 -1.71
N THR C 508 -4.81 11.75 -2.28
CA THR C 508 -3.51 11.32 -1.76
C THR C 508 -2.31 11.79 -2.59
N GLU C 509 -2.56 12.63 -3.60
CA GLU C 509 -1.48 13.11 -4.45
C GLU C 509 -0.66 14.25 -3.84
N TRP C 510 0.63 13.98 -3.61
CA TRP C 510 1.57 14.96 -3.06
C TRP C 510 2.06 15.95 -4.11
N GLY C 511 2.61 17.07 -3.64
CA GLY C 511 3.23 18.05 -4.54
C GLY C 511 2.25 18.98 -5.20
N GLY C 512 2.70 19.65 -6.25
CA GLY C 512 1.84 20.58 -7.00
C GLY C 512 1.31 21.69 -6.12
N PRO C 513 -0.01 21.73 -5.95
CA PRO C 513 -0.64 22.78 -5.15
C PRO C 513 -0.41 22.60 -3.64
N PHE C 514 0.12 21.45 -3.24
CA PHE C 514 0.33 21.13 -1.83
C PHE C 514 1.79 21.08 -1.44
N THR C 515 2.06 21.27 -0.16
CA THR C 515 3.42 21.31 0.39
C THR C 515 3.65 20.18 1.38
N GLU C 516 4.61 19.31 1.12
CA GLU C 516 4.94 18.29 2.10
C GLU C 516 3.68 17.55 2.53
N GLY C 517 2.83 17.17 1.58
CA GLY C 517 1.58 16.52 1.94
C GLY C 517 0.61 16.49 0.78
N SER C 518 -0.58 15.95 1.04
CA SER C 518 -1.64 15.85 0.05
C SER C 518 -2.91 16.50 0.59
N SER C 519 -3.97 16.52 -0.21
CA SER C 519 -5.22 17.10 0.24
C SER C 519 -5.66 16.42 1.54
N TRP C 520 -5.32 15.14 1.64
CA TRP C 520 -5.64 14.33 2.79
C TRP C 520 -5.17 15.01 4.06
N HIS C 521 -4.01 15.66 3.98
CA HIS C 521 -3.46 16.39 5.12
C HIS C 521 -3.96 17.82 5.17
N TRP C 522 -3.86 18.53 4.06
CA TRP C 522 -4.07 19.97 4.07
C TRP C 522 -5.51 20.38 4.28
N THR C 523 -6.43 19.47 3.99
CA THR C 523 -7.85 19.68 4.17
C THR C 523 -8.20 20.09 5.60
N TRP C 524 -7.36 19.71 6.58
CA TRP C 524 -7.63 20.01 7.99
C TRP C 524 -7.00 21.31 8.47
N SER C 525 -6.31 22.00 7.57
CA SER C 525 -5.57 23.19 7.96
C SER C 525 -6.49 24.41 8.03
N VAL C 526 -7.43 24.36 8.97
CA VAL C 526 -8.37 25.45 9.19
C VAL C 526 -8.51 25.64 10.70
N PHE C 527 -7.41 25.99 11.36
CA PHE C 527 -7.37 26.01 12.84
C PHE C 527 -8.24 27.09 13.42
N HIS C 528 -8.39 28.20 12.72
CA HIS C 528 -9.24 29.28 13.20
C HIS C 528 -10.74 29.04 13.01
N ASP C 529 -11.13 28.04 12.23
CA ASP C 529 -12.55 27.84 11.96
C ASP C 529 -12.94 26.37 11.79
N PRO C 530 -12.75 25.55 12.83
CA PRO C 530 -13.16 24.16 12.66
C PRO C 530 -14.65 24.03 12.32
N GLU C 531 -15.48 24.89 12.93
CA GLU C 531 -16.91 24.87 12.69
C GLU C 531 -17.20 25.12 11.21
N GLY C 532 -16.50 26.09 10.62
CA GLY C 532 -16.66 26.38 9.20
C GLY C 532 -16.25 25.23 8.31
N LEU C 533 -15.22 24.50 8.75
CA LEU C 533 -14.78 23.30 8.04
C LEU C 533 -15.87 22.23 8.11
N SER C 534 -16.51 22.08 9.27
CA SER C 534 -17.58 21.09 9.37
C SER C 534 -18.77 21.46 8.49
N GLU C 535 -19.05 22.75 8.37
CA GLU C 535 -20.17 23.18 7.53
C GLU C 535 -19.86 22.87 6.07
N LEU C 536 -18.62 23.07 5.65
CA LEU C 536 -18.26 22.72 4.29
C LEU C 536 -18.51 21.24 4.08
N MET C 537 -18.15 20.45 5.08
CA MET C 537 -18.21 18.99 4.97
C MET C 537 -19.63 18.44 5.13
N GLY C 538 -20.57 19.27 5.55
CA GLY C 538 -21.95 18.81 5.72
C GLY C 538 -22.46 18.73 7.15
N GLY C 539 -21.62 19.07 8.13
CA GLY C 539 -22.03 19.04 9.53
C GLY C 539 -21.02 18.33 10.42
N HIS C 540 -21.30 18.27 11.72
CA HIS C 540 -20.41 17.59 12.65
C HIS C 540 -20.24 16.12 12.29
N GLU C 541 -21.30 15.48 11.83
CA GLU C 541 -21.27 14.05 11.62
C GLU C 541 -20.33 13.62 10.49
N PRO C 542 -20.47 14.22 9.31
CA PRO C 542 -19.53 13.89 8.24
C PRO C 542 -18.07 14.22 8.63
N MET C 543 -17.82 15.38 9.23
CA MET C 543 -16.47 15.68 9.67
C MET C 543 -15.92 14.60 10.61
N ILE C 544 -16.75 14.16 11.56
CA ILE C 544 -16.35 13.10 12.46
C ILE C 544 -15.99 11.83 11.68
N ALA C 545 -16.79 11.51 10.67
CA ALA C 545 -16.52 10.31 9.88
C ALA C 545 -15.24 10.44 9.05
N ARG C 546 -15.04 11.58 8.41
CA ARG C 546 -13.77 11.86 7.71
C ARG C 546 -12.60 11.75 8.70
N LEU C 547 -12.76 12.30 9.90
CA LEU C 547 -11.69 12.23 10.91
C LEU C 547 -11.38 10.81 11.36
N ASP C 548 -12.44 10.01 11.55
CA ASP C 548 -12.27 8.63 11.99
C ASP C 548 -11.50 7.85 10.95
N SER C 549 -11.77 8.17 9.68
CA SER C 549 -11.13 7.43 8.60
C SER C 549 -9.62 7.62 8.56
N MET C 550 -9.12 8.70 9.15
CA MET C 550 -7.69 8.94 9.19
C MET C 550 -6.94 8.03 10.15
N PHE C 551 -7.59 7.60 11.22
CA PHE C 551 -6.92 6.76 12.19
C PHE C 551 -7.36 5.31 12.02
N VAL C 552 -6.95 4.70 10.92
CA VAL C 552 -7.35 3.32 10.61
C VAL C 552 -7.14 2.40 11.82
N ALA C 553 -8.16 1.64 12.17
CA ALA C 553 -8.09 0.72 13.31
C ALA C 553 -7.59 -0.63 12.85
N PRO C 554 -6.88 -1.33 13.74
CA PRO C 554 -6.44 -2.66 13.33
C PRO C 554 -7.61 -3.55 12.93
N ASN C 555 -7.50 -4.25 11.81
CA ASN C 555 -8.49 -5.26 11.43
C ASN C 555 -7.87 -6.65 11.44
N THR C 556 -8.20 -7.45 12.45
CA THR C 556 -7.68 -8.78 12.50
C THR C 556 -8.61 -9.85 11.90
N TYR C 557 -9.75 -9.43 11.35
CA TYR C 557 -10.69 -10.40 10.77
C TYR C 557 -10.97 -11.50 11.78
N ASN C 558 -10.95 -12.76 11.37
CA ASN C 558 -11.20 -13.85 12.32
C ASN C 558 -9.95 -14.45 12.94
N TYR C 559 -8.81 -13.78 12.82
CA TYR C 559 -7.53 -14.36 13.24
C TYR C 559 -7.28 -14.22 14.73
N GLY C 560 -8.16 -13.52 15.42
CA GLY C 560 -8.00 -13.29 16.85
C GLY C 560 -7.60 -14.54 17.60
N THR C 561 -7.96 -15.70 17.06
CA THR C 561 -7.65 -16.95 17.74
C THR C 561 -6.28 -16.83 18.38
N TYR C 562 -5.33 -16.27 17.65
CA TYR C 562 -3.95 -16.18 18.15
C TYR C 562 -3.84 -15.28 19.39
N GLY C 563 -4.90 -14.55 19.72
CA GLY C 563 -4.94 -13.76 20.95
C GLY C 563 -4.49 -12.31 20.82
N PHE C 564 -3.96 -11.76 21.90
CA PHE C 564 -3.46 -10.39 21.88
C PHE C 564 -2.36 -10.25 20.82
N VAL C 565 -1.61 -11.33 20.61
CA VAL C 565 -0.49 -11.30 19.67
C VAL C 565 -0.89 -10.86 18.25
N ILE C 566 -1.99 -11.43 17.74
CA ILE C 566 -2.48 -11.06 16.42
C ILE C 566 -2.92 -9.61 16.45
N HIS C 567 -3.48 -9.21 17.58
CA HIS C 567 -3.98 -7.85 17.76
C HIS C 567 -2.85 -6.81 17.70
N GLU C 568 -1.70 -7.16 18.27
CA GLU C 568 -0.57 -6.25 18.31
C GLU C 568 -0.01 -6.09 16.91
N ILE C 569 0.23 -7.21 16.23
CA ILE C 569 0.81 -7.15 14.90
C ILE C 569 -0.11 -6.37 13.96
N ALA C 570 -1.41 -6.56 14.11
CA ALA C 570 -2.37 -5.88 13.26
C ALA C 570 -2.23 -4.36 13.39
N GLU C 571 -2.00 -3.89 14.62
CA GLU C 571 -1.86 -2.46 14.86
C GLU C 571 -0.61 -1.92 14.19
N MET C 572 0.49 -2.64 14.37
CA MET C 572 1.74 -2.28 13.73
C MET C 572 1.51 -2.08 12.24
N VAL C 573 0.80 -3.01 11.60
CA VAL C 573 0.62 -2.93 10.15
C VAL C 573 -0.20 -1.75 9.71
N ALA C 574 -1.24 -1.41 10.47
CA ALA C 574 -2.07 -0.26 10.10
C ALA C 574 -1.19 0.98 10.05
N LEU C 575 -0.42 1.16 11.12
CA LEU C 575 0.49 2.30 11.24
C LEU C 575 1.43 2.31 10.05
N ASN C 576 2.10 1.19 9.80
CA ASN C 576 3.02 1.14 8.67
C ASN C 576 2.33 1.84 7.52
N MET C 577 1.01 1.62 7.46
CA MET C 577 0.16 2.16 6.42
C MET C 577 0.03 3.69 6.54
N GLY C 578 -0.42 4.15 7.72
CA GLY C 578 -0.52 5.58 8.02
C GLY C 578 -1.52 6.40 7.22
N GLN C 579 -2.81 6.26 7.53
CA GLN C 579 -3.77 7.21 6.99
C GLN C 579 -3.48 8.56 7.65
N TYR C 580 -3.07 8.51 8.92
CA TYR C 580 -2.62 9.69 9.65
C TYR C 580 -1.10 9.72 9.70
N ALA C 581 -0.51 10.81 9.20
CA ALA C 581 0.93 10.96 9.27
C ALA C 581 1.31 11.83 10.46
N HIS C 582 1.54 11.21 11.61
CA HIS C 582 1.94 12.00 12.76
C HIS C 582 3.23 12.74 12.44
N GLY C 583 3.24 14.02 12.77
CA GLY C 583 4.42 14.84 12.54
C GLY C 583 4.27 15.68 11.29
N ASN C 584 3.30 15.33 10.45
CA ASN C 584 3.03 16.14 9.28
C ASN C 584 2.34 17.42 9.74
N GLN C 585 3.00 18.57 9.50
CA GLN C 585 2.62 19.86 10.11
C GLN C 585 1.14 20.24 10.08
N PRO C 586 0.53 20.21 8.90
CA PRO C 586 -0.85 20.59 8.72
C PRO C 586 -1.87 19.68 9.42
N VAL C 587 -1.46 18.52 9.92
CA VAL C 587 -2.40 17.69 10.68
C VAL C 587 -1.97 17.48 12.12
N GLN C 588 -1.01 18.25 12.60
CA GLN C 588 -0.57 18.05 13.98
C GLN C 588 -1.69 18.30 15.00
N HIS C 589 -2.58 19.23 14.68
CA HIS C 589 -3.62 19.64 15.61
C HIS C 589 -4.86 18.77 15.42
N ALA C 590 -4.89 17.94 14.37
CA ALA C 590 -6.13 17.31 13.93
C ALA C 590 -6.84 16.41 14.95
N ILE C 591 -6.08 15.69 15.78
CA ILE C 591 -6.68 14.82 16.79
C ILE C 591 -7.53 15.66 17.78
N TYR C 592 -7.17 16.92 17.95
CA TYR C 592 -7.89 17.79 18.90
C TYR C 592 -9.22 18.31 18.33
N LEU C 593 -9.43 18.13 17.04
CA LEU C 593 -10.65 18.62 16.42
C LEU C 593 -11.93 17.98 16.95
N TYR C 594 -11.86 16.75 17.46
CA TYR C 594 -13.07 16.14 18.00
C TYR C 594 -13.64 16.98 19.15
N ASP C 595 -12.80 17.79 19.81
CA ASP C 595 -13.24 18.65 20.92
C ASP C 595 -14.22 19.72 20.44
N TYR C 596 -14.18 19.99 19.13
CA TYR C 596 -14.94 21.08 18.51
C TYR C 596 -16.25 20.58 17.91
N ILE C 597 -16.43 19.27 17.83
CA ILE C 597 -17.58 18.71 17.12
C ILE C 597 -18.32 17.60 17.88
N GLY C 598 -18.13 17.55 19.20
CA GLY C 598 -19.01 16.75 20.04
C GLY C 598 -18.50 15.45 20.61
N GLN C 599 -17.25 15.08 20.32
CA GLN C 599 -16.75 13.79 20.78
C GLN C 599 -15.34 13.82 21.37
N PRO C 600 -15.17 14.53 22.49
CA PRO C 600 -13.84 14.68 23.07
C PRO C 600 -13.22 13.34 23.47
N TRP C 601 -14.05 12.35 23.80
CA TRP C 601 -13.51 11.04 24.11
C TRP C 601 -12.64 10.48 22.97
N LYS C 602 -12.95 10.84 21.72
CA LYS C 602 -12.10 10.37 20.62
C LYS C 602 -10.72 11.04 20.63
N THR C 603 -10.70 12.33 20.91
CA THR C 603 -9.45 13.03 21.14
C THR C 603 -8.66 12.29 22.21
N GLN C 604 -9.31 12.02 23.34
CA GLN C 604 -8.59 11.42 24.44
C GLN C 604 -7.98 10.08 24.01
N TYR C 605 -8.76 9.27 23.31
CA TYR C 605 -8.28 7.96 22.91
C TYR C 605 -7.10 8.02 21.94
N HIS C 606 -7.25 8.81 20.87
CA HIS C 606 -6.21 8.87 19.84
C HIS C 606 -4.91 9.53 20.31
N LEU C 607 -5.02 10.56 21.15
CA LEU C 607 -3.81 11.19 21.67
C LEU C 607 -3.03 10.19 22.51
N ARG C 608 -3.72 9.48 23.38
CA ARG C 608 -3.02 8.60 24.29
C ARG C 608 -2.37 7.44 23.53
N ASN C 609 -3.07 6.95 22.53
CA ASN C 609 -2.55 5.94 21.63
C ASN C 609 -1.29 6.42 20.93
N VAL C 610 -1.31 7.65 20.41
CA VAL C 610 -0.16 8.19 19.71
C VAL C 610 1.03 8.34 20.64
N MET C 611 0.79 8.86 21.86
CA MET C 611 1.88 9.03 22.81
CA MET C 611 1.84 9.02 22.87
C MET C 611 2.51 7.69 23.20
N ASP C 612 1.71 6.65 23.36
CA ASP C 612 2.23 5.34 23.75
C ASP C 612 2.96 4.64 22.59
N LYS C 613 2.57 4.93 21.36
CA LYS C 613 3.05 4.09 20.26
C LYS C 613 4.09 4.69 19.33
N LEU C 614 4.20 6.01 19.28
CA LEU C 614 5.08 6.64 18.30
C LEU C 614 6.26 7.34 18.95
N TYR C 615 6.43 7.14 20.26
CA TYR C 615 7.45 7.85 20.99
C TYR C 615 8.19 6.96 21.95
N ASN C 616 9.49 7.20 22.07
CA ASN C 616 10.29 6.63 23.15
C ASN C 616 11.55 7.48 23.37
N SER C 617 12.32 7.21 24.41
CA SER C 617 13.44 8.10 24.73
C SER C 617 14.74 7.61 24.08
N GLY C 618 14.64 6.56 23.28
CA GLY C 618 15.82 5.98 22.67
C GLY C 618 16.34 6.75 21.48
N SER C 619 17.38 6.21 20.85
CA SER C 619 18.02 6.85 19.72
C SER C 619 17.08 6.98 18.53
N LYS C 620 16.17 6.02 18.34
CA LYS C 620 15.19 6.18 17.27
C LYS C 620 14.17 7.26 17.59
N GLY C 621 13.62 7.18 18.80
CA GLY C 621 12.90 8.29 19.44
C GLY C 621 11.53 8.64 18.90
N TYR C 622 11.52 9.27 17.74
CA TYR C 622 10.28 9.59 17.09
C TYR C 622 10.08 8.56 15.98
N CYS C 623 9.23 7.56 16.24
CA CYS C 623 9.03 6.43 15.31
C CYS C 623 8.04 6.73 14.20
N GLY C 624 7.28 7.81 14.33
CA GLY C 624 6.39 8.20 13.24
C GLY C 624 7.25 8.28 12.00
N ASP C 625 6.78 7.69 10.90
CA ASP C 625 7.56 7.73 9.67
C ASP C 625 7.82 9.16 9.22
N GLU C 626 6.85 10.04 9.41
CA GLU C 626 7.03 11.44 9.06
C GLU C 626 7.52 12.31 10.22
N ASP C 627 7.82 11.68 11.36
CA ASP C 627 8.32 12.45 12.49
C ASP C 627 9.85 12.36 12.56
N ASN C 628 10.49 13.51 12.44
CA ASN C 628 11.95 13.55 12.55
C ASN C 628 12.42 14.33 13.81
N GLY C 629 11.49 14.56 14.74
CA GLY C 629 11.81 15.29 15.97
C GLY C 629 11.09 16.64 16.09
N GLN C 630 10.44 17.07 15.01
CA GLN C 630 9.69 18.33 15.01
C GLN C 630 8.41 18.22 15.83
N THR C 631 8.12 17.03 16.35
CA THR C 631 6.96 16.87 17.21
C THR C 631 7.23 17.04 18.69
N SER C 632 8.40 17.55 19.05
CA SER C 632 8.76 17.61 20.48
C SER C 632 7.78 18.44 21.29
N ALA C 633 7.45 19.63 20.78
CA ALA C 633 6.56 20.55 21.47
C ALA C 633 5.13 20.01 21.49
N TRP C 634 4.73 19.35 20.42
CA TRP C 634 3.45 18.62 20.41
C TRP C 634 3.37 17.60 21.56
N TYR C 635 4.47 16.91 21.82
CA TYR C 635 4.44 15.88 22.87
C TYR C 635 4.38 16.50 24.27
N VAL C 636 5.16 17.54 24.52
CA VAL C 636 5.12 18.21 25.81
C VAL C 636 3.71 18.71 26.12
N PHE C 637 3.08 19.39 25.16
CA PHE C 637 1.73 19.90 25.41
C PHE C 637 0.75 18.74 25.62
N SER C 638 0.78 17.76 24.73
CA SER C 638 -0.17 16.66 24.83
C SER C 638 -0.01 15.89 26.12
N ALA C 639 1.23 15.69 26.54
CA ALA C 639 1.47 15.03 27.82
C ALA C 639 0.88 15.83 28.97
N MET C 640 0.91 17.16 28.88
CA MET C 640 0.35 17.98 29.95
C MET C 640 -1.17 17.95 29.94
N GLY C 641 -1.78 17.64 28.79
CA GLY C 641 -3.24 17.48 28.70
C GLY C 641 -3.97 18.53 27.88
N PHE C 642 -3.24 19.44 27.23
CA PHE C 642 -3.89 20.48 26.44
C PHE C 642 -2.98 20.99 25.32
N TYR C 643 -3.57 21.63 24.31
CA TYR C 643 -2.82 21.99 23.12
C TYR C 643 -3.38 23.22 22.40
N PRO C 644 -2.49 24.14 21.97
CA PRO C 644 -2.97 25.35 21.31
C PRO C 644 -3.31 25.09 19.84
N VAL C 645 -4.55 24.69 19.59
CA VAL C 645 -4.96 24.40 18.23
C VAL C 645 -4.84 25.63 17.34
N CYS C 646 -5.21 26.79 17.88
CA CYS C 646 -5.24 28.01 17.09
C CYS C 646 -4.52 29.19 17.77
N PRO C 647 -3.19 29.28 17.60
CA PRO C 647 -2.47 30.41 18.16
C PRO C 647 -3.03 31.71 17.62
N GLY C 648 -3.10 32.73 18.47
CA GLY C 648 -3.80 33.97 18.15
C GLY C 648 -5.13 34.02 18.89
N MET C 649 -5.63 32.85 19.29
CA MET C 649 -6.77 32.73 20.19
C MET C 649 -6.21 32.11 21.45
N PRO C 650 -6.29 32.84 22.58
CA PRO C 650 -5.61 32.39 23.79
C PRO C 650 -6.35 31.26 24.54
N GLU C 651 -6.36 30.08 23.94
CA GLU C 651 -7.13 28.92 24.39
C GLU C 651 -6.31 27.69 24.14
N TYR C 652 -6.51 26.66 24.96
CA TYR C 652 -5.86 25.40 24.72
C TYR C 652 -6.90 24.28 24.74
N ALA C 653 -7.05 23.57 23.63
CA ALA C 653 -7.98 22.46 23.58
C ALA C 653 -7.50 21.33 24.49
N ILE C 654 -8.43 20.72 25.20
CA ILE C 654 -8.07 19.68 26.16
C ILE C 654 -8.01 18.29 25.53
N GLY C 655 -6.94 17.57 25.84
CA GLY C 655 -6.79 16.23 25.32
C GLY C 655 -6.90 15.23 26.45
N SER C 656 -5.77 14.63 26.79
CA SER C 656 -5.71 13.70 27.88
C SER C 656 -4.29 13.66 28.43
N PRO C 657 -4.12 13.92 29.73
CA PRO C 657 -2.78 14.02 30.31
C PRO C 657 -2.11 12.64 30.37
N LEU C 658 -0.79 12.63 30.33
CA LEU C 658 -0.03 11.39 30.33
C LEU C 658 0.35 10.95 31.73
N PHE C 659 0.48 11.91 32.63
CA PHE C 659 1.00 11.65 33.96
C PHE C 659 -0.10 11.74 35.03
N LYS C 660 0.20 11.29 36.24
CA LYS C 660 -0.72 11.47 37.34
C LYS C 660 -0.78 12.94 37.76
N LYS C 661 0.30 13.67 37.49
CA LYS C 661 0.30 15.07 37.87
C LYS C 661 1.32 15.87 37.08
N VAL C 662 0.92 17.05 36.61
CA VAL C 662 1.90 18.00 36.12
C VAL C 662 1.65 19.32 36.79
N THR C 663 2.73 19.94 37.28
CA THR C 663 2.62 21.26 37.88
C THR C 663 3.36 22.26 37.00
N LEU C 664 2.64 23.28 36.55
CA LEU C 664 3.24 24.32 35.74
C LEU C 664 3.60 25.50 36.66
N HIS C 665 4.87 25.87 36.68
CA HIS C 665 5.30 27.01 37.49
C HIS C 665 5.33 28.27 36.63
N LEU C 666 4.35 29.13 36.86
CA LEU C 666 4.11 30.27 36.00
C LEU C 666 4.63 31.57 36.62
N PRO C 667 4.64 32.64 35.83
CA PRO C 667 5.12 33.92 36.34
C PRO C 667 4.36 34.37 37.59
N GLU C 668 5.06 35.13 38.43
CA GLU C 668 4.50 35.76 39.62
C GLU C 668 4.07 34.80 40.71
N GLY C 669 4.74 33.65 40.78
CA GLY C 669 4.50 32.66 41.82
C GLY C 669 3.18 31.91 41.69
N LYS C 670 2.54 32.04 40.53
CA LYS C 670 1.34 31.27 40.27
C LYS C 670 1.71 29.87 39.82
N ASN C 671 0.94 28.87 40.23
CA ASN C 671 1.16 27.48 39.80
CA ASN C 671 1.16 27.52 39.72
C ASN C 671 -0.13 26.85 39.32
N PHE C 672 -0.11 26.17 38.18
CA PHE C 672 -1.30 25.46 37.74
C PHE C 672 -1.04 23.97 37.69
N VAL C 673 -1.93 23.19 38.30
CA VAL C 673 -1.78 21.75 38.36
C VAL C 673 -2.81 21.00 37.51
N VAL C 674 -2.36 20.14 36.61
CA VAL C 674 -3.27 19.16 36.02
C VAL C 674 -3.15 17.86 36.82
N SER C 675 -4.20 17.52 37.56
CA SER C 675 -4.17 16.37 38.43
C SER C 675 -5.00 15.24 37.84
N ALA C 676 -4.41 14.06 37.74
CA ALA C 676 -5.13 12.88 37.26
C ALA C 676 -4.72 11.66 38.08
N ALA C 677 -5.13 11.63 39.34
CA ALA C 677 -4.60 10.67 40.31
C ALA C 677 -4.80 9.21 39.93
N ASP C 678 -5.82 8.92 39.14
CA ASP C 678 -6.07 7.53 38.73
C ASP C 678 -5.68 7.25 37.30
N ASN C 679 -4.81 8.10 36.75
CA ASN C 679 -4.32 7.89 35.40
C ASN C 679 -3.58 6.56 35.34
N ALA C 680 -3.70 5.87 34.20
CA ALA C 680 -3.05 4.61 33.98
C ALA C 680 -3.06 4.35 32.48
N ALA C 681 -2.27 3.39 32.03
CA ALA C 681 -2.16 3.13 30.60
C ALA C 681 -3.47 2.68 30.00
N ASP C 682 -4.32 2.06 30.82
CA ASP C 682 -5.61 1.59 30.33
C ASP C 682 -6.73 2.61 30.60
N ARG C 683 -6.36 3.80 31.06
CA ARG C 683 -7.35 4.82 31.41
C ARG C 683 -7.13 6.17 30.74
N PRO C 684 -7.40 6.24 29.43
CA PRO C 684 -7.15 7.48 28.68
C PRO C 684 -8.31 8.47 28.77
N TYR C 685 -9.46 8.02 29.26
CA TYR C 685 -10.68 8.84 29.17
C TYR C 685 -10.90 9.74 30.38
N ILE C 686 -11.35 10.95 30.12
CA ILE C 686 -11.79 11.82 31.20
C ILE C 686 -13.26 11.57 31.55
N ARG C 687 -13.51 10.95 32.70
CA ARG C 687 -14.88 10.73 33.10
C ARG C 687 -15.53 11.99 33.65
N LYS C 688 -14.76 12.80 34.38
CA LYS C 688 -15.32 13.97 35.06
C LYS C 688 -14.17 14.92 35.43
N ALA C 689 -14.46 16.20 35.59
CA ALA C 689 -13.40 17.17 35.82
C ALA C 689 -13.87 18.32 36.71
N LEU C 690 -12.96 18.79 37.57
CA LEU C 690 -13.21 19.97 38.36
C LEU C 690 -12.15 21.02 38.01
N LEU C 691 -12.58 22.24 37.74
CA LEU C 691 -11.66 23.36 37.59
C LEU C 691 -11.80 24.24 38.82
N ASN C 692 -10.76 24.24 39.66
CA ASN C 692 -10.78 24.96 40.93
C ASN C 692 -11.97 24.59 41.79
N GLY C 693 -12.31 23.31 41.82
CA GLY C 693 -13.37 22.82 42.70
C GLY C 693 -14.76 22.87 42.09
N GLN C 694 -14.87 23.43 40.89
CA GLN C 694 -16.17 23.55 40.23
C GLN C 694 -16.26 22.63 39.02
N GLU C 695 -17.38 21.93 38.90
CA GLU C 695 -17.60 21.06 37.77
C GLU C 695 -17.28 21.73 36.44
N PHE C 696 -16.63 20.99 35.55
CA PHE C 696 -16.05 21.57 34.37
C PHE C 696 -16.24 20.62 33.19
N THR C 697 -16.88 21.12 32.14
CA THR C 697 -17.21 20.30 30.99
C THR C 697 -16.75 20.92 29.69
N ARG C 698 -16.09 22.07 29.75
CA ARG C 698 -15.57 22.66 28.53
C ARG C 698 -14.38 21.85 28.03
N ASN C 699 -14.22 21.80 26.72
CA ASN C 699 -13.12 21.07 26.11
C ASN C 699 -11.93 21.99 25.87
N TYR C 700 -11.83 23.06 26.65
CA TYR C 700 -10.66 23.95 26.56
C TYR C 700 -10.46 24.74 27.84
N LEU C 701 -9.22 25.15 28.06
CA LEU C 701 -8.84 26.06 29.13
C LEU C 701 -8.37 27.34 28.47
N THR C 702 -8.67 28.48 29.06
CA THR C 702 -8.17 29.71 28.48
C THR C 702 -6.76 29.96 29.02
N HIS C 703 -5.98 30.77 28.31
CA HIS C 703 -4.69 31.20 28.81
C HIS C 703 -4.84 31.90 30.18
N ASP C 704 -5.84 32.76 30.32
CA ASP C 704 -6.07 33.43 31.60
C ASP C 704 -6.31 32.40 32.71
N GLU C 705 -7.00 31.31 32.40
CA GLU C 705 -7.28 30.29 33.42
C GLU C 705 -6.00 29.63 33.95
N LEU C 706 -5.05 29.41 33.06
CA LEU C 706 -3.77 28.83 33.45
C LEU C 706 -2.92 29.89 34.14
N LYS C 707 -2.85 31.08 33.55
CA LYS C 707 -2.00 32.17 34.07
C LYS C 707 -2.27 32.47 35.54
N GLN C 708 -3.55 32.49 35.93
CA GLN C 708 -3.90 32.89 37.28
C GLN C 708 -3.60 31.79 38.29
N GLY C 709 -3.27 30.61 37.78
CA GLY C 709 -2.93 29.46 38.64
C GLY C 709 -4.17 28.75 39.15
N GLY C 710 -3.96 27.62 39.80
CA GLY C 710 -5.07 26.81 40.27
C GLY C 710 -4.92 25.36 39.89
N GLU C 711 -6.03 24.68 39.62
CA GLU C 711 -5.98 23.26 39.35
C GLU C 711 -7.11 22.73 38.49
N LEU C 712 -6.76 21.84 37.57
CA LEU C 712 -7.73 21.09 36.81
C LEU C 712 -7.63 19.65 37.31
N ASN C 713 -8.67 19.18 37.98
CA ASN C 713 -8.65 17.86 38.59
C ASN C 713 -9.46 16.84 37.79
N LEU C 714 -8.79 15.85 37.23
CA LEU C 714 -9.47 14.93 36.33
C LEU C 714 -9.62 13.55 36.95
N SER C 715 -10.78 12.94 36.70
CA SER C 715 -11.03 11.55 37.06
C SER C 715 -10.93 10.70 35.79
N MET C 716 -9.90 9.85 35.71
CA MET C 716 -9.62 9.10 34.49
C MET C 716 -10.41 7.80 34.50
N ASP C 717 -10.66 7.23 33.33
CA ASP C 717 -11.53 6.05 33.25
C ASP C 717 -11.14 5.19 32.06
N SER C 718 -11.50 3.91 32.10
CA SER C 718 -11.15 3.00 31.02
C SER C 718 -12.23 2.92 29.95
N VAL C 719 -13.35 3.61 30.17
CA VAL C 719 -14.39 3.76 29.15
C VAL C 719 -14.75 5.23 28.95
N PRO C 720 -15.14 5.59 27.73
CA PRO C 720 -15.49 6.98 27.45
C PRO C 720 -16.75 7.43 28.18
N ASN C 721 -16.78 8.70 28.58
CA ASN C 721 -18.01 9.28 29.10
C ASN C 721 -18.64 10.08 27.97
N GLN C 722 -19.63 9.48 27.32
CA GLN C 722 -20.19 10.04 26.09
C GLN C 722 -21.21 11.16 26.36
N GLN C 723 -21.42 11.49 27.62
CA GLN C 723 -22.25 12.65 27.99
C GLN C 723 -21.46 13.93 28.25
N ARG C 724 -20.14 13.82 28.40
CA ARG C 724 -19.35 14.97 28.79
C ARG C 724 -18.79 15.77 27.61
N GLY C 725 -18.97 17.08 27.64
CA GLY C 725 -18.41 17.95 26.62
C GLY C 725 -19.02 17.79 25.23
N THR C 726 -20.32 17.53 25.16
CA THR C 726 -21.00 17.34 23.88
C THR C 726 -21.84 18.54 23.48
N GLN C 727 -21.86 19.57 24.32
CA GLN C 727 -22.72 20.74 24.10
C GLN C 727 -21.96 21.90 23.48
N PRO C 728 -22.66 22.73 22.68
CA PRO C 728 -22.08 23.90 22.03
C PRO C 728 -21.29 24.80 23.00
N ALA C 729 -21.76 24.92 24.23
CA ALA C 729 -21.05 25.74 25.21
C ALA C 729 -19.67 25.18 25.56
N ASP C 730 -19.52 23.87 25.38
CA ASP C 730 -18.26 23.18 25.69
C ASP C 730 -17.17 23.32 24.63
N PHE C 731 -17.54 23.73 23.42
CA PHE C 731 -16.60 23.73 22.29
C PHE C 731 -15.74 24.98 22.28
N PRO C 732 -14.48 24.85 21.85
CA PRO C 732 -13.60 26.01 21.72
C PRO C 732 -13.97 26.84 20.50
N TYR C 733 -13.17 27.87 20.23
CA TYR C 733 -13.49 28.89 19.26
C TYR C 733 -13.47 28.46 17.79
N SER C 734 -14.36 29.06 17.00
CA SER C 734 -14.28 29.00 15.57
C SER C 734 -14.75 30.33 15.03
N TYR C 735 -14.13 30.81 13.96
CA TYR C 735 -14.56 32.03 13.33
C TYR C 735 -16.07 32.03 13.03
N SER C 736 -16.64 30.90 12.65
CA SER C 736 -18.02 30.89 12.17
CA SER C 736 -18.02 30.86 12.16
C SER C 736 -19.11 30.61 13.23
N LYS C 737 -18.71 30.26 14.45
CA LYS C 737 -19.75 30.00 15.47
C LYS C 737 -20.75 31.16 15.62
#